data_3WLF
#
_entry.id   3WLF
#
_cell.length_a   93.493
_cell.length_b   103.722
_cell.length_c   141.941
_cell.angle_alpha   90.00
_cell.angle_beta   90.00
_cell.angle_gamma   90.00
#
_symmetry.space_group_name_H-M   'P 21 21 21'
#
loop_
_entity.id
_entity.type
_entity.pdbx_description
1 polymer '(R)-specific carbonyl reductase'
2 non-polymer (1R)-1-phenylethane-1,2-diol
3 non-polymer 'ZINC ION'
4 water water
#
_entity_poly.entity_id   1
_entity_poly.type   'polypeptide(L)'
_entity_poly.pdbx_seq_one_letter_code
;AGAGAMSIPSSQYGFVFNKQSGLKLRNDLPVHKPKAGQLLLKVDAVGLCHSDLHVIYEGLDCGDNYVMGHEIAGTVAAVG
DDVINYKVGDRVACVGPNGCGGCKYCRGAIDNVCKNAFGDWFGLGYDGGYQQYLLVTRPRNLSRIPDNVSADVAAASTDA
VLTPYHAIKMAQVSPTSNILLIGAGGLGGNAIQVAKAFGAKVTVLDKKKEARDQAKKLGADAVYETLPESISPGSFSACF
DFVSVQATFDVCQKYVEPKGVIMPVGLGAPNLSFNLGDLALREIRILGSFWGTTNDLDDVLKLVSEGKVKPVVRSAKLKE
LPEYIEKLRNNAYEGRVVFNP
;
_entity_poly.pdbx_strand_id   A,B,C,D
#
# COMPACT_ATOMS: atom_id res chain seq x y z
N SER A 7 -15.28 42.30 24.30
CA SER A 7 -13.84 41.92 24.38
C SER A 7 -13.17 41.95 23.01
N ILE A 8 -13.63 41.08 22.11
CA ILE A 8 -13.08 41.00 20.76
C ILE A 8 -13.01 42.38 20.09
N PRO A 9 -11.79 42.91 19.94
CA PRO A 9 -11.55 44.22 19.32
C PRO A 9 -12.04 44.31 17.87
N SER A 10 -11.95 45.50 17.30
CA SER A 10 -12.36 45.74 15.93
C SER A 10 -11.10 46.08 15.13
N SER A 11 -10.02 46.32 15.86
CA SER A 11 -8.73 46.66 15.26
C SER A 11 -7.65 45.85 15.97
N GLN A 12 -6.53 45.63 15.30
CA GLN A 12 -5.44 44.87 15.88
C GLN A 12 -4.12 45.24 15.22
N TYR A 13 -3.02 44.74 15.77
CA TYR A 13 -1.72 45.01 15.19
C TYR A 13 -1.18 43.71 14.60
N GLY A 14 -0.31 43.82 13.60
CA GLY A 14 0.27 42.65 12.98
C GLY A 14 1.32 43.03 11.96
N PHE A 15 2.10 42.05 11.53
CA PHE A 15 3.16 42.30 10.55
C PHE A 15 2.73 41.85 9.16
N VAL A 16 2.49 42.81 8.29
CA VAL A 16 2.07 42.54 6.92
C VAL A 16 3.24 42.65 5.95
N PHE A 17 3.41 41.64 5.11
CA PHE A 17 4.49 41.64 4.13
C PHE A 17 4.03 42.27 2.83
N ASN A 18 4.92 43.04 2.21
CA ASN A 18 4.62 43.71 0.95
C ASN A 18 5.90 43.81 0.14
N LYS A 19 5.84 43.45 -1.14
CA LYS A 19 6.99 43.50 -2.01
C LYS A 19 7.73 44.84 -1.99
N GLN A 20 7.06 45.88 -1.51
CA GLN A 20 7.66 47.21 -1.45
C GLN A 20 8.37 47.46 -0.12
N SER A 21 7.61 47.87 0.88
CA SER A 21 8.15 48.18 2.20
C SER A 21 8.59 46.94 2.98
N GLY A 22 8.38 45.76 2.39
CA GLY A 22 8.77 44.54 3.06
C GLY A 22 7.82 44.18 4.20
N LEU A 23 8.37 43.76 5.33
CA LEU A 23 7.56 43.39 6.48
C LEU A 23 7.55 44.52 7.51
N LYS A 24 6.38 45.12 7.71
CA LYS A 24 6.24 46.20 8.68
C LYS A 24 5.04 46.03 9.59
N LEU A 25 5.13 46.63 10.78
CA LEU A 25 4.07 46.57 11.77
C LEU A 25 2.88 47.44 11.37
N ARG A 26 1.68 46.94 11.65
CA ARG A 26 0.45 47.64 11.34
C ARG A 26 -0.43 47.65 12.59
N ASN A 27 -0.70 48.84 13.13
CA ASN A 27 -1.51 48.96 14.33
C ASN A 27 -2.97 49.27 14.03
N ASP A 28 -3.32 49.30 12.75
CA ASP A 28 -4.70 49.59 12.36
C ASP A 28 -5.31 48.50 11.48
N LEU A 29 -4.95 47.25 11.75
CA LEU A 29 -5.48 46.13 10.99
C LEU A 29 -6.88 45.77 11.50
N PRO A 30 -7.79 45.42 10.59
CA PRO A 30 -9.16 45.06 10.96
C PRO A 30 -9.28 43.64 11.54
N VAL A 31 -10.36 43.40 12.28
CA VAL A 31 -10.63 42.10 12.87
C VAL A 31 -11.85 41.54 12.16
N HIS A 32 -11.62 40.83 11.07
CA HIS A 32 -12.71 40.27 10.27
C HIS A 32 -13.69 39.40 11.03
N LYS A 33 -14.97 39.57 10.70
CA LYS A 33 -16.04 38.78 11.33
C LYS A 33 -16.23 37.57 10.43
N PRO A 34 -16.15 36.36 10.99
CA PRO A 34 -16.32 35.13 10.20
C PRO A 34 -17.66 34.97 9.49
N LYS A 35 -17.61 34.51 8.24
CA LYS A 35 -18.83 34.27 7.47
C LYS A 35 -19.32 32.88 7.84
N ALA A 36 -20.46 32.49 7.29
CA ALA A 36 -21.00 31.17 7.58
C ALA A 36 -20.03 30.15 7.00
N GLY A 37 -19.37 29.40 7.88
CA GLY A 37 -18.42 28.41 7.42
C GLY A 37 -17.00 28.77 7.77
N GLN A 38 -16.80 30.00 8.25
CA GLN A 38 -15.48 30.48 8.62
C GLN A 38 -15.32 30.54 10.13
N LEU A 39 -14.10 30.81 10.58
CA LEU A 39 -13.79 30.88 12.00
C LEU A 39 -12.70 31.91 12.28
N LEU A 40 -12.82 32.61 13.41
CA LEU A 40 -11.84 33.61 13.81
C LEU A 40 -10.97 33.03 14.91
N LEU A 41 -9.66 32.97 14.66
CA LEU A 41 -8.72 32.40 15.62
C LEU A 41 -7.87 33.44 16.34
N LYS A 42 -7.91 33.41 17.66
CA LYS A 42 -7.11 34.31 18.48
C LYS A 42 -5.74 33.66 18.63
N VAL A 43 -4.73 34.22 17.95
CA VAL A 43 -3.38 33.68 18.00
C VAL A 43 -2.75 33.76 19.38
N ASP A 44 -2.18 32.64 19.83
CA ASP A 44 -1.51 32.58 21.13
C ASP A 44 -0.01 32.48 20.91
N ALA A 45 0.39 31.65 19.96
CA ALA A 45 1.81 31.44 19.67
C ALA A 45 2.05 31.30 18.17
N VAL A 46 3.03 32.04 17.65
CA VAL A 46 3.37 32.00 16.24
C VAL A 46 4.89 31.83 16.09
N GLY A 47 5.31 30.81 15.35
CA GLY A 47 6.73 30.56 15.17
C GLY A 47 7.42 31.28 14.02
N LEU A 48 8.75 31.20 14.03
CA LEU A 48 9.59 31.83 13.01
C LEU A 48 10.67 30.84 12.55
N CYS A 49 10.97 30.85 11.25
CA CYS A 49 11.99 29.96 10.70
C CYS A 49 12.53 30.52 9.37
N HIS A 50 13.62 29.94 8.89
CA HIS A 50 14.25 30.36 7.66
C HIS A 50 13.32 30.57 6.47
N SER A 51 12.25 29.78 6.40
CA SER A 51 11.30 29.89 5.30
C SER A 51 10.79 31.32 5.13
N ASP A 52 10.59 32.02 6.24
CA ASP A 52 10.12 33.40 6.19
C ASP A 52 11.18 34.31 5.61
N LEU A 53 12.45 33.98 5.89
CA LEU A 53 13.57 34.77 5.38
C LEU A 53 13.61 34.74 3.87
N HIS A 54 13.25 33.60 3.28
CA HIS A 54 13.26 33.45 1.83
C HIS A 54 12.32 34.47 1.18
N VAL A 55 11.13 34.60 1.76
CA VAL A 55 10.12 35.53 1.24
C VAL A 55 10.51 36.99 1.45
N ILE A 56 11.11 37.29 2.59
CA ILE A 56 11.48 38.65 2.91
C ILE A 56 12.82 39.12 2.34
N TYR A 57 13.69 38.19 1.97
CA TYR A 57 14.99 38.59 1.44
C TYR A 57 15.49 37.80 0.22
N GLU A 58 15.04 36.55 0.08
CA GLU A 58 15.48 35.71 -1.03
C GLU A 58 14.54 35.69 -2.22
N GLY A 59 13.75 36.75 -2.36
CA GLY A 59 12.81 36.86 -3.47
C GLY A 59 11.78 35.77 -3.66
N LEU A 60 11.61 34.89 -2.68
CA LEU A 60 10.62 33.82 -2.79
C LEU A 60 9.22 34.44 -2.80
N ASP A 61 8.56 34.42 -3.95
CA ASP A 61 7.23 34.99 -4.09
C ASP A 61 6.12 34.00 -3.79
N CYS A 62 5.38 34.25 -2.70
CA CYS A 62 4.26 33.41 -2.32
C CYS A 62 2.97 34.22 -2.36
N GLY A 63 3.08 35.43 -2.91
CA GLY A 63 1.93 36.31 -3.02
C GLY A 63 2.33 37.73 -2.64
N ASP A 64 1.38 38.50 -2.15
CA ASP A 64 1.69 39.88 -1.76
C ASP A 64 0.63 40.45 -0.82
N ASN A 65 1.08 41.35 0.05
CA ASN A 65 0.20 42.00 1.01
C ASN A 65 -0.56 40.99 1.86
N TYR A 66 0.12 40.46 2.87
CA TYR A 66 -0.48 39.48 3.78
C TYR A 66 0.33 39.35 5.06
N VAL A 67 -0.35 39.11 6.17
CA VAL A 67 0.30 38.95 7.46
C VAL A 67 1.10 37.64 7.38
N MET A 68 2.37 37.68 7.78
CA MET A 68 3.19 36.48 7.74
C MET A 68 3.08 35.63 9.01
N GLY A 69 3.83 34.53 9.03
CA GLY A 69 3.78 33.63 10.16
C GLY A 69 2.99 32.39 9.78
N HIS A 70 3.68 31.31 9.44
CA HIS A 70 3.04 30.07 9.01
C HIS A 70 2.98 28.98 10.07
N GLU A 71 3.43 29.31 11.28
CA GLU A 71 3.43 28.35 12.39
C GLU A 71 2.45 28.86 13.45
N ILE A 72 1.16 28.71 13.16
CA ILE A 72 0.12 29.19 14.04
C ILE A 72 -0.39 28.21 15.10
N ALA A 73 -0.86 28.78 16.20
CA ALA A 73 -1.41 28.03 17.33
C ALA A 73 -2.24 29.03 18.12
N GLY A 74 -3.50 28.71 18.35
CA GLY A 74 -4.35 29.62 19.09
C GLY A 74 -5.67 29.06 19.57
N THR A 75 -6.54 29.94 20.04
CA THR A 75 -7.85 29.55 20.55
C THR A 75 -8.96 30.20 19.73
N VAL A 76 -9.95 29.41 19.34
CA VAL A 76 -11.07 29.91 18.55
C VAL A 76 -11.83 30.99 19.31
N ALA A 77 -11.87 32.19 18.73
CA ALA A 77 -12.55 33.33 19.35
C ALA A 77 -14.00 33.43 18.90
N ALA A 78 -14.24 33.16 17.62
CA ALA A 78 -15.59 33.23 17.08
C ALA A 78 -15.79 32.27 15.92
N VAL A 79 -16.98 31.68 15.84
CA VAL A 79 -17.30 30.74 14.77
C VAL A 79 -18.57 31.19 14.05
N GLY A 80 -18.56 31.14 12.74
CA GLY A 80 -19.74 31.53 11.97
C GLY A 80 -20.75 30.42 12.02
N ASP A 81 -21.99 30.71 11.64
CA ASP A 81 -23.03 29.69 11.64
C ASP A 81 -22.58 28.59 10.67
N ASP A 82 -23.21 27.42 10.78
CA ASP A 82 -22.88 26.29 9.93
C ASP A 82 -21.58 25.61 10.39
N VAL A 83 -20.79 26.32 11.18
CA VAL A 83 -19.56 25.77 11.72
C VAL A 83 -19.91 25.01 12.99
N ILE A 84 -19.98 23.69 12.88
CA ILE A 84 -20.35 22.86 14.03
C ILE A 84 -19.23 21.95 14.52
N ASN A 85 -18.14 21.84 13.76
CA ASN A 85 -17.02 21.00 14.15
C ASN A 85 -16.09 21.70 15.14
N TYR A 86 -16.31 22.99 15.33
CA TYR A 86 -15.49 23.78 16.24
C TYR A 86 -16.36 24.76 17.01
N LYS A 87 -15.93 25.11 18.22
CA LYS A 87 -16.68 26.04 19.06
C LYS A 87 -15.73 26.92 19.86
N VAL A 88 -16.19 28.12 20.19
CA VAL A 88 -15.39 29.07 20.96
C VAL A 88 -14.68 28.39 22.11
N GLY A 89 -13.40 28.70 22.28
CA GLY A 89 -12.63 28.09 23.35
C GLY A 89 -11.75 26.96 22.88
N ASP A 90 -12.10 26.33 21.76
CA ASP A 90 -11.30 25.23 21.24
C ASP A 90 -9.91 25.68 20.84
N ARG A 91 -8.91 24.93 21.28
CA ARG A 91 -7.52 25.23 20.97
C ARG A 91 -7.13 24.40 19.75
N VAL A 92 -6.57 25.07 18.74
CA VAL A 92 -6.18 24.38 17.51
C VAL A 92 -4.92 24.96 16.89
N ALA A 93 -4.29 24.18 16.01
CA ALA A 93 -3.08 24.59 15.30
C ALA A 93 -3.39 24.59 13.80
N CYS A 94 -2.88 25.58 13.09
CA CYS A 94 -3.13 25.71 11.66
C CYS A 94 -2.24 24.83 10.79
N VAL A 95 -2.83 24.32 9.70
CA VAL A 95 -2.11 23.48 8.75
C VAL A 95 -1.63 24.38 7.61
N GLY A 96 -0.35 24.73 7.66
CA GLY A 96 0.26 25.60 6.66
C GLY A 96 -0.28 25.61 5.24
N PRO A 97 -0.12 24.50 4.49
CA PRO A 97 -0.60 24.40 3.10
C PRO A 97 -2.00 24.92 2.87
N ASN A 98 -2.83 24.89 3.91
CA ASN A 98 -4.21 25.40 3.82
C ASN A 98 -4.91 25.00 2.53
N GLY A 99 -4.97 23.69 2.25
CA GLY A 99 -5.60 23.20 1.04
C GLY A 99 -7.05 23.62 0.83
N CYS A 100 -7.45 23.70 -0.44
CA CYS A 100 -8.82 24.10 -0.79
C CYS A 100 -9.84 23.11 -0.25
N GLY A 101 -9.43 21.84 -0.14
CA GLY A 101 -10.32 20.81 0.37
C GLY A 101 -11.34 20.31 -0.63
N GLY A 102 -11.22 20.72 -1.88
CA GLY A 102 -12.18 20.30 -2.88
C GLY A 102 -11.62 19.52 -4.07
N CYS A 103 -10.36 19.78 -4.43
CA CYS A 103 -9.74 19.10 -5.55
C CYS A 103 -9.47 17.63 -5.25
N LYS A 104 -8.95 16.91 -6.25
CA LYS A 104 -8.65 15.49 -6.07
C LYS A 104 -7.49 15.27 -5.12
N TYR A 105 -6.56 16.23 -5.07
CA TYR A 105 -5.41 16.15 -4.19
C TYR A 105 -5.91 16.21 -2.76
N CYS A 106 -6.66 17.25 -2.43
CA CYS A 106 -7.25 17.34 -1.10
C CYS A 106 -8.28 16.23 -1.24
N ARG A 107 -8.85 15.74 -0.14
CA ARG A 107 -9.85 14.69 -0.27
C ARG A 107 -9.18 13.39 -0.71
N GLY A 108 -7.98 13.51 -1.26
CA GLY A 108 -7.23 12.35 -1.71
C GLY A 108 -6.16 12.03 -0.67
N ALA A 109 -6.29 12.68 0.48
CA ALA A 109 -5.36 12.51 1.60
C ALA A 109 -4.04 13.26 1.43
N ILE A 110 -3.93 14.07 0.38
CA ILE A 110 -2.71 14.82 0.14
C ILE A 110 -2.99 16.30 -0.09
N ASP A 111 -3.61 16.93 0.90
CA ASP A 111 -3.96 18.35 0.81
C ASP A 111 -2.74 19.27 0.87
N ASN A 112 -1.55 18.69 1.05
CA ASN A 112 -0.33 19.49 1.13
C ASN A 112 0.20 19.90 -0.24
N VAL A 113 -0.27 19.23 -1.29
CA VAL A 113 0.17 19.56 -2.65
C VAL A 113 -1.00 20.10 -3.48
N CYS A 114 -1.94 20.74 -2.81
CA CYS A 114 -3.11 21.30 -3.47
C CYS A 114 -2.73 22.44 -4.41
N LYS A 115 -3.10 22.31 -5.68
CA LYS A 115 -2.79 23.33 -6.67
C LYS A 115 -3.55 24.64 -6.46
N ASN A 116 -4.82 24.54 -6.03
CA ASN A 116 -5.63 25.74 -5.80
C ASN A 116 -5.16 26.54 -4.59
N ALA A 117 -4.66 25.86 -3.58
CA ALA A 117 -4.18 26.52 -2.37
C ALA A 117 -2.83 27.21 -2.58
N PHE A 118 -2.26 27.01 -3.76
CA PHE A 118 -0.97 27.62 -4.08
C PHE A 118 -1.10 29.14 -4.00
N GLY A 119 -0.25 29.75 -3.18
CA GLY A 119 -0.28 31.19 -3.01
C GLY A 119 -1.32 31.59 -1.98
N ASP A 120 -1.87 30.60 -1.28
CA ASP A 120 -2.89 30.85 -0.27
C ASP A 120 -2.55 30.16 1.05
N TRP A 121 -1.28 29.83 1.25
CA TRP A 121 -0.85 29.19 2.49
C TRP A 121 -0.87 30.18 3.64
N PHE A 122 -1.01 29.67 4.86
CA PHE A 122 -1.04 30.51 6.04
C PHE A 122 0.29 31.25 6.20
N GLY A 123 0.22 32.58 6.30
CA GLY A 123 1.43 33.38 6.47
C GLY A 123 2.34 33.37 5.25
N LEU A 124 1.95 32.64 4.21
CA LEU A 124 2.74 32.57 2.98
C LEU A 124 1.83 32.65 1.77
N GLY A 125 1.16 33.80 1.62
CA GLY A 125 0.24 33.99 0.52
C GLY A 125 -1.06 34.49 1.10
N TYR A 126 -1.47 33.86 2.19
CA TYR A 126 -2.70 34.24 2.89
C TYR A 126 -2.25 34.72 4.27
N ASP A 127 -3.08 35.52 4.92
CA ASP A 127 -2.74 36.05 6.25
C ASP A 127 -2.29 34.95 7.20
N GLY A 128 -1.40 35.28 8.11
CA GLY A 128 -0.87 34.29 9.05
C GLY A 128 -1.09 34.58 10.52
N GLY A 129 -0.10 34.20 11.33
CA GLY A 129 -0.19 34.39 12.77
C GLY A 129 0.49 35.60 13.37
N TYR A 130 1.27 36.33 12.58
CA TYR A 130 1.94 37.52 13.11
C TYR A 130 0.92 38.64 13.32
N GLN A 131 -0.18 38.30 13.99
CA GLN A 131 -1.25 39.22 14.29
C GLN A 131 -2.01 38.69 15.50
N GLN A 132 -3.00 39.43 15.97
CA GLN A 132 -3.78 39.02 17.13
C GLN A 132 -4.96 38.10 16.81
N TYR A 133 -5.64 38.36 15.71
CA TYR A 133 -6.80 37.55 15.32
C TYR A 133 -6.73 37.15 13.85
N LEU A 134 -6.65 35.84 13.62
CA LEU A 134 -6.55 35.30 12.27
C LEU A 134 -7.88 34.73 11.78
N LEU A 135 -8.24 35.10 10.55
CA LEU A 135 -9.49 34.61 9.95
C LEU A 135 -9.20 33.31 9.22
N VAL A 136 -9.81 32.22 9.70
CA VAL A 136 -9.61 30.91 9.07
C VAL A 136 -10.75 30.65 8.09
N THR A 137 -10.49 30.87 6.81
CA THR A 137 -11.48 30.68 5.76
C THR A 137 -11.90 29.23 5.58
N ARG A 138 -11.07 28.29 6.05
CA ARG A 138 -11.38 26.87 5.91
C ARG A 138 -10.96 26.07 7.14
N PRO A 139 -11.85 26.01 8.16
CA PRO A 139 -11.62 25.30 9.42
C PRO A 139 -11.08 23.88 9.22
N ARG A 140 -11.22 23.36 8.01
CA ARG A 140 -10.74 22.04 7.68
C ARG A 140 -9.25 21.88 7.96
N ASN A 141 -8.50 22.95 7.75
CA ASN A 141 -7.05 22.91 7.95
C ASN A 141 -6.62 23.33 9.36
N LEU A 142 -7.18 22.65 10.34
CA LEU A 142 -6.89 22.91 11.74
C LEU A 142 -6.74 21.57 12.46
N SER A 143 -5.98 21.56 13.56
CA SER A 143 -5.77 20.36 14.34
C SER A 143 -5.93 20.68 15.82
N ARG A 144 -6.78 19.93 16.51
CA ARG A 144 -7.01 20.15 17.92
C ARG A 144 -5.73 19.94 18.71
N ILE A 145 -5.44 20.88 19.62
CA ILE A 145 -4.24 20.78 20.45
C ILE A 145 -4.60 20.12 21.77
N PRO A 146 -3.94 19.00 22.10
CA PRO A 146 -4.22 18.31 23.37
C PRO A 146 -4.07 19.28 24.54
N ASP A 147 -4.82 19.02 25.61
CA ASP A 147 -4.78 19.88 26.80
C ASP A 147 -3.39 20.01 27.42
N ASN A 148 -2.64 18.91 27.44
CA ASN A 148 -1.30 18.92 28.04
C ASN A 148 -0.24 19.52 27.12
N VAL A 149 -0.65 19.99 25.95
CA VAL A 149 0.27 20.59 25.00
C VAL A 149 0.05 22.10 24.92
N SER A 150 1.03 22.86 25.36
CA SER A 150 0.94 24.33 25.36
C SER A 150 0.89 24.91 23.95
N ALA A 151 0.49 26.18 23.87
CA ALA A 151 0.40 26.87 22.60
C ALA A 151 1.78 27.06 21.97
N ASP A 152 2.78 27.32 22.80
CA ASP A 152 4.14 27.52 22.31
C ASP A 152 4.69 26.25 21.66
N VAL A 153 4.44 25.11 22.31
CA VAL A 153 4.92 23.84 21.78
C VAL A 153 4.16 23.48 20.49
N ALA A 154 2.83 23.57 20.55
CA ALA A 154 2.00 23.25 19.40
C ALA A 154 2.49 24.02 18.17
N ALA A 155 2.62 25.33 18.31
CA ALA A 155 3.10 26.16 17.21
C ALA A 155 4.45 25.68 16.71
N ALA A 156 5.32 25.32 17.65
CA ALA A 156 6.65 24.86 17.29
C ALA A 156 6.63 23.48 16.60
N SER A 157 5.45 22.88 16.53
CA SER A 157 5.31 21.57 15.91
C SER A 157 4.67 21.65 14.53
N THR A 158 3.99 22.77 14.27
CA THR A 158 3.31 22.97 12.99
C THR A 158 4.23 22.88 11.78
N ASP A 159 5.54 22.94 12.00
CA ASP A 159 6.48 22.87 10.89
C ASP A 159 7.76 22.12 11.25
N ALA A 160 8.39 22.50 12.36
CA ALA A 160 9.62 21.85 12.79
C ALA A 160 9.44 20.36 13.06
N VAL A 161 8.21 19.95 13.32
CA VAL A 161 7.93 18.54 13.59
C VAL A 161 7.11 17.93 12.47
N LEU A 162 6.09 18.66 12.03
CA LEU A 162 5.20 18.21 10.97
C LEU A 162 5.94 17.81 9.69
N THR A 163 6.87 18.64 9.25
CA THR A 163 7.61 18.36 8.04
C THR A 163 8.42 17.06 8.13
N PRO A 164 9.32 16.94 9.11
CA PRO A 164 10.09 15.71 9.22
C PRO A 164 9.20 14.48 9.44
N TYR A 165 8.12 14.66 10.20
CA TYR A 165 7.21 13.55 10.46
C TYR A 165 6.63 13.04 9.14
N HIS A 166 6.11 13.95 8.33
CA HIS A 166 5.52 13.60 7.05
C HIS A 166 6.50 12.75 6.23
N ALA A 167 7.73 13.23 6.12
CA ALA A 167 8.76 12.53 5.37
C ALA A 167 9.01 11.14 5.94
N ILE A 168 9.17 11.06 7.26
CA ILE A 168 9.42 9.78 7.93
C ILE A 168 8.31 8.78 7.64
N LYS A 169 7.06 9.22 7.73
CA LYS A 169 5.92 8.34 7.48
C LYS A 169 5.86 7.94 6.02
N MET A 170 6.18 8.87 5.13
CA MET A 170 6.16 8.60 3.70
C MET A 170 7.12 7.47 3.38
N ALA A 171 8.21 7.40 4.12
CA ALA A 171 9.22 6.36 3.92
C ALA A 171 8.79 5.04 4.53
N GLN A 172 7.65 5.06 5.21
CA GLN A 172 7.11 3.87 5.86
C GLN A 172 8.12 3.23 6.80
N VAL A 173 8.63 4.04 7.72
CA VAL A 173 9.61 3.58 8.70
C VAL A 173 8.91 2.68 9.72
N SER A 174 9.61 1.65 10.19
CA SER A 174 9.04 0.72 11.16
C SER A 174 10.10 0.29 12.18
N PRO A 175 9.70 -0.51 13.18
CA PRO A 175 10.64 -0.97 14.21
C PRO A 175 11.82 -1.75 13.61
N THR A 176 11.67 -2.19 12.37
CA THR A 176 12.71 -2.96 11.70
C THR A 176 13.53 -2.12 10.72
N SER A 177 13.20 -0.83 10.62
CA SER A 177 13.89 0.07 9.72
C SER A 177 15.32 0.36 10.16
N ASN A 178 16.21 0.50 9.18
CA ASN A 178 17.62 0.80 9.42
C ASN A 178 17.88 2.03 8.56
N ILE A 179 17.70 3.22 9.14
CA ILE A 179 17.87 4.46 8.38
C ILE A 179 19.12 5.27 8.68
N LEU A 180 19.44 6.15 7.73
CA LEU A 180 20.59 7.04 7.82
C LEU A 180 20.10 8.47 7.67
N LEU A 181 20.59 9.35 8.55
CA LEU A 181 20.21 10.76 8.51
C LEU A 181 21.46 11.60 8.27
N ILE A 182 21.41 12.45 7.25
CA ILE A 182 22.53 13.32 6.91
C ILE A 182 22.33 14.73 7.43
N GLY A 183 23.03 15.06 8.52
CA GLY A 183 22.93 16.39 9.09
C GLY A 183 21.82 16.59 10.09
N ALA A 184 22.19 16.95 11.31
CA ALA A 184 21.23 17.21 12.36
C ALA A 184 20.94 18.71 12.39
N GLY A 185 20.07 19.15 13.29
CA GLY A 185 19.74 20.56 13.36
C GLY A 185 18.87 20.96 12.18
N GLY A 186 18.00 21.93 12.39
CA GLY A 186 17.12 22.36 11.31
C GLY A 186 16.23 21.21 10.87
N LEU A 187 15.34 20.80 11.78
CA LEU A 187 14.41 19.70 11.52
C LEU A 187 15.09 18.34 11.66
N GLY A 188 16.42 18.34 11.60
CA GLY A 188 17.16 17.09 11.73
C GLY A 188 17.00 16.52 13.12
N GLY A 189 17.01 17.39 14.13
CA GLY A 189 16.87 16.96 15.50
C GLY A 189 15.52 16.31 15.76
N ASN A 190 14.45 17.03 15.42
CA ASN A 190 13.10 16.50 15.63
C ASN A 190 12.90 15.24 14.79
N ALA A 191 13.66 15.11 13.71
CA ALA A 191 13.56 13.94 12.85
C ALA A 191 14.08 12.71 13.58
N ILE A 192 15.10 12.92 14.41
CA ILE A 192 15.69 11.83 15.19
C ILE A 192 14.62 11.27 16.12
N GLN A 193 13.99 12.16 16.89
CA GLN A 193 12.96 11.77 17.83
C GLN A 193 11.79 11.08 17.13
N VAL A 194 11.30 11.68 16.06
CA VAL A 194 10.19 11.09 15.31
C VAL A 194 10.56 9.69 14.84
N ALA A 195 11.71 9.58 14.18
CA ALA A 195 12.19 8.30 13.67
C ALA A 195 12.22 7.25 14.77
N LYS A 196 12.79 7.59 15.92
CA LYS A 196 12.85 6.67 17.04
C LYS A 196 11.46 6.34 17.56
N ALA A 197 10.52 7.25 17.33
CA ALA A 197 9.14 7.04 17.77
C ALA A 197 8.53 5.86 17.00
N PHE A 198 9.01 5.64 15.79
CA PHE A 198 8.52 4.52 14.98
C PHE A 198 9.31 3.28 15.39
N GLY A 199 10.22 3.46 16.34
CA GLY A 199 11.03 2.36 16.83
C GLY A 199 12.10 1.90 15.86
N ALA A 200 12.59 2.80 15.03
CA ALA A 200 13.60 2.46 14.05
C ALA A 200 15.02 2.78 14.52
N LYS A 201 15.98 2.02 14.00
CA LYS A 201 17.38 2.23 14.34
C LYS A 201 17.80 3.48 13.55
N VAL A 202 18.51 4.39 14.20
CA VAL A 202 18.92 5.62 13.52
C VAL A 202 20.42 5.90 13.55
N THR A 203 21.00 6.03 12.37
CA THR A 203 22.42 6.33 12.22
C THR A 203 22.50 7.75 11.66
N VAL A 204 23.33 8.59 12.27
CA VAL A 204 23.47 9.97 11.84
C VAL A 204 24.87 10.30 11.34
N LEU A 205 24.93 11.19 10.36
CA LEU A 205 26.19 11.64 9.79
C LEU A 205 26.14 13.16 9.75
N ASP A 206 27.16 13.81 10.27
CA ASP A 206 27.21 15.27 10.29
C ASP A 206 28.64 15.73 10.56
N LYS A 207 29.05 16.79 9.86
CA LYS A 207 30.40 17.33 10.03
C LYS A 207 30.50 18.18 11.29
N LYS A 208 29.51 19.05 11.49
CA LYS A 208 29.48 19.92 12.67
C LYS A 208 29.63 19.10 13.94
N LYS A 209 30.36 19.65 14.90
CA LYS A 209 30.59 18.97 16.17
C LYS A 209 29.33 18.88 17.02
N GLU A 210 28.73 20.03 17.31
CA GLU A 210 27.50 20.08 18.12
C GLU A 210 26.46 19.08 17.62
N ALA A 211 26.12 19.18 16.33
CA ALA A 211 25.13 18.31 15.72
C ALA A 211 25.19 16.88 16.25
N ARG A 212 26.35 16.26 16.10
CA ARG A 212 26.54 14.88 16.55
C ARG A 212 26.23 14.71 18.04
N ASP A 213 26.76 15.60 18.87
CA ASP A 213 26.52 15.53 20.30
C ASP A 213 25.02 15.64 20.56
N GLN A 214 24.35 16.50 19.78
CA GLN A 214 22.91 16.70 19.91
C GLN A 214 22.18 15.44 19.47
N ALA A 215 22.60 14.88 18.34
CA ALA A 215 21.98 13.68 17.80
C ALA A 215 22.09 12.55 18.80
N LYS A 216 23.29 12.37 19.36
CA LYS A 216 23.53 11.32 20.34
C LYS A 216 22.62 11.51 21.53
N LYS A 217 22.35 12.77 21.85
CA LYS A 217 21.49 13.13 22.98
C LYS A 217 20.02 12.83 22.68
N LEU A 218 19.61 13.07 21.45
CA LEU A 218 18.23 12.84 21.03
C LEU A 218 17.84 11.38 20.94
N GLY A 219 18.84 10.49 20.93
CA GLY A 219 18.56 9.07 20.85
C GLY A 219 19.09 8.39 19.63
N ALA A 220 20.02 9.04 18.92
CA ALA A 220 20.61 8.46 17.73
C ALA A 220 21.45 7.25 18.10
N ASP A 221 21.17 6.12 17.45
CA ASP A 221 21.88 4.88 17.72
C ASP A 221 23.32 4.92 17.22
N ALA A 222 23.57 5.70 16.18
CA ALA A 222 24.91 5.82 15.62
C ALA A 222 25.20 7.28 15.30
N VAL A 223 26.45 7.69 15.52
CA VAL A 223 26.87 9.05 15.25
C VAL A 223 28.27 9.04 14.65
N TYR A 224 28.42 9.72 13.51
CA TYR A 224 29.72 9.75 12.83
C TYR A 224 29.97 11.07 12.11
N GLU A 225 31.24 11.40 11.94
CA GLU A 225 31.65 12.61 11.23
C GLU A 225 31.92 12.13 9.81
N THR A 226 32.07 10.82 9.69
CA THR A 226 32.33 10.15 8.42
C THR A 226 32.07 8.65 8.60
N LEU A 227 31.21 8.09 7.76
CA LEU A 227 30.87 6.67 7.85
C LEU A 227 32.08 5.75 7.72
N PRO A 228 32.28 4.86 8.70
CA PRO A 228 33.39 3.91 8.70
C PRO A 228 33.29 2.94 7.53
N GLU A 229 34.31 2.09 7.36
CA GLU A 229 34.33 1.12 6.28
C GLU A 229 33.57 -0.13 6.70
N SER A 230 33.41 -0.32 8.01
CA SER A 230 32.70 -1.47 8.53
C SER A 230 31.22 -1.39 8.13
N ILE A 231 30.84 -0.23 7.61
CA ILE A 231 29.47 -0.01 7.16
C ILE A 231 29.33 -0.46 5.71
N SER A 232 28.77 -1.66 5.52
CA SER A 232 28.58 -2.20 4.18
C SER A 232 27.70 -1.31 3.32
N PRO A 233 28.14 -1.00 2.10
CA PRO A 233 27.36 -0.16 1.19
C PRO A 233 25.98 -0.75 0.93
N GLY A 234 25.03 0.09 0.54
CA GLY A 234 23.69 -0.38 0.27
C GLY A 234 23.13 -1.27 1.37
N SER A 235 23.13 -0.77 2.60
CA SER A 235 22.65 -1.54 3.74
C SER A 235 21.59 -0.80 4.55
N PHE A 236 21.25 0.42 4.14
CA PHE A 236 20.25 1.22 4.83
C PHE A 236 18.92 1.18 4.08
N SER A 237 17.83 0.99 4.80
CA SER A 237 16.51 0.91 4.20
C SER A 237 15.99 2.29 3.78
N ALA A 238 16.47 3.34 4.44
CA ALA A 238 16.04 4.70 4.10
C ALA A 238 17.12 5.73 4.43
N CYS A 239 17.22 6.75 3.59
CA CYS A 239 18.21 7.81 3.78
C CYS A 239 17.55 9.17 3.65
N PHE A 240 17.68 9.99 4.69
CA PHE A 240 17.11 11.33 4.68
C PHE A 240 18.25 12.35 4.63
N ASP A 241 18.33 13.07 3.52
CA ASP A 241 19.36 14.07 3.31
C ASP A 241 18.87 15.48 3.64
N PHE A 242 19.20 15.96 4.83
CA PHE A 242 18.78 17.29 5.27
C PHE A 242 19.65 18.42 4.76
N VAL A 243 20.73 18.09 4.06
CA VAL A 243 21.61 19.10 3.49
C VAL A 243 21.40 19.14 1.97
N SER A 244 21.08 17.97 1.42
CA SER A 244 20.82 17.81 -0.02
C SER A 244 21.81 18.45 -0.98
N VAL A 245 23.05 17.95 -0.95
CA VAL A 245 24.10 18.43 -1.84
C VAL A 245 24.60 17.19 -2.59
N GLN A 246 25.02 17.38 -3.83
CA GLN A 246 25.51 16.25 -4.63
C GLN A 246 26.34 15.28 -3.81
N ALA A 247 27.34 15.79 -3.10
CA ALA A 247 28.20 14.97 -2.28
C ALA A 247 27.38 14.13 -1.30
N THR A 248 26.45 14.78 -0.61
CA THR A 248 25.62 14.08 0.36
C THR A 248 24.61 13.15 -0.30
N PHE A 249 24.07 13.56 -1.44
CA PHE A 249 23.11 12.72 -2.15
C PHE A 249 23.81 11.44 -2.61
N ASP A 250 25.06 11.58 -3.06
CA ASP A 250 25.83 10.44 -3.52
C ASP A 250 26.00 9.42 -2.41
N VAL A 251 26.16 9.90 -1.19
CA VAL A 251 26.32 9.02 -0.04
C VAL A 251 25.05 8.19 0.14
N CYS A 252 23.90 8.85 0.03
CA CYS A 252 22.62 8.16 0.17
C CYS A 252 22.47 7.05 -0.85
N GLN A 253 22.74 7.35 -2.12
CA GLN A 253 22.63 6.36 -3.17
C GLN A 253 23.64 5.23 -3.01
N LYS A 254 24.75 5.53 -2.33
CA LYS A 254 25.78 4.52 -2.11
C LYS A 254 25.42 3.58 -0.96
N TYR A 255 24.84 4.13 0.10
CA TYR A 255 24.48 3.33 1.26
C TYR A 255 23.04 2.85 1.34
N VAL A 256 22.19 3.32 0.43
CA VAL A 256 20.79 2.88 0.44
C VAL A 256 20.73 1.48 -0.15
N GLU A 257 20.03 0.58 0.52
CA GLU A 257 19.92 -0.81 0.07
C GLU A 257 18.96 -0.91 -1.11
N PRO A 258 19.03 -2.03 -1.86
CA PRO A 258 18.15 -2.23 -3.01
C PRO A 258 16.69 -2.05 -2.61
N LYS A 259 15.92 -1.36 -3.45
CA LYS A 259 14.50 -1.12 -3.20
C LYS A 259 14.35 -0.11 -2.07
N GLY A 260 15.47 0.44 -1.60
CA GLY A 260 15.44 1.41 -0.53
C GLY A 260 14.99 2.77 -1.02
N VAL A 261 14.86 3.73 -0.11
CA VAL A 261 14.42 5.06 -0.49
C VAL A 261 15.35 6.18 -0.04
N ILE A 262 15.45 7.21 -0.88
CA ILE A 262 16.29 8.37 -0.61
C ILE A 262 15.33 9.55 -0.49
N MET A 263 15.41 10.28 0.63
CA MET A 263 14.54 11.42 0.85
C MET A 263 15.31 12.73 0.88
N PRO A 264 15.42 13.42 -0.27
CA PRO A 264 16.15 14.69 -0.33
C PRO A 264 15.30 15.78 0.30
N VAL A 265 15.48 16.00 1.60
CA VAL A 265 14.72 17.00 2.32
C VAL A 265 15.55 18.22 2.72
N GLY A 266 16.46 18.62 1.84
CA GLY A 266 17.30 19.77 2.13
C GLY A 266 17.19 20.84 1.05
N LEU A 267 17.80 21.99 1.30
CA LEU A 267 17.78 23.10 0.35
C LEU A 267 19.11 23.20 -0.38
N GLY A 268 19.95 22.17 -0.22
CA GLY A 268 21.26 22.14 -0.84
C GLY A 268 21.42 22.87 -2.16
N ALA A 269 21.17 22.17 -3.26
CA ALA A 269 21.30 22.77 -4.58
C ALA A 269 19.98 22.71 -5.34
N PRO A 270 19.85 23.50 -6.42
CA PRO A 270 18.63 23.53 -7.23
C PRO A 270 18.44 22.22 -8.01
N ASN A 271 19.54 21.59 -8.37
CA ASN A 271 19.50 20.34 -9.11
C ASN A 271 20.43 19.30 -8.50
N LEU A 272 20.04 18.04 -8.64
CA LEU A 272 20.83 16.92 -8.12
C LEU A 272 20.77 15.80 -9.15
N SER A 273 21.90 15.11 -9.32
CA SER A 273 21.96 14.01 -10.27
C SER A 273 22.06 12.67 -9.56
N PHE A 274 21.58 11.62 -10.22
CA PHE A 274 21.64 10.28 -9.66
C PHE A 274 22.16 9.31 -10.71
N ASN A 275 22.86 8.27 -10.26
CA ASN A 275 23.38 7.28 -11.17
C ASN A 275 22.22 6.40 -11.65
N LEU A 276 21.83 6.57 -12.90
CA LEU A 276 20.73 5.82 -13.48
C LEU A 276 20.93 4.31 -13.40
N GLY A 277 22.09 3.85 -13.86
CA GLY A 277 22.39 2.44 -13.82
C GLY A 277 22.13 1.81 -12.45
N ASP A 278 22.63 2.47 -11.41
CA ASP A 278 22.46 1.98 -10.05
C ASP A 278 21.00 2.05 -9.58
N LEU A 279 20.39 3.21 -9.76
CA LEU A 279 19.00 3.41 -9.35
C LEU A 279 18.04 2.43 -10.01
N ALA A 280 18.31 2.09 -11.27
CA ALA A 280 17.46 1.16 -12.00
C ALA A 280 17.67 -0.28 -11.58
N LEU A 281 18.91 -0.74 -11.66
CA LEU A 281 19.25 -2.13 -11.28
C LEU A 281 18.88 -2.49 -9.86
N ARG A 282 19.07 -1.56 -8.93
CA ARG A 282 18.75 -1.84 -7.53
C ARG A 282 17.39 -1.26 -7.13
N GLU A 283 16.65 -0.79 -8.14
CA GLU A 283 15.33 -0.22 -7.93
C GLU A 283 15.28 0.76 -6.77
N ILE A 284 16.13 1.77 -6.82
CA ILE A 284 16.15 2.77 -5.77
C ILE A 284 15.02 3.76 -6.06
N ARG A 285 14.49 4.38 -5.02
CA ARG A 285 13.41 5.34 -5.22
C ARG A 285 13.66 6.65 -4.51
N ILE A 286 13.47 7.74 -5.25
CA ILE A 286 13.64 9.09 -4.73
C ILE A 286 12.25 9.67 -4.53
N LEU A 287 11.92 10.03 -3.29
CA LEU A 287 10.62 10.57 -2.99
C LEU A 287 10.68 12.03 -2.52
N GLY A 288 9.88 12.87 -3.16
CA GLY A 288 9.84 14.27 -2.78
C GLY A 288 8.93 14.40 -1.58
N SER A 289 9.23 15.36 -0.70
CA SER A 289 8.42 15.56 0.50
C SER A 289 8.24 17.06 0.78
N PHE A 290 7.01 17.46 1.07
CA PHE A 290 6.71 18.86 1.36
C PHE A 290 5.80 19.05 2.57
N TRP A 291 6.27 19.84 3.52
CA TRP A 291 5.52 20.15 4.74
C TRP A 291 4.83 18.90 5.28
N GLY A 292 3.52 19.00 5.50
CA GLY A 292 2.75 17.89 6.02
C GLY A 292 1.27 18.04 5.74
N THR A 293 0.52 16.96 5.91
CA THR A 293 -0.92 16.98 5.67
C THR A 293 -1.68 17.33 6.95
N THR A 294 -2.97 17.56 6.80
CA THR A 294 -3.81 17.89 7.95
C THR A 294 -3.80 16.76 8.98
N ASN A 295 -4.06 15.53 8.54
CA ASN A 295 -4.04 14.40 9.46
C ASN A 295 -2.66 14.18 10.07
N ASP A 296 -1.61 14.55 9.34
CA ASP A 296 -0.26 14.40 9.86
C ASP A 296 -0.11 15.26 11.11
N LEU A 297 -0.69 16.45 11.08
CA LEU A 297 -0.60 17.36 12.22
C LEU A 297 -1.30 16.76 13.44
N ASP A 298 -2.37 16.00 13.21
CA ASP A 298 -3.07 15.37 14.33
C ASP A 298 -2.15 14.31 14.94
N ASP A 299 -1.38 13.63 14.10
CA ASP A 299 -0.47 12.61 14.57
C ASP A 299 0.69 13.24 15.34
N VAL A 300 1.22 14.33 14.80
CA VAL A 300 2.33 15.04 15.44
C VAL A 300 1.95 15.54 16.82
N LEU A 301 0.80 16.19 16.92
CA LEU A 301 0.35 16.72 18.20
C LEU A 301 0.15 15.60 19.21
N LYS A 302 -0.14 14.40 18.72
CA LYS A 302 -0.34 13.25 19.60
C LYS A 302 1.02 12.77 20.11
N LEU A 303 2.01 12.71 19.23
CA LEU A 303 3.34 12.28 19.61
C LEU A 303 3.93 13.24 20.62
N VAL A 304 3.63 14.53 20.45
CA VAL A 304 4.12 15.55 21.36
C VAL A 304 3.42 15.39 22.71
N SER A 305 2.10 15.25 22.66
CA SER A 305 1.31 15.07 23.87
C SER A 305 1.82 13.86 24.65
N GLU A 306 2.18 12.81 23.93
CA GLU A 306 2.69 11.59 24.54
C GLU A 306 4.14 11.74 25.00
N GLY A 307 4.73 12.89 24.69
CA GLY A 307 6.10 13.15 25.09
C GLY A 307 7.15 12.39 24.30
N LYS A 308 6.78 11.87 23.14
CA LYS A 308 7.72 11.13 22.30
C LYS A 308 8.58 12.08 21.48
N VAL A 309 8.11 13.32 21.34
CA VAL A 309 8.84 14.34 20.60
C VAL A 309 8.84 15.62 21.43
N LYS A 310 10.04 16.11 21.76
CA LYS A 310 10.17 17.31 22.58
C LYS A 310 10.60 18.55 21.80
N PRO A 311 9.64 19.33 21.30
CA PRO A 311 10.00 20.54 20.56
C PRO A 311 10.58 21.59 21.51
N VAL A 312 11.85 21.92 21.33
CA VAL A 312 12.50 22.91 22.19
C VAL A 312 12.40 24.31 21.60
N VAL A 313 11.71 25.21 22.30
CA VAL A 313 11.55 26.58 21.82
C VAL A 313 11.41 27.59 22.95
N ARG A 314 11.79 28.84 22.66
CA ARG A 314 11.70 29.92 23.62
C ARG A 314 10.60 30.88 23.16
N SER A 315 10.03 31.63 24.09
CA SER A 315 8.95 32.56 23.76
C SER A 315 9.32 34.02 23.98
N ALA A 316 8.62 34.90 23.27
CA ALA A 316 8.81 36.35 23.36
C ALA A 316 7.59 37.04 22.77
N LYS A 317 7.38 38.30 23.12
CA LYS A 317 6.22 39.03 22.60
C LYS A 317 6.36 39.28 21.11
N LEU A 318 5.24 39.31 20.40
CA LEU A 318 5.23 39.51 18.96
C LEU A 318 5.91 40.79 18.47
N LYS A 319 5.84 41.86 19.26
CA LYS A 319 6.46 43.11 18.84
C LYS A 319 7.99 43.05 18.87
N GLU A 320 8.53 41.88 19.18
CA GLU A 320 9.98 41.68 19.21
C GLU A 320 10.41 40.94 17.95
N LEU A 321 9.44 40.59 17.11
CA LEU A 321 9.72 39.86 15.88
C LEU A 321 10.87 40.46 15.06
N PRO A 322 10.83 41.77 14.77
CA PRO A 322 11.90 42.40 14.01
C PRO A 322 13.26 42.14 14.64
N GLU A 323 13.29 42.16 15.97
CA GLU A 323 14.51 41.95 16.74
C GLU A 323 15.05 40.53 16.53
N TYR A 324 14.14 39.57 16.34
CA TYR A 324 14.53 38.18 16.15
C TYR A 324 14.77 37.80 14.69
N ILE A 325 14.13 38.51 13.77
CA ILE A 325 14.29 38.22 12.36
C ILE A 325 15.73 38.54 11.93
N GLU A 326 16.30 39.59 12.53
CA GLU A 326 17.66 39.99 12.22
C GLU A 326 18.66 38.96 12.75
N LYS A 327 18.42 38.47 13.96
CA LYS A 327 19.29 37.48 14.58
C LYS A 327 19.37 36.21 13.72
N LEU A 328 18.21 35.75 13.27
CA LEU A 328 18.14 34.55 12.45
C LEU A 328 18.91 34.72 11.14
N ARG A 329 18.91 35.93 10.60
CA ARG A 329 19.61 36.21 9.36
C ARG A 329 21.12 36.05 9.46
N ASN A 330 21.68 36.46 10.60
CA ASN A 330 23.12 36.38 10.81
C ASN A 330 23.64 35.02 11.24
N ASN A 331 23.29 34.60 12.45
CA ASN A 331 23.77 33.33 12.97
C ASN A 331 22.66 32.39 13.43
N ALA A 332 21.52 32.95 13.84
CA ALA A 332 20.40 32.16 14.32
C ALA A 332 20.76 31.47 15.63
N TYR A 333 19.97 30.47 16.01
CA TYR A 333 20.20 29.73 17.24
C TYR A 333 20.10 28.22 17.02
N GLU A 334 19.57 27.50 17.99
CA GLU A 334 19.42 26.05 17.88
C GLU A 334 18.00 25.62 18.21
N GLY A 335 17.11 25.77 17.24
CA GLY A 335 15.71 25.40 17.44
C GLY A 335 14.77 26.43 16.85
N ARG A 336 13.86 26.95 17.68
CA ARG A 336 12.90 27.94 17.23
C ARG A 336 12.45 28.85 18.37
N VAL A 337 11.83 29.97 17.99
CA VAL A 337 11.31 30.93 18.94
C VAL A 337 9.90 31.30 18.52
N VAL A 338 8.96 31.15 19.43
CA VAL A 338 7.57 31.47 19.14
C VAL A 338 7.21 32.80 19.78
N PHE A 339 6.35 33.56 19.12
CA PHE A 339 5.94 34.87 19.63
C PHE A 339 4.50 34.86 20.11
N ASN A 340 4.25 35.52 21.24
CA ASN A 340 2.91 35.59 21.81
C ASN A 340 2.26 36.92 21.49
N PRO A 341 1.24 36.91 20.62
CA PRO A 341 0.50 38.12 20.23
C PRO A 341 -0.06 38.89 21.42
N ILE B 8 -33.50 30.83 -10.36
CA ILE B 8 -34.28 31.96 -10.91
C ILE B 8 -35.64 32.12 -10.22
N PRO B 9 -36.47 31.07 -10.22
CA PRO B 9 -37.79 31.14 -9.58
C PRO B 9 -37.75 31.38 -8.07
N SER B 10 -38.82 31.96 -7.55
CA SER B 10 -38.93 32.25 -6.13
C SER B 10 -39.49 31.06 -5.35
N SER B 11 -39.83 30.00 -6.07
CA SER B 11 -40.35 28.79 -5.46
C SER B 11 -40.21 27.64 -6.45
N GLN B 12 -40.30 26.41 -5.95
CA GLN B 12 -40.16 25.24 -6.80
C GLN B 12 -41.01 24.08 -6.29
N TYR B 13 -41.00 22.98 -7.02
CA TYR B 13 -41.75 21.80 -6.62
C TYR B 13 -40.76 20.67 -6.36
N GLY B 14 -41.17 19.70 -5.55
CA GLY B 14 -40.30 18.58 -5.25
C GLY B 14 -40.97 17.59 -4.32
N PHE B 15 -40.41 16.39 -4.24
CA PHE B 15 -40.96 15.36 -3.37
C PHE B 15 -40.20 15.32 -2.05
N VAL B 16 -40.92 15.65 -0.97
CA VAL B 16 -40.33 15.66 0.37
C VAL B 16 -40.80 14.44 1.14
N PHE B 17 -39.91 13.86 1.93
CA PHE B 17 -40.26 12.69 2.72
C PHE B 17 -40.45 13.04 4.19
N ASN B 18 -41.50 12.47 4.79
CA ASN B 18 -41.81 12.68 6.18
C ASN B 18 -42.28 11.33 6.74
N LYS B 19 -41.71 10.92 7.86
CA LYS B 19 -42.06 9.64 8.48
C LYS B 19 -43.56 9.42 8.63
N GLN B 20 -44.31 10.50 8.84
CA GLN B 20 -45.75 10.39 9.02
C GLN B 20 -46.56 10.49 7.73
N SER B 21 -46.17 11.39 6.83
CA SER B 21 -46.90 11.57 5.58
C SER B 21 -46.34 10.77 4.41
N GLY B 22 -45.07 10.35 4.52
CA GLY B 22 -44.45 9.60 3.46
C GLY B 22 -43.86 10.54 2.43
N LEU B 23 -43.76 10.09 1.18
CA LEU B 23 -43.22 10.93 0.11
C LEU B 23 -44.37 11.72 -0.52
N LYS B 24 -44.28 13.04 -0.44
CA LYS B 24 -45.34 13.89 -0.98
C LYS B 24 -44.84 15.01 -1.88
N LEU B 25 -45.61 15.29 -2.94
CA LEU B 25 -45.28 16.36 -3.87
C LEU B 25 -45.60 17.70 -3.21
N ARG B 26 -44.67 18.64 -3.32
CA ARG B 26 -44.85 19.97 -2.75
C ARG B 26 -44.60 21.01 -3.83
N ASN B 27 -45.58 21.87 -4.07
CA ASN B 27 -45.45 22.92 -5.08
C ASN B 27 -45.04 24.25 -4.45
N ASP B 28 -44.88 24.26 -3.13
CA ASP B 28 -44.50 25.49 -2.43
C ASP B 28 -43.13 25.42 -1.79
N LEU B 29 -42.23 24.62 -2.37
CA LEU B 29 -40.88 24.50 -1.82
C LEU B 29 -40.07 25.76 -2.10
N PRO B 30 -39.30 26.22 -1.10
CA PRO B 30 -38.48 27.42 -1.26
C PRO B 30 -37.19 27.13 -2.04
N VAL B 31 -36.65 28.18 -2.66
CA VAL B 31 -35.40 28.05 -3.41
C VAL B 31 -34.36 28.81 -2.61
N HIS B 32 -33.47 28.08 -1.96
CA HIS B 32 -32.44 28.68 -1.14
C HIS B 32 -31.36 29.45 -1.88
N LYS B 33 -30.92 30.54 -1.26
CA LYS B 33 -29.87 31.40 -1.80
C LYS B 33 -28.57 30.98 -1.14
N PRO B 34 -27.57 30.56 -1.92
CA PRO B 34 -26.28 30.15 -1.35
C PRO B 34 -25.60 31.25 -0.55
N LYS B 35 -25.27 30.95 0.69
CA LYS B 35 -24.61 31.92 1.57
C LYS B 35 -23.22 32.30 1.05
N ALA B 36 -22.28 31.38 1.21
CA ALA B 36 -20.91 31.58 0.78
C ALA B 36 -20.21 30.23 0.90
N GLY B 37 -19.54 29.82 -0.16
CA GLY B 37 -18.87 28.53 -0.13
C GLY B 37 -19.86 27.47 -0.56
N GLN B 38 -21.11 27.89 -0.77
CA GLN B 38 -22.18 26.99 -1.19
C GLN B 38 -22.59 27.37 -2.61
N LEU B 39 -23.46 26.55 -3.21
CA LEU B 39 -23.95 26.83 -4.55
C LEU B 39 -25.33 26.21 -4.76
N LEU B 40 -26.07 26.73 -5.73
CA LEU B 40 -27.40 26.24 -6.03
C LEU B 40 -27.29 25.38 -7.28
N LEU B 41 -27.74 24.13 -7.19
CA LEU B 41 -27.66 23.22 -8.33
C LEU B 41 -29.02 22.94 -8.96
N LYS B 42 -29.15 23.26 -10.24
CA LYS B 42 -30.40 22.98 -10.94
C LYS B 42 -30.32 21.52 -11.35
N VAL B 43 -31.27 20.72 -10.87
CA VAL B 43 -31.29 19.30 -11.16
C VAL B 43 -31.72 19.00 -12.59
N ASP B 44 -30.83 18.34 -13.33
CA ASP B 44 -31.13 17.97 -14.72
C ASP B 44 -31.63 16.53 -14.77
N ALA B 45 -31.10 15.69 -13.90
CA ALA B 45 -31.50 14.28 -13.85
C ALA B 45 -31.26 13.69 -12.47
N VAL B 46 -32.24 12.93 -11.99
CA VAL B 46 -32.16 12.29 -10.68
C VAL B 46 -32.67 10.85 -10.77
N GLY B 47 -31.84 9.91 -10.35
CA GLY B 47 -32.21 8.50 -10.42
C GLY B 47 -33.00 7.96 -9.25
N LEU B 48 -33.53 6.75 -9.42
CA LEU B 48 -34.31 6.06 -8.41
C LEU B 48 -33.86 4.60 -8.32
N CYS B 49 -33.73 4.07 -7.11
CA CYS B 49 -33.34 2.68 -6.92
C CYS B 49 -34.00 2.11 -5.66
N HIS B 50 -33.75 0.84 -5.38
CA HIS B 50 -34.35 0.19 -4.21
C HIS B 50 -34.01 0.84 -2.87
N SER B 51 -32.88 1.52 -2.78
CA SER B 51 -32.49 2.16 -1.54
C SER B 51 -33.59 3.10 -1.06
N ASP B 52 -34.22 3.82 -1.99
CA ASP B 52 -35.29 4.74 -1.65
C ASP B 52 -36.49 4.01 -1.05
N LEU B 53 -36.77 2.80 -1.55
CA LEU B 53 -37.89 2.01 -1.05
C LEU B 53 -37.68 1.62 0.41
N HIS B 54 -36.43 1.35 0.78
CA HIS B 54 -36.11 0.97 2.15
C HIS B 54 -36.49 2.09 3.12
N VAL B 55 -36.30 3.33 2.66
CA VAL B 55 -36.62 4.50 3.48
C VAL B 55 -38.12 4.78 3.49
N ILE B 56 -38.75 4.61 2.34
CA ILE B 56 -40.18 4.86 2.20
C ILE B 56 -41.10 3.82 2.84
N TYR B 57 -40.78 2.54 2.68
CA TYR B 57 -41.63 1.48 3.21
C TYR B 57 -41.03 0.52 4.22
N GLU B 58 -39.71 0.34 4.20
CA GLU B 58 -39.08 -0.59 5.11
C GLU B 58 -38.53 -0.01 6.42
N GLY B 59 -38.96 1.20 6.75
CA GLY B 59 -38.54 1.83 7.98
C GLY B 59 -37.08 2.22 8.14
N LEU B 60 -36.32 2.28 7.05
CA LEU B 60 -34.92 2.67 7.15
C LEU B 60 -34.87 4.15 7.52
N ASP B 61 -34.40 4.45 8.72
CA ASP B 61 -34.33 5.82 9.20
C ASP B 61 -33.02 6.54 8.87
N CYS B 62 -33.09 7.44 7.91
CA CYS B 62 -31.93 8.23 7.49
C CYS B 62 -32.15 9.68 7.91
N GLY B 63 -33.26 9.92 8.58
CA GLY B 63 -33.59 11.26 9.02
C GLY B 63 -35.07 11.53 8.87
N ASP B 64 -35.43 12.79 8.62
CA ASP B 64 -36.83 13.16 8.47
C ASP B 64 -36.99 14.56 7.88
N ASN B 65 -38.02 14.73 7.06
CA ASN B 65 -38.31 16.01 6.42
C ASN B 65 -37.20 16.50 5.50
N TYR B 66 -36.98 15.78 4.40
CA TYR B 66 -35.96 16.14 3.43
C TYR B 66 -36.33 15.65 2.04
N VAL B 67 -35.99 16.44 1.03
CA VAL B 67 -36.27 16.06 -0.35
C VAL B 67 -35.43 14.82 -0.63
N MET B 68 -36.02 13.81 -1.23
CA MET B 68 -35.28 12.59 -1.52
C MET B 68 -34.61 12.64 -2.90
N GLY B 69 -33.96 11.55 -3.27
CA GLY B 69 -33.26 11.48 -4.54
C GLY B 69 -31.77 11.61 -4.27
N HIS B 70 -31.08 10.48 -4.21
CA HIS B 70 -29.65 10.45 -3.92
C HIS B 70 -28.74 10.18 -5.12
N GLU B 71 -29.29 10.27 -6.33
CA GLU B 71 -28.54 10.05 -7.55
C GLU B 71 -28.76 11.31 -8.40
N ILE B 72 -28.01 12.36 -8.05
CA ILE B 72 -28.15 13.66 -8.71
C ILE B 72 -27.15 14.03 -9.79
N ALA B 73 -27.68 14.67 -10.83
CA ALA B 73 -26.90 15.17 -11.95
C ALA B 73 -27.56 16.51 -12.27
N GLY B 74 -26.76 17.57 -12.33
CA GLY B 74 -27.35 18.87 -12.61
C GLY B 74 -26.37 19.91 -13.11
N THR B 75 -26.85 21.14 -13.23
CA THR B 75 -26.06 22.27 -13.69
C THR B 75 -26.04 23.37 -12.64
N VAL B 76 -24.87 23.95 -12.41
CA VAL B 76 -24.74 25.02 -11.43
C VAL B 76 -25.60 26.21 -11.85
N ALA B 77 -26.57 26.55 -11.01
CA ALA B 77 -27.48 27.66 -11.28
C ALA B 77 -26.99 28.96 -10.68
N ALA B 78 -26.31 28.88 -9.54
CA ALA B 78 -25.78 30.05 -8.86
C ALA B 78 -24.75 29.62 -7.83
N VAL B 79 -23.77 30.49 -7.58
CA VAL B 79 -22.73 30.20 -6.60
C VAL B 79 -22.64 31.30 -5.56
N GLY B 80 -22.26 30.92 -4.35
CA GLY B 80 -22.13 31.90 -3.29
C GLY B 80 -20.76 32.53 -3.37
N ASP B 81 -20.53 33.57 -2.58
CA ASP B 81 -19.24 34.25 -2.59
C ASP B 81 -18.17 33.26 -2.13
N ASP B 82 -16.92 33.56 -2.45
CA ASP B 82 -15.79 32.73 -2.08
C ASP B 82 -15.72 31.42 -2.88
N VAL B 83 -16.77 31.14 -3.64
CA VAL B 83 -16.79 29.93 -4.46
C VAL B 83 -16.11 30.24 -5.80
N ILE B 84 -14.95 29.64 -6.02
CA ILE B 84 -14.21 29.87 -7.25
C ILE B 84 -13.97 28.60 -8.07
N ASN B 85 -13.95 27.45 -7.41
CA ASN B 85 -13.72 26.18 -8.09
C ASN B 85 -14.84 25.90 -9.09
N TYR B 86 -16.05 26.34 -8.77
CA TYR B 86 -17.20 26.13 -9.65
C TYR B 86 -17.86 27.45 -10.04
N LYS B 87 -18.47 27.46 -11.22
CA LYS B 87 -19.15 28.66 -11.70
C LYS B 87 -20.43 28.27 -12.43
N VAL B 88 -21.34 29.24 -12.56
CA VAL B 88 -22.61 29.01 -13.23
C VAL B 88 -22.43 28.34 -14.60
N GLY B 89 -23.11 27.22 -14.80
CA GLY B 89 -23.01 26.51 -16.05
C GLY B 89 -22.28 25.18 -15.97
N ASP B 90 -21.49 24.98 -14.91
CA ASP B 90 -20.77 23.73 -14.76
C ASP B 90 -21.71 22.57 -14.53
N ARG B 91 -21.47 21.46 -15.24
CA ARG B 91 -22.29 20.28 -15.12
C ARG B 91 -21.60 19.34 -14.12
N VAL B 92 -22.30 19.02 -13.04
CA VAL B 92 -21.72 18.16 -12.01
C VAL B 92 -22.70 17.16 -11.40
N ALA B 93 -22.16 16.07 -10.87
CA ALA B 93 -22.96 15.03 -10.24
C ALA B 93 -22.64 15.07 -8.75
N CYS B 94 -23.63 14.71 -7.93
CA CYS B 94 -23.46 14.73 -6.49
C CYS B 94 -22.89 13.41 -5.94
N VAL B 95 -22.07 13.53 -4.91
CA VAL B 95 -21.48 12.36 -4.26
C VAL B 95 -22.32 12.07 -3.03
N GLY B 96 -23.19 11.06 -3.14
CA GLY B 96 -24.09 10.67 -2.07
C GLY B 96 -23.69 10.95 -0.62
N PRO B 97 -22.69 10.22 -0.08
CA PRO B 97 -22.23 10.39 1.30
C PRO B 97 -22.16 11.83 1.80
N ASN B 98 -21.84 12.77 0.91
CA ASN B 98 -21.77 14.19 1.26
C ASN B 98 -20.96 14.42 2.54
N GLY B 99 -19.73 13.94 2.55
CA GLY B 99 -18.86 14.10 3.72
C GLY B 99 -18.67 15.53 4.19
N CYS B 100 -18.38 15.70 5.48
CA CYS B 100 -18.18 17.02 6.05
C CYS B 100 -16.93 17.68 5.49
N GLY B 101 -15.92 16.89 5.21
CA GLY B 101 -14.68 17.42 4.64
C GLY B 101 -13.72 17.99 5.67
N GLY B 102 -14.01 17.78 6.96
CA GLY B 102 -13.14 18.31 7.99
C GLY B 102 -12.58 17.29 8.96
N CYS B 103 -13.14 16.08 8.98
CA CYS B 103 -12.67 15.05 9.89
C CYS B 103 -11.52 14.25 9.26
N LYS B 104 -10.88 13.42 10.06
CA LYS B 104 -9.76 12.60 9.58
C LYS B 104 -10.19 11.62 8.49
N TYR B 105 -11.46 11.21 8.52
CA TYR B 105 -11.96 10.29 7.52
C TYR B 105 -12.06 10.96 6.16
N CYS B 106 -12.67 12.15 6.13
CA CYS B 106 -12.80 12.90 4.88
C CYS B 106 -11.43 13.35 4.40
N ARG B 107 -10.58 13.77 5.32
CA ARG B 107 -9.24 14.22 4.98
C ARG B 107 -8.30 13.04 4.75
N GLY B 108 -8.79 11.84 5.03
CA GLY B 108 -7.99 10.64 4.85
C GLY B 108 -8.36 9.87 3.60
N ALA B 109 -9.06 10.53 2.68
CA ALA B 109 -9.48 9.92 1.42
C ALA B 109 -10.62 8.91 1.54
N ILE B 110 -11.39 8.97 2.63
CA ILE B 110 -12.51 8.06 2.80
C ILE B 110 -13.72 8.81 3.34
N ASP B 111 -14.16 9.81 2.59
CA ASP B 111 -15.30 10.62 2.98
C ASP B 111 -16.63 9.87 2.92
N ASN B 112 -16.60 8.62 2.46
CA ASN B 112 -17.81 7.82 2.37
C ASN B 112 -18.24 7.24 3.72
N VAL B 113 -17.35 7.31 4.71
CA VAL B 113 -17.67 6.80 6.04
C VAL B 113 -17.57 7.91 7.08
N CYS B 114 -17.81 9.14 6.66
CA CYS B 114 -17.77 10.28 7.55
C CYS B 114 -18.87 10.17 8.60
N LYS B 115 -18.47 10.22 9.88
CA LYS B 115 -19.44 10.12 10.97
C LYS B 115 -20.31 11.36 11.08
N ASN B 116 -19.69 12.53 10.98
CA ASN B 116 -20.42 13.79 11.07
C ASN B 116 -21.48 13.92 9.98
N ALA B 117 -21.24 13.30 8.84
CA ALA B 117 -22.16 13.38 7.71
C ALA B 117 -23.26 12.35 7.73
N PHE B 118 -23.17 11.36 8.61
CA PHE B 118 -24.20 10.34 8.68
C PHE B 118 -25.52 11.00 9.08
N GLY B 119 -26.52 10.84 8.22
CA GLY B 119 -27.81 11.44 8.47
C GLY B 119 -27.93 12.74 7.69
N ASP B 120 -26.94 13.01 6.85
CA ASP B 120 -26.92 14.22 6.06
C ASP B 120 -26.54 13.93 4.60
N TRP B 121 -26.89 12.72 4.13
CA TRP B 121 -26.59 12.33 2.76
C TRP B 121 -27.60 12.95 1.81
N PHE B 122 -27.17 13.27 0.59
CA PHE B 122 -28.07 13.85 -0.40
C PHE B 122 -29.28 12.94 -0.61
N GLY B 123 -30.47 13.48 -0.38
CA GLY B 123 -31.69 12.70 -0.56
C GLY B 123 -31.93 11.62 0.47
N LEU B 124 -31.00 11.48 1.43
CA LEU B 124 -31.12 10.49 2.49
C LEU B 124 -30.69 11.10 3.81
N GLY B 125 -31.48 12.06 4.29
CA GLY B 125 -31.16 12.75 5.53
C GLY B 125 -31.13 14.23 5.22
N TYR B 126 -30.47 14.56 4.11
CA TYR B 126 -30.38 15.93 3.65
C TYR B 126 -31.15 15.98 2.33
N ASP B 127 -31.53 17.18 1.90
CA ASP B 127 -32.28 17.35 0.66
C ASP B 127 -31.58 16.70 -0.52
N GLY B 128 -32.36 16.16 -1.45
CA GLY B 128 -31.80 15.48 -2.60
C GLY B 128 -32.14 16.07 -3.96
N GLY B 129 -32.25 15.19 -4.95
CA GLY B 129 -32.53 15.63 -6.31
C GLY B 129 -33.97 15.62 -6.80
N TYR B 130 -34.90 15.11 -6.00
CA TYR B 130 -36.30 15.09 -6.43
C TYR B 130 -36.91 16.48 -6.31
N GLN B 131 -36.24 17.46 -6.90
CA GLN B 131 -36.70 18.84 -6.90
C GLN B 131 -36.02 19.57 -8.05
N GLN B 132 -36.36 20.84 -8.25
CA GLN B 132 -35.79 21.63 -9.33
C GLN B 132 -34.44 22.28 -9.01
N TYR B 133 -34.26 22.69 -7.76
CA TYR B 133 -33.03 23.33 -7.35
C TYR B 133 -32.55 22.82 -6.00
N LEU B 134 -31.34 22.26 -5.99
CA LEU B 134 -30.75 21.71 -4.78
C LEU B 134 -29.64 22.60 -4.23
N LEU B 135 -29.73 22.90 -2.93
CA LEU B 135 -28.70 23.71 -2.28
C LEU B 135 -27.58 22.78 -1.85
N VAL B 136 -26.43 22.90 -2.50
CA VAL B 136 -25.27 22.08 -2.16
C VAL B 136 -24.46 22.82 -1.11
N THR B 137 -24.52 22.36 0.13
CA THR B 137 -23.80 22.99 1.23
C THR B 137 -22.29 22.82 1.16
N ARG B 138 -21.84 21.68 0.67
CA ARG B 138 -20.42 21.40 0.56
C ARG B 138 -20.04 20.98 -0.85
N PRO B 139 -19.64 21.95 -1.69
CA PRO B 139 -19.24 21.76 -3.09
C PRO B 139 -18.13 20.74 -3.31
N ARG B 140 -17.43 20.38 -2.24
CA ARG B 140 -16.36 19.39 -2.35
C ARG B 140 -16.94 18.07 -2.81
N ASN B 141 -18.20 17.83 -2.43
CA ASN B 141 -18.87 16.58 -2.78
C ASN B 141 -19.58 16.64 -4.13
N LEU B 142 -18.85 17.05 -5.15
CA LEU B 142 -19.36 17.15 -6.50
C LEU B 142 -18.32 16.61 -7.47
N SER B 143 -18.77 16.11 -8.61
CA SER B 143 -17.89 15.57 -9.62
C SER B 143 -18.29 16.11 -10.98
N ARG B 144 -17.35 16.78 -11.66
CA ARG B 144 -17.62 17.35 -12.97
C ARG B 144 -18.04 16.28 -13.97
N ILE B 145 -19.07 16.58 -14.75
CA ILE B 145 -19.55 15.65 -15.76
C ILE B 145 -18.87 15.93 -17.10
N PRO B 146 -18.22 14.92 -17.68
CA PRO B 146 -17.53 15.11 -18.97
C PRO B 146 -18.54 15.63 -20.00
N ASP B 147 -18.07 16.47 -20.90
CA ASP B 147 -18.94 17.05 -21.92
C ASP B 147 -19.66 16.04 -22.81
N ASN B 148 -19.10 14.84 -22.95
CA ASN B 148 -19.73 13.81 -23.78
C ASN B 148 -20.61 12.86 -22.99
N VAL B 149 -20.90 13.22 -21.74
CA VAL B 149 -21.74 12.39 -20.88
C VAL B 149 -23.01 13.17 -20.52
N SER B 150 -24.16 12.63 -20.93
CA SER B 150 -25.43 13.28 -20.64
C SER B 150 -25.75 13.28 -19.16
N ALA B 151 -26.70 14.12 -18.76
CA ALA B 151 -27.10 14.21 -17.36
C ALA B 151 -27.74 12.89 -16.91
N ASP B 152 -28.58 12.32 -17.77
CA ASP B 152 -29.23 11.05 -17.43
C ASP B 152 -28.22 9.98 -17.07
N VAL B 153 -27.25 9.75 -17.96
CA VAL B 153 -26.22 8.74 -17.72
C VAL B 153 -25.42 9.04 -16.46
N ALA B 154 -25.04 10.30 -16.27
CA ALA B 154 -24.27 10.69 -15.10
C ALA B 154 -25.02 10.34 -13.82
N ALA B 155 -26.29 10.72 -13.76
CA ALA B 155 -27.11 10.44 -12.58
C ALA B 155 -27.17 8.93 -12.34
N ALA B 156 -27.27 8.17 -13.42
CA ALA B 156 -27.35 6.71 -13.33
C ALA B 156 -26.02 6.08 -12.92
N SER B 157 -24.96 6.88 -12.85
CA SER B 157 -23.64 6.38 -12.47
C SER B 157 -23.30 6.68 -11.01
N THR B 158 -24.00 7.63 -10.42
CA THR B 158 -23.76 8.04 -9.04
C THR B 158 -23.93 6.94 -7.99
N ASP B 159 -24.52 5.83 -8.38
CA ASP B 159 -24.73 4.73 -7.43
C ASP B 159 -24.57 3.37 -8.11
N ALA B 160 -25.30 3.18 -9.21
CA ALA B 160 -25.26 1.93 -9.96
C ALA B 160 -23.85 1.58 -10.43
N VAL B 161 -23.02 2.59 -10.67
CA VAL B 161 -21.66 2.36 -11.12
C VAL B 161 -20.64 2.65 -10.02
N LEU B 162 -20.84 3.76 -9.32
CA LEU B 162 -19.93 4.16 -8.25
C LEU B 162 -19.75 3.10 -7.16
N THR B 163 -20.85 2.54 -6.68
CA THR B 163 -20.79 1.53 -5.64
C THR B 163 -19.95 0.30 -6.02
N PRO B 164 -20.28 -0.37 -7.13
CA PRO B 164 -19.47 -1.54 -7.51
C PRO B 164 -18.02 -1.16 -7.85
N TYR B 165 -17.83 0.03 -8.40
CA TYR B 165 -16.48 0.49 -8.74
C TYR B 165 -15.63 0.55 -7.49
N HIS B 166 -16.17 1.21 -6.46
CA HIS B 166 -15.48 1.35 -5.19
C HIS B 166 -15.10 0.01 -4.59
N ALA B 167 -16.00 -0.95 -4.65
CA ALA B 167 -15.74 -2.28 -4.10
C ALA B 167 -14.65 -2.98 -4.91
N ILE B 168 -14.79 -2.96 -6.23
CA ILE B 168 -13.82 -3.60 -7.11
C ILE B 168 -12.44 -2.97 -6.97
N LYS B 169 -12.40 -1.65 -6.85
CA LYS B 169 -11.13 -0.94 -6.68
C LYS B 169 -10.49 -1.31 -5.35
N MET B 170 -11.32 -1.50 -4.34
CA MET B 170 -10.84 -1.85 -3.00
C MET B 170 -10.19 -3.23 -2.97
N ALA B 171 -10.67 -4.14 -3.82
CA ALA B 171 -10.12 -5.48 -3.86
C ALA B 171 -8.82 -5.53 -4.67
N GLN B 172 -8.46 -4.41 -5.29
CA GLN B 172 -7.24 -4.30 -6.07
C GLN B 172 -7.19 -5.30 -7.23
N VAL B 173 -8.26 -5.34 -8.02
CA VAL B 173 -8.35 -6.22 -9.17
C VAL B 173 -7.35 -5.73 -10.21
N SER B 174 -6.69 -6.66 -10.91
CA SER B 174 -5.72 -6.31 -11.94
C SER B 174 -5.87 -7.18 -13.18
N PRO B 175 -5.07 -6.91 -14.23
CA PRO B 175 -5.14 -7.69 -15.47
C PRO B 175 -4.84 -9.17 -15.26
N THR B 176 -4.32 -9.51 -14.09
CA THR B 176 -3.98 -10.89 -13.78
C THR B 176 -4.90 -11.50 -12.73
N SER B 177 -6.00 -10.82 -12.42
CA SER B 177 -6.95 -11.32 -11.44
C SER B 177 -7.95 -12.32 -12.02
N ASN B 178 -8.37 -13.26 -11.18
CA ASN B 178 -9.33 -14.30 -11.55
C ASN B 178 -10.45 -14.19 -10.50
N ILE B 179 -11.49 -13.42 -10.81
CA ILE B 179 -12.57 -13.21 -9.85
C ILE B 179 -13.87 -13.96 -10.11
N LEU B 180 -14.64 -14.10 -9.04
CA LEU B 180 -15.94 -14.77 -9.07
C LEU B 180 -16.99 -13.75 -8.61
N LEU B 181 -18.02 -13.57 -9.43
CA LEU B 181 -19.09 -12.64 -9.08
C LEU B 181 -20.38 -13.42 -8.89
N ILE B 182 -20.99 -13.28 -7.72
CA ILE B 182 -22.25 -13.97 -7.43
C ILE B 182 -23.39 -12.97 -7.46
N GLY B 183 -24.31 -13.15 -8.40
CA GLY B 183 -25.46 -12.26 -8.50
C GLY B 183 -25.23 -11.10 -9.45
N ALA B 184 -25.75 -11.22 -10.66
CA ALA B 184 -25.62 -10.18 -11.67
C ALA B 184 -26.98 -9.53 -11.92
N GLY B 185 -27.79 -9.42 -10.87
CA GLY B 185 -29.11 -8.84 -11.00
C GLY B 185 -29.11 -7.33 -11.11
N GLY B 186 -28.67 -6.66 -10.05
CA GLY B 186 -28.65 -5.20 -10.05
C GLY B 186 -27.27 -4.63 -10.31
N LEU B 187 -26.69 -3.99 -9.29
CA LEU B 187 -25.37 -3.38 -9.41
C LEU B 187 -24.32 -4.40 -9.85
N GLY B 188 -24.69 -5.67 -9.84
CA GLY B 188 -23.77 -6.72 -10.25
C GLY B 188 -23.57 -6.66 -11.75
N GLY B 189 -24.49 -5.99 -12.44
CA GLY B 189 -24.40 -5.86 -13.87
C GLY B 189 -23.26 -4.95 -14.29
N ASN B 190 -23.24 -3.74 -13.75
CA ASN B 190 -22.19 -2.79 -14.06
C ASN B 190 -20.89 -3.25 -13.44
N ALA B 191 -20.99 -4.17 -12.48
CA ALA B 191 -19.82 -4.71 -11.81
C ALA B 191 -18.97 -5.50 -12.79
N ILE B 192 -19.63 -6.17 -13.73
CA ILE B 192 -18.95 -6.96 -14.74
C ILE B 192 -18.17 -6.04 -15.68
N GLN B 193 -18.80 -4.96 -16.11
CA GLN B 193 -18.18 -4.00 -17.01
C GLN B 193 -16.99 -3.34 -16.34
N VAL B 194 -17.13 -3.01 -15.06
CA VAL B 194 -16.07 -2.36 -14.31
C VAL B 194 -14.89 -3.31 -14.10
N ALA B 195 -15.19 -4.56 -13.72
CA ALA B 195 -14.14 -5.54 -13.51
C ALA B 195 -13.41 -5.76 -14.82
N LYS B 196 -14.17 -5.83 -15.90
CA LYS B 196 -13.62 -6.01 -17.24
C LYS B 196 -12.64 -4.89 -17.54
N ALA B 197 -12.99 -3.68 -17.12
CA ALA B 197 -12.13 -2.51 -17.35
C ALA B 197 -10.77 -2.67 -16.69
N PHE B 198 -10.74 -3.34 -15.55
CA PHE B 198 -9.48 -3.57 -14.84
C PHE B 198 -8.68 -4.71 -15.49
N GLY B 199 -9.30 -5.40 -16.44
CA GLY B 199 -8.63 -6.48 -17.15
C GLY B 199 -8.70 -7.86 -16.52
N ALA B 200 -9.55 -8.01 -15.51
CA ALA B 200 -9.67 -9.31 -14.83
C ALA B 200 -10.55 -10.31 -15.56
N LYS B 201 -10.32 -11.59 -15.28
CA LYS B 201 -11.11 -12.66 -15.85
C LYS B 201 -12.33 -12.71 -14.93
N VAL B 202 -13.53 -12.77 -15.52
CA VAL B 202 -14.73 -12.78 -14.70
C VAL B 202 -15.59 -14.04 -14.87
N THR B 203 -15.93 -14.66 -13.74
CA THR B 203 -16.78 -15.84 -13.71
C THR B 203 -18.01 -15.47 -12.89
N VAL B 204 -19.18 -15.50 -13.53
CA VAL B 204 -20.41 -15.13 -12.85
C VAL B 204 -21.27 -16.33 -12.45
N LEU B 205 -21.85 -16.24 -11.26
CA LEU B 205 -22.72 -17.28 -10.73
C LEU B 205 -24.04 -16.63 -10.40
N ASP B 206 -25.10 -17.03 -11.10
CA ASP B 206 -26.43 -16.47 -10.87
C ASP B 206 -27.49 -17.52 -11.18
N LYS B 207 -28.50 -17.58 -10.33
CA LYS B 207 -29.58 -18.54 -10.49
C LYS B 207 -30.58 -18.15 -11.58
N LYS B 208 -30.74 -16.85 -11.82
CA LYS B 208 -31.66 -16.38 -12.85
C LYS B 208 -31.10 -16.55 -14.25
N LYS B 209 -31.94 -17.03 -15.16
CA LYS B 209 -31.55 -17.24 -16.54
C LYS B 209 -31.25 -15.91 -17.25
N GLU B 210 -32.16 -14.95 -17.11
CA GLU B 210 -31.98 -13.64 -17.72
C GLU B 210 -30.69 -13.00 -17.25
N ALA B 211 -30.36 -13.19 -15.97
CA ALA B 211 -29.15 -12.63 -15.40
C ALA B 211 -27.93 -13.22 -16.10
N ARG B 212 -27.95 -14.54 -16.30
CA ARG B 212 -26.83 -15.20 -16.96
C ARG B 212 -26.68 -14.74 -18.40
N ASP B 213 -27.79 -14.58 -19.10
CA ASP B 213 -27.75 -14.13 -20.50
C ASP B 213 -27.14 -12.73 -20.55
N GLN B 214 -27.49 -11.89 -19.58
CA GLN B 214 -26.96 -10.54 -19.51
C GLN B 214 -25.46 -10.58 -19.25
N ALA B 215 -25.04 -11.52 -18.40
CA ALA B 215 -23.63 -11.66 -18.06
C ALA B 215 -22.81 -11.96 -19.31
N LYS B 216 -23.30 -12.90 -20.12
CA LYS B 216 -22.59 -13.26 -21.35
C LYS B 216 -22.45 -12.05 -22.27
N LYS B 217 -23.52 -11.27 -22.40
CA LYS B 217 -23.49 -10.10 -23.25
C LYS B 217 -22.52 -9.04 -22.75
N LEU B 218 -22.46 -8.85 -21.44
CA LEU B 218 -21.58 -7.86 -20.83
C LEU B 218 -20.10 -8.24 -20.86
N GLY B 219 -19.80 -9.37 -21.50
CA GLY B 219 -18.41 -9.79 -21.60
C GLY B 219 -17.87 -10.75 -20.55
N ALA B 220 -18.76 -11.37 -19.77
CA ALA B 220 -18.31 -12.31 -18.74
C ALA B 220 -17.62 -13.49 -19.42
N ASP B 221 -16.51 -13.93 -18.85
CA ASP B 221 -15.74 -15.04 -19.41
C ASP B 221 -16.39 -16.40 -19.15
N ALA B 222 -17.06 -16.53 -18.01
CA ALA B 222 -17.73 -17.77 -17.65
C ALA B 222 -19.01 -17.46 -16.89
N VAL B 223 -20.10 -18.10 -17.30
CA VAL B 223 -21.40 -17.88 -16.67
C VAL B 223 -22.03 -19.21 -16.29
N TYR B 224 -22.32 -19.38 -15.00
CA TYR B 224 -22.90 -20.63 -14.50
C TYR B 224 -24.12 -20.45 -13.61
N GLU B 225 -24.99 -21.45 -13.61
CA GLU B 225 -26.19 -21.48 -12.79
C GLU B 225 -25.75 -22.16 -11.50
N THR B 226 -24.73 -23.01 -11.65
CA THR B 226 -24.13 -23.77 -10.56
C THR B 226 -22.68 -24.03 -10.97
N LEU B 227 -21.73 -23.70 -10.10
CA LEU B 227 -20.32 -23.92 -10.40
C LEU B 227 -20.03 -25.39 -10.66
N PRO B 228 -19.39 -25.69 -11.80
CA PRO B 228 -19.05 -27.07 -12.19
C PRO B 228 -17.90 -27.66 -11.38
N GLU B 229 -17.83 -28.99 -11.36
CA GLU B 229 -16.79 -29.70 -10.62
C GLU B 229 -15.38 -29.36 -11.10
N SER B 230 -15.28 -28.90 -12.35
CA SER B 230 -13.99 -28.54 -12.92
C SER B 230 -13.35 -27.34 -12.24
N ILE B 231 -14.13 -26.58 -11.49
CA ILE B 231 -13.60 -25.40 -10.80
C ILE B 231 -12.92 -25.82 -9.50
N SER B 232 -11.62 -25.64 -9.44
CA SER B 232 -10.86 -26.00 -8.26
C SER B 232 -11.16 -25.06 -7.09
N PRO B 233 -11.32 -25.61 -5.89
CA PRO B 233 -11.59 -24.78 -4.71
C PRO B 233 -10.40 -23.87 -4.44
N GLY B 234 -10.66 -22.74 -3.79
CA GLY B 234 -9.58 -21.80 -3.47
C GLY B 234 -8.73 -21.44 -4.69
N SER B 235 -9.39 -21.02 -5.76
CA SER B 235 -8.69 -20.65 -6.99
C SER B 235 -8.99 -19.23 -7.47
N PHE B 236 -9.89 -18.54 -6.78
CA PHE B 236 -10.25 -17.16 -7.14
C PHE B 236 -9.54 -16.16 -6.24
N SER B 237 -8.98 -15.11 -6.86
CA SER B 237 -8.27 -14.09 -6.10
C SER B 237 -9.23 -13.16 -5.38
N ALA B 238 -10.45 -13.05 -5.88
CA ALA B 238 -11.46 -12.19 -5.27
C ALA B 238 -12.87 -12.67 -5.57
N CYS B 239 -13.75 -12.58 -4.58
CA CYS B 239 -15.14 -13.01 -4.74
C CYS B 239 -16.08 -11.91 -4.29
N PHE B 240 -16.87 -11.38 -5.22
CA PHE B 240 -17.84 -10.34 -4.90
C PHE B 240 -19.22 -10.99 -4.83
N ASP B 241 -19.79 -11.04 -3.63
CA ASP B 241 -21.09 -11.65 -3.42
C ASP B 241 -22.18 -10.58 -3.29
N PHE B 242 -22.98 -10.44 -4.34
CA PHE B 242 -24.05 -9.45 -4.39
C PHE B 242 -25.36 -9.88 -3.72
N VAL B 243 -25.51 -11.17 -3.45
CA VAL B 243 -26.72 -11.66 -2.80
C VAL B 243 -26.45 -11.70 -1.30
N SER B 244 -25.21 -12.01 -0.94
CA SER B 244 -24.77 -12.07 0.44
C SER B 244 -25.67 -12.83 1.41
N VAL B 245 -25.85 -14.11 1.16
CA VAL B 245 -26.62 -14.98 2.03
C VAL B 245 -25.60 -15.99 2.54
N GLN B 246 -25.87 -16.64 3.66
CA GLN B 246 -24.89 -17.60 4.19
C GLN B 246 -24.45 -18.64 3.17
N ALA B 247 -25.40 -19.12 2.36
CA ALA B 247 -25.09 -20.12 1.35
C ALA B 247 -24.11 -19.59 0.31
N THR B 248 -24.32 -18.36 -0.13
CA THR B 248 -23.44 -17.76 -1.13
C THR B 248 -22.11 -17.34 -0.53
N PHE B 249 -22.11 -17.01 0.76
CA PHE B 249 -20.87 -16.61 1.40
C PHE B 249 -19.98 -17.84 1.55
N ASP B 250 -20.59 -18.98 1.85
CA ASP B 250 -19.82 -20.21 1.99
C ASP B 250 -19.16 -20.55 0.67
N VAL B 251 -19.81 -20.17 -0.43
CA VAL B 251 -19.25 -20.41 -1.76
C VAL B 251 -17.98 -19.58 -1.90
N CYS B 252 -18.06 -18.32 -1.49
CA CYS B 252 -16.91 -17.41 -1.57
C CYS B 252 -15.73 -17.94 -0.77
N GLN B 253 -15.98 -18.34 0.47
CA GLN B 253 -14.93 -18.85 1.35
C GLN B 253 -14.34 -20.17 0.85
N LYS B 254 -15.11 -20.88 0.04
CA LYS B 254 -14.65 -22.15 -0.50
C LYS B 254 -13.81 -21.94 -1.77
N TYR B 255 -14.23 -21.00 -2.60
CA TYR B 255 -13.53 -20.74 -3.85
C TYR B 255 -12.50 -19.62 -3.85
N VAL B 256 -12.39 -18.88 -2.74
CA VAL B 256 -11.41 -17.83 -2.66
C VAL B 256 -10.07 -18.49 -2.37
N GLU B 257 -9.02 -18.09 -3.09
CA GLU B 257 -7.70 -18.66 -2.88
C GLU B 257 -7.07 -18.07 -1.64
N PRO B 258 -5.95 -18.66 -1.16
CA PRO B 258 -5.29 -18.14 0.03
C PRO B 258 -4.90 -16.67 -0.15
N LYS B 259 -5.10 -15.88 0.89
CA LYS B 259 -4.77 -14.46 0.87
C LYS B 259 -5.76 -13.69 -0.01
N GLY B 260 -6.73 -14.41 -0.57
CA GLY B 260 -7.73 -13.78 -1.42
C GLY B 260 -8.71 -12.93 -0.62
N VAL B 261 -9.61 -12.25 -1.32
CA VAL B 261 -10.58 -11.39 -0.65
C VAL B 261 -12.04 -11.69 -0.96
N ILE B 262 -12.87 -11.61 0.07
CA ILE B 262 -14.31 -11.84 -0.08
C ILE B 262 -14.99 -10.49 0.14
N MET B 263 -15.79 -10.09 -0.86
CA MET B 263 -16.50 -8.81 -0.80
C MET B 263 -18.01 -9.05 -0.66
N PRO B 264 -18.54 -8.97 0.58
CA PRO B 264 -19.97 -9.17 0.80
C PRO B 264 -20.74 -7.89 0.50
N VAL B 265 -21.04 -7.65 -0.77
CA VAL B 265 -21.75 -6.45 -1.20
C VAL B 265 -23.24 -6.65 -1.44
N GLY B 266 -23.88 -7.45 -0.58
CA GLY B 266 -25.29 -7.71 -0.72
C GLY B 266 -26.08 -7.41 0.55
N LEU B 267 -27.37 -7.71 0.52
CA LEU B 267 -28.23 -7.47 1.68
C LEU B 267 -28.92 -8.78 2.07
N GLY B 268 -28.34 -9.89 1.64
CA GLY B 268 -28.91 -11.20 1.93
C GLY B 268 -29.43 -11.43 3.34
N ALA B 269 -28.58 -11.18 4.33
CA ALA B 269 -28.97 -11.37 5.72
C ALA B 269 -28.29 -10.36 6.65
N PRO B 270 -28.86 -10.16 7.86
CA PRO B 270 -28.29 -9.22 8.83
C PRO B 270 -26.96 -9.70 9.39
N ASN B 271 -26.75 -11.01 9.33
CA ASN B 271 -25.51 -11.61 9.82
C ASN B 271 -24.98 -12.67 8.87
N LEU B 272 -23.69 -12.96 8.98
CA LEU B 272 -23.02 -13.96 8.15
C LEU B 272 -21.86 -14.51 8.95
N SER B 273 -21.67 -15.83 8.88
CA SER B 273 -20.59 -16.48 9.62
C SER B 273 -19.54 -17.02 8.66
N PHE B 274 -18.30 -17.08 9.15
CA PHE B 274 -17.20 -17.60 8.35
C PHE B 274 -16.42 -18.62 9.16
N ASN B 275 -15.81 -19.59 8.47
CA ASN B 275 -15.04 -20.62 9.15
C ASN B 275 -13.72 -20.00 9.62
N LEU B 276 -13.62 -19.78 10.92
CA LEU B 276 -12.43 -19.17 11.53
C LEU B 276 -11.12 -19.86 11.14
N GLY B 277 -11.07 -21.17 11.32
CA GLY B 277 -9.87 -21.91 10.99
C GLY B 277 -9.44 -21.70 9.55
N ASP B 278 -10.40 -21.72 8.63
CA ASP B 278 -10.12 -21.53 7.21
C ASP B 278 -9.61 -20.12 6.94
N LEU B 279 -10.26 -19.13 7.54
CA LEU B 279 -9.89 -17.73 7.36
C LEU B 279 -8.46 -17.44 7.82
N ALA B 280 -8.13 -17.88 9.03
CA ALA B 280 -6.81 -17.65 9.61
C ALA B 280 -5.71 -18.41 8.89
N LEU B 281 -5.90 -19.72 8.73
CA LEU B 281 -4.91 -20.56 8.09
C LEU B 281 -4.52 -20.12 6.68
N ARG B 282 -5.51 -19.70 5.89
CA ARG B 282 -5.24 -19.26 4.52
C ARG B 282 -5.28 -17.74 4.39
N GLU B 283 -5.28 -17.07 5.54
CA GLU B 283 -5.31 -15.62 5.61
C GLU B 283 -6.31 -14.93 4.70
N ILE B 284 -7.53 -15.43 4.66
CA ILE B 284 -8.56 -14.81 3.83
C ILE B 284 -8.95 -13.49 4.48
N ARG B 285 -9.37 -12.54 3.66
CA ARG B 285 -9.79 -11.25 4.20
C ARG B 285 -11.18 -10.85 3.70
N ILE B 286 -11.98 -10.34 4.62
CA ILE B 286 -13.33 -9.90 4.33
C ILE B 286 -13.36 -8.38 4.45
N LEU B 287 -13.63 -7.70 3.34
CA LEU B 287 -13.65 -6.26 3.33
C LEU B 287 -15.04 -5.66 3.14
N GLY B 288 -15.40 -4.72 4.01
CA GLY B 288 -16.69 -4.06 3.92
C GLY B 288 -16.59 -2.95 2.89
N SER B 289 -17.67 -2.72 2.15
CA SER B 289 -17.68 -1.68 1.14
C SER B 289 -18.99 -0.89 1.15
N PHE B 290 -18.89 0.43 1.16
CA PHE B 290 -20.08 1.28 1.17
C PHE B 290 -20.04 2.40 0.15
N TRP B 291 -21.04 2.42 -0.71
CA TRP B 291 -21.17 3.44 -1.76
C TRP B 291 -19.82 3.70 -2.42
N GLY B 292 -19.39 4.96 -2.40
CA GLY B 292 -18.11 5.33 -2.99
C GLY B 292 -17.65 6.71 -2.54
N THR B 293 -16.39 7.04 -2.81
CA THR B 293 -15.84 8.34 -2.42
C THR B 293 -16.02 9.36 -3.54
N THR B 294 -15.67 10.60 -3.26
CA THR B 294 -15.78 11.67 -4.23
C THR B 294 -14.85 11.42 -5.41
N ASN B 295 -13.62 11.02 -5.13
CA ASN B 295 -12.66 10.75 -6.20
C ASN B 295 -13.07 9.52 -7.01
N ASP B 296 -13.76 8.58 -6.37
CA ASP B 296 -14.22 7.38 -7.07
C ASP B 296 -15.16 7.83 -8.19
N LEU B 297 -16.03 8.78 -7.88
CA LEU B 297 -16.98 9.28 -8.86
C LEU B 297 -16.25 9.91 -10.04
N ASP B 298 -15.11 10.54 -9.76
CA ASP B 298 -14.31 11.14 -10.83
C ASP B 298 -13.89 10.02 -11.77
N ASP B 299 -13.40 8.92 -11.19
CA ASP B 299 -12.96 7.78 -11.99
C ASP B 299 -14.14 7.18 -12.75
N VAL B 300 -15.29 7.07 -12.08
CA VAL B 300 -16.49 6.52 -12.70
C VAL B 300 -16.90 7.33 -13.92
N LEU B 301 -16.96 8.64 -13.79
CA LEU B 301 -17.35 9.50 -14.89
C LEU B 301 -16.34 9.44 -16.03
N LYS B 302 -15.11 9.06 -15.71
CA LYS B 302 -14.09 8.95 -16.74
C LYS B 302 -14.29 7.64 -17.47
N LEU B 303 -14.54 6.57 -16.72
CA LEU B 303 -14.77 5.27 -17.32
C LEU B 303 -15.99 5.32 -18.23
N VAL B 304 -17.04 6.00 -17.78
CA VAL B 304 -18.26 6.13 -18.57
C VAL B 304 -17.99 6.98 -19.80
N SER B 305 -17.27 8.07 -19.60
CA SER B 305 -16.92 8.99 -20.68
C SER B 305 -16.13 8.28 -21.77
N GLU B 306 -15.28 7.34 -21.38
CA GLU B 306 -14.46 6.60 -22.33
C GLU B 306 -15.23 5.45 -22.97
N GLY B 307 -16.39 5.12 -22.41
CA GLY B 307 -17.19 4.06 -22.97
C GLY B 307 -16.86 2.66 -22.45
N LYS B 308 -16.14 2.59 -21.34
CA LYS B 308 -15.78 1.29 -20.78
C LYS B 308 -16.91 0.74 -19.92
N VAL B 309 -17.82 1.63 -19.53
CA VAL B 309 -18.98 1.27 -18.73
C VAL B 309 -20.15 2.02 -19.34
N LYS B 310 -21.21 1.28 -19.71
CA LYS B 310 -22.38 1.90 -20.32
C LYS B 310 -23.66 1.51 -19.59
N PRO B 311 -24.07 2.32 -18.61
CA PRO B 311 -25.29 2.04 -17.85
C PRO B 311 -26.56 2.26 -18.66
N VAL B 312 -27.45 1.29 -18.64
CA VAL B 312 -28.70 1.37 -19.37
C VAL B 312 -29.67 2.26 -18.58
N VAL B 313 -30.17 3.31 -19.22
CA VAL B 313 -31.07 4.23 -18.55
C VAL B 313 -32.19 4.77 -19.43
N ARG B 314 -33.38 4.89 -18.84
CA ARG B 314 -34.54 5.43 -19.53
C ARG B 314 -35.04 6.59 -18.67
N SER B 315 -35.42 7.69 -19.31
CA SER B 315 -35.87 8.86 -18.57
C SER B 315 -37.38 9.06 -18.51
N ALA B 316 -37.80 10.01 -17.69
CA ALA B 316 -39.20 10.35 -17.51
C ALA B 316 -39.32 11.65 -16.72
N LYS B 317 -40.49 12.28 -16.78
CA LYS B 317 -40.71 13.53 -16.07
C LYS B 317 -40.70 13.22 -14.57
N LEU B 318 -40.15 14.13 -13.77
CA LEU B 318 -40.09 13.92 -12.33
C LEU B 318 -41.45 13.71 -11.68
N LYS B 319 -42.47 14.44 -12.15
CA LYS B 319 -43.81 14.30 -11.58
C LYS B 319 -44.42 12.92 -11.82
N GLU B 320 -43.66 12.02 -12.45
CA GLU B 320 -44.13 10.67 -12.73
C GLU B 320 -43.54 9.71 -11.71
N LEU B 321 -42.69 10.23 -10.83
CA LEU B 321 -42.02 9.42 -9.81
C LEU B 321 -42.94 8.47 -9.04
N PRO B 322 -44.07 8.99 -8.52
CA PRO B 322 -44.99 8.14 -7.76
C PRO B 322 -45.33 6.80 -8.44
N GLU B 323 -45.64 6.85 -9.74
CA GLU B 323 -45.98 5.63 -10.47
C GLU B 323 -44.79 4.69 -10.57
N TYR B 324 -43.62 5.25 -10.87
CA TYR B 324 -42.42 4.44 -11.00
C TYR B 324 -42.01 3.83 -9.66
N ILE B 325 -42.32 4.53 -8.58
CA ILE B 325 -42.01 4.02 -7.24
C ILE B 325 -42.82 2.75 -7.01
N GLU B 326 -44.14 2.86 -7.18
CA GLU B 326 -45.04 1.74 -6.99
C GLU B 326 -44.65 0.54 -7.86
N LYS B 327 -44.34 0.81 -9.13
CA LYS B 327 -43.96 -0.26 -10.03
C LYS B 327 -42.65 -0.92 -9.59
N LEU B 328 -41.66 -0.12 -9.20
CA LEU B 328 -40.39 -0.65 -8.75
C LEU B 328 -40.66 -1.44 -7.47
N ARG B 329 -41.61 -0.93 -6.69
CA ARG B 329 -42.02 -1.52 -5.44
C ARG B 329 -42.59 -2.92 -5.68
N ASN B 330 -42.94 -3.19 -6.94
CA ASN B 330 -43.48 -4.48 -7.32
C ASN B 330 -42.64 -5.17 -8.38
N ASN B 331 -41.41 -4.72 -8.53
CA ASN B 331 -40.49 -5.28 -9.52
C ASN B 331 -40.93 -4.99 -10.96
N ALA B 332 -42.10 -4.38 -11.12
CA ALA B 332 -42.67 -4.02 -12.43
C ALA B 332 -41.63 -3.65 -13.49
N TYR B 333 -41.42 -2.36 -13.71
CA TYR B 333 -40.45 -1.90 -14.71
C TYR B 333 -39.04 -2.49 -14.54
N GLU B 334 -38.58 -2.64 -13.31
CA GLU B 334 -37.24 -3.20 -13.03
C GLU B 334 -36.06 -2.38 -13.54
N GLY B 335 -36.19 -1.84 -14.75
CA GLY B 335 -35.12 -1.10 -15.37
C GLY B 335 -34.79 0.28 -14.84
N ARG B 336 -33.49 0.52 -14.63
CA ARG B 336 -33.03 1.82 -14.14
C ARG B 336 -33.86 2.93 -14.78
N VAL B 337 -34.24 3.92 -14.00
CA VAL B 337 -35.05 5.03 -14.49
C VAL B 337 -34.64 6.35 -13.84
N VAL B 338 -34.37 7.36 -14.65
CA VAL B 338 -33.98 8.67 -14.14
C VAL B 338 -35.07 9.70 -14.46
N PHE B 339 -35.18 10.73 -13.61
CA PHE B 339 -36.21 11.75 -13.82
C PHE B 339 -35.66 13.16 -14.05
N ASN B 340 -36.32 13.88 -14.95
CA ASN B 340 -35.95 15.24 -15.30
C ASN B 340 -36.95 16.23 -14.69
N PRO B 341 -36.48 17.09 -13.78
CA PRO B 341 -37.30 18.10 -13.10
C PRO B 341 -37.98 19.06 -14.06
N ILE C 8 27.56 -37.34 17.30
CA ILE C 8 27.02 -37.90 16.03
C ILE C 8 26.32 -39.23 16.30
N PRO C 9 25.45 -39.29 17.32
CA PRO C 9 24.73 -40.53 17.65
C PRO C 9 23.85 -41.02 16.50
N SER C 10 23.77 -42.34 16.35
CA SER C 10 22.96 -42.94 15.30
C SER C 10 21.53 -43.18 15.78
N SER C 11 21.30 -42.98 17.07
CA SER C 11 19.98 -43.15 17.66
C SER C 11 19.72 -42.03 18.65
N GLN C 12 18.46 -41.79 18.97
CA GLN C 12 18.09 -40.72 19.90
C GLN C 12 16.71 -40.95 20.48
N TYR C 13 16.31 -40.09 21.42
CA TYR C 13 14.99 -40.19 22.04
C TYR C 13 14.17 -38.98 21.64
N GLY C 14 12.86 -39.05 21.84
CA GLY C 14 11.99 -37.95 21.49
C GLY C 14 10.53 -38.28 21.70
N PHE C 15 9.68 -37.27 21.63
CA PHE C 15 8.24 -37.46 21.81
C PHE C 15 7.51 -37.41 20.49
N VAL C 16 6.92 -38.53 20.10
CA VAL C 16 6.17 -38.63 18.86
C VAL C 16 4.67 -38.69 19.11
N PHE C 17 3.90 -38.00 18.27
CA PHE C 17 2.46 -38.00 18.42
C PHE C 17 1.82 -38.99 17.46
N ASN C 18 0.70 -39.56 17.89
CA ASN C 18 -0.03 -40.53 17.09
C ASN C 18 -1.50 -40.50 17.50
N LYS C 19 -2.38 -40.32 16.52
CA LYS C 19 -3.81 -40.26 16.79
C LYS C 19 -4.34 -41.44 17.61
N GLN C 20 -3.52 -42.48 17.74
CA GLN C 20 -3.92 -43.66 18.49
C GLN C 20 -3.37 -43.70 19.91
N SER C 21 -2.06 -43.50 20.04
CA SER C 21 -1.42 -43.52 21.36
C SER C 21 -0.98 -42.15 21.85
N GLY C 22 -1.52 -41.09 21.25
CA GLY C 22 -1.16 -39.74 21.66
C GLY C 22 0.34 -39.49 21.63
N LEU C 23 0.79 -38.54 22.43
CA LEU C 23 2.22 -38.21 22.49
C LEU C 23 2.96 -39.15 23.42
N LYS C 24 3.79 -40.03 22.85
CA LYS C 24 4.55 -40.99 23.64
C LYS C 24 6.05 -40.78 23.48
N LEU C 25 6.79 -41.17 24.52
CA LEU C 25 8.24 -41.04 24.51
C LEU C 25 8.88 -42.23 23.81
N ARG C 26 9.85 -41.95 22.94
CA ARG C 26 10.56 -42.99 22.21
C ARG C 26 12.04 -42.84 22.49
N ASN C 27 12.72 -43.95 22.76
CA ASN C 27 14.15 -43.92 23.05
C ASN C 27 14.95 -44.59 21.94
N ASP C 28 14.24 -45.10 20.94
CA ASP C 28 14.89 -45.78 19.82
C ASP C 28 14.75 -45.04 18.49
N LEU C 29 14.38 -43.76 18.55
CA LEU C 29 14.23 -42.97 17.33
C LEU C 29 15.56 -42.85 16.60
N PRO C 30 15.52 -42.89 15.26
CA PRO C 30 16.72 -42.78 14.42
C PRO C 30 17.22 -41.35 14.25
N VAL C 31 18.47 -41.24 13.81
CA VAL C 31 19.09 -39.94 13.57
C VAL C 31 19.38 -39.85 12.08
N HIS C 32 18.43 -39.29 11.33
CA HIS C 32 18.56 -39.15 9.89
C HIS C 32 19.81 -38.39 9.47
N LYS C 33 20.42 -38.85 8.37
CA LYS C 33 21.61 -38.21 7.83
C LYS C 33 21.17 -37.35 6.66
N PRO C 34 21.47 -36.05 6.72
CA PRO C 34 21.10 -35.10 5.66
C PRO C 34 21.63 -35.44 4.27
N LYS C 35 20.76 -35.29 3.28
CA LYS C 35 21.11 -35.56 1.89
C LYS C 35 21.43 -34.21 1.25
N ALA C 36 21.65 -34.21 -0.05
CA ALA C 36 21.95 -32.97 -0.75
C ALA C 36 20.84 -31.96 -0.51
N GLY C 37 21.21 -30.74 -0.17
CA GLY C 37 20.22 -29.71 0.09
C GLY C 37 19.59 -29.77 1.46
N GLN C 38 19.77 -30.90 2.15
CA GLN C 38 19.20 -31.05 3.48
C GLN C 38 20.19 -30.62 4.56
N LEU C 39 19.74 -30.64 5.81
CA LEU C 39 20.57 -30.22 6.94
C LEU C 39 20.06 -30.84 8.23
N LEU C 40 20.99 -31.27 9.09
CA LEU C 40 20.64 -31.86 10.37
C LEU C 40 20.82 -30.83 11.46
N LEU C 41 19.80 -30.64 12.28
CA LEU C 41 19.86 -29.65 13.36
C LEU C 41 19.83 -30.27 14.75
N LYS C 42 20.76 -29.85 15.60
CA LYS C 42 20.83 -30.33 16.96
C LYS C 42 20.02 -29.36 17.81
N VAL C 43 18.86 -29.82 18.28
CA VAL C 43 17.96 -29.00 19.08
C VAL C 43 18.57 -28.57 20.41
N ASP C 44 18.60 -27.26 20.65
CA ASP C 44 19.13 -26.71 21.89
C ASP C 44 17.98 -26.31 22.80
N ALA C 45 16.88 -25.86 22.19
CA ALA C 45 15.71 -25.44 22.95
C ALA C 45 14.44 -25.61 22.10
N VAL C 46 13.37 -26.03 22.75
CA VAL C 46 12.08 -26.22 22.07
C VAL C 46 10.95 -25.73 22.97
N GLY C 47 10.09 -24.88 22.41
CA GLY C 47 8.99 -24.33 23.18
C GLY C 47 7.74 -25.17 23.27
N LEU C 48 6.79 -24.70 24.08
CA LEU C 48 5.51 -25.38 24.30
C LEU C 48 4.40 -24.34 24.45
N CYS C 49 3.25 -24.60 23.83
CA CYS C 49 2.12 -23.69 23.92
C CYS C 49 0.81 -24.45 23.69
N HIS C 50 -0.31 -23.82 24.01
CA HIS C 50 -1.62 -24.44 23.86
C HIS C 50 -1.84 -25.09 22.50
N SER C 51 -1.20 -24.57 21.46
CA SER C 51 -1.35 -25.12 20.13
C SER C 51 -1.05 -26.61 20.13
N ASP C 52 -0.15 -27.03 21.01
CA ASP C 52 0.22 -28.44 21.13
C ASP C 52 -0.90 -29.22 21.79
N LEU C 53 -1.56 -28.59 22.75
CA LEU C 53 -2.66 -29.22 23.48
C LEU C 53 -3.84 -29.52 22.57
N HIS C 54 -4.13 -28.59 21.65
CA HIS C 54 -5.22 -28.75 20.71
C HIS C 54 -5.02 -29.98 19.83
N VAL C 55 -3.77 -30.23 19.45
CA VAL C 55 -3.43 -31.36 18.60
C VAL C 55 -3.46 -32.70 19.34
N ILE C 56 -3.16 -32.66 20.63
CA ILE C 56 -3.11 -33.86 21.44
C ILE C 56 -4.43 -34.20 22.14
N TYR C 57 -5.07 -33.20 22.72
CA TYR C 57 -6.31 -33.42 23.45
C TYR C 57 -7.58 -32.90 22.79
N GLU C 58 -7.45 -32.26 21.63
CA GLU C 58 -8.62 -31.73 20.95
C GLU C 58 -8.72 -32.04 19.46
N GLY C 59 -8.40 -33.29 19.11
CA GLY C 59 -8.46 -33.74 17.73
C GLY C 59 -7.98 -32.81 16.63
N LEU C 60 -7.15 -31.82 16.96
CA LEU C 60 -6.64 -30.91 15.94
C LEU C 60 -5.70 -31.72 15.06
N ASP C 61 -6.18 -32.10 13.88
CA ASP C 61 -5.38 -32.90 12.96
C ASP C 61 -4.44 -32.10 12.06
N CYS C 62 -3.15 -32.20 12.34
CA CYS C 62 -2.12 -31.54 11.55
C CYS C 62 -1.32 -32.65 10.89
N GLY C 63 -1.91 -33.84 10.88
CA GLY C 63 -1.27 -35.00 10.30
C GLY C 63 -1.20 -36.08 11.35
N ASP C 64 -0.26 -37.00 11.21
CA ASP C 64 -0.10 -38.07 12.17
C ASP C 64 1.28 -38.72 12.09
N ASN C 65 1.71 -39.30 13.21
CA ASN C 65 3.01 -39.96 13.29
C ASN C 65 4.16 -38.99 12.97
N TYR C 66 4.48 -38.14 13.94
CA TYR C 66 5.56 -37.17 13.78
C TYR C 66 5.97 -36.58 15.12
N VAL C 67 7.23 -36.19 15.24
CA VAL C 67 7.73 -35.59 16.47
C VAL C 67 7.13 -34.21 16.59
N MET C 68 6.66 -33.85 17.78
CA MET C 68 6.06 -32.53 17.98
C MET C 68 7.09 -31.49 18.42
N GLY C 69 6.60 -30.30 18.74
CA GLY C 69 7.48 -29.22 19.14
C GLY C 69 7.71 -28.36 17.92
N HIS C 70 6.99 -27.24 17.84
CA HIS C 70 7.08 -26.34 16.69
C HIS C 70 7.81 -25.03 16.97
N GLU C 71 8.39 -24.91 18.15
CA GLU C 71 9.13 -23.70 18.52
C GLU C 71 10.57 -24.17 18.68
N ILE C 72 11.25 -24.31 17.54
CA ILE C 72 12.62 -24.81 17.51
C ILE C 72 13.74 -23.78 17.49
N ALA C 73 14.87 -24.18 18.06
CA ALA C 73 16.07 -23.36 18.14
C ALA C 73 17.22 -24.34 18.35
N GLY C 74 18.20 -24.32 17.46
CA GLY C 74 19.31 -25.23 17.60
C GLY C 74 20.56 -24.84 16.85
N THR C 75 21.48 -25.78 16.72
CA THR C 75 22.75 -25.55 16.02
C THR C 75 22.91 -26.57 14.90
N VAL C 76 23.36 -26.10 13.75
CA VAL C 76 23.57 -26.98 12.60
C VAL C 76 24.64 -28.01 12.92
N ALA C 77 24.25 -29.27 12.98
CA ALA C 77 25.17 -30.36 13.28
C ALA C 77 25.84 -30.90 12.02
N ALA C 78 25.05 -31.12 10.98
CA ALA C 78 25.58 -31.64 9.72
C ALA C 78 24.81 -31.08 8.53
N VAL C 79 25.51 -30.85 7.43
CA VAL C 79 24.88 -30.31 6.22
C VAL C 79 25.22 -31.14 4.98
N GLY C 80 24.18 -31.64 4.32
CA GLY C 80 24.40 -32.42 3.12
C GLY C 80 25.07 -31.55 2.07
N ASP C 81 25.50 -32.16 0.98
CA ASP C 81 26.16 -31.42 -0.09
C ASP C 81 25.19 -30.43 -0.73
N ASP C 82 25.75 -29.44 -1.42
CA ASP C 82 24.98 -28.41 -2.10
C ASP C 82 24.46 -27.32 -1.17
N VAL C 83 24.44 -27.59 0.14
CA VAL C 83 23.98 -26.60 1.11
C VAL C 83 25.02 -25.48 1.12
N ILE C 84 24.62 -24.30 0.68
CA ILE C 84 25.54 -23.16 0.60
C ILE C 84 25.37 -22.08 1.66
N ASN C 85 24.14 -21.79 2.06
CA ASN C 85 23.90 -20.76 3.05
C ASN C 85 24.32 -21.13 4.48
N TYR C 86 24.08 -22.37 4.88
CA TYR C 86 24.43 -22.80 6.22
C TYR C 86 25.54 -23.84 6.26
N LYS C 87 26.10 -24.05 7.45
CA LYS C 87 27.17 -25.02 7.65
C LYS C 87 27.43 -25.22 9.14
N VAL C 88 27.82 -26.44 9.49
CA VAL C 88 28.10 -26.82 10.88
C VAL C 88 28.52 -25.68 11.79
N GLY C 89 27.81 -25.54 12.91
CA GLY C 89 28.13 -24.48 13.86
C GLY C 89 27.15 -23.33 13.88
N ASP C 90 26.47 -23.10 12.77
CA ASP C 90 25.51 -22.01 12.69
C ASP C 90 24.31 -22.23 13.61
N ARG C 91 23.95 -21.18 14.36
CA ARG C 91 22.82 -21.24 15.27
C ARG C 91 21.60 -20.69 14.53
N VAL C 92 20.53 -21.47 14.49
CA VAL C 92 19.33 -21.05 13.77
C VAL C 92 18.03 -21.43 14.47
N ALA C 93 16.94 -20.81 14.03
CA ALA C 93 15.61 -21.07 14.54
C ALA C 93 14.75 -21.50 13.37
N CYS C 94 13.83 -22.43 13.60
CA CYS C 94 12.97 -22.93 12.54
C CYS C 94 11.74 -22.06 12.27
N VAL C 95 11.37 -21.97 11.00
CA VAL C 95 10.21 -21.19 10.58
C VAL C 95 9.03 -22.15 10.46
N GLY C 96 8.21 -22.19 11.51
CA GLY C 96 7.05 -23.06 11.57
C GLY C 96 6.45 -23.58 10.27
N PRO C 97 5.80 -22.71 9.49
CA PRO C 97 5.16 -23.07 8.21
C PRO C 97 5.98 -23.99 7.31
N ASN C 98 7.31 -23.84 7.33
CA ASN C 98 8.19 -24.67 6.51
C ASN C 98 7.74 -24.74 5.05
N GLY C 99 7.56 -23.56 4.44
CA GLY C 99 7.12 -23.50 3.05
C GLY C 99 8.00 -24.25 2.06
N CYS C 100 7.43 -24.56 0.89
CA CYS C 100 8.16 -25.27 -0.15
C CYS C 100 9.17 -24.36 -0.84
N GLY C 101 8.85 -23.07 -0.87
CA GLY C 101 9.73 -22.11 -1.51
C GLY C 101 9.73 -22.18 -3.02
N GLY C 102 8.73 -22.86 -3.59
CA GLY C 102 8.66 -22.98 -5.03
C GLY C 102 7.38 -22.43 -5.64
N CYS C 103 6.32 -22.39 -4.85
CA CYS C 103 5.03 -21.88 -5.33
C CYS C 103 5.03 -20.36 -5.40
N LYS C 104 3.98 -19.80 -5.98
CA LYS C 104 3.87 -18.34 -6.12
C LYS C 104 3.74 -17.66 -4.76
N TYR C 105 3.13 -18.36 -3.80
CA TYR C 105 2.95 -17.83 -2.46
C TYR C 105 4.29 -17.68 -1.75
N CYS C 106 5.08 -18.75 -1.77
CA CYS C 106 6.40 -18.71 -1.12
C CYS C 106 7.28 -17.62 -1.72
N ARG C 107 7.42 -17.60 -3.04
CA ARG C 107 8.24 -16.58 -3.68
C ARG C 107 7.43 -15.30 -3.89
N GLY C 108 6.36 -15.17 -3.11
CA GLY C 108 5.51 -14.00 -3.19
C GLY C 108 5.53 -13.27 -1.85
N ALA C 109 6.45 -13.70 -0.99
CA ALA C 109 6.63 -13.13 0.35
C ALA C 109 5.62 -13.62 1.39
N ILE C 110 4.94 -14.71 1.09
CA ILE C 110 3.96 -15.26 2.02
C ILE C 110 4.08 -16.78 2.11
N ASP C 111 5.28 -17.25 2.46
CA ASP C 111 5.55 -18.68 2.59
C ASP C 111 4.80 -19.34 3.75
N ASN C 112 4.10 -18.55 4.54
CA ASN C 112 3.36 -19.08 5.68
C ASN C 112 2.02 -19.66 5.25
N VAL C 113 1.58 -19.31 4.04
CA VAL C 113 0.32 -19.83 3.52
C VAL C 113 0.55 -20.76 2.34
N CYS C 114 1.70 -21.43 2.34
CA CYS C 114 2.04 -22.36 1.27
C CYS C 114 1.10 -23.57 1.30
N LYS C 115 0.48 -23.86 0.16
CA LYS C 115 -0.43 -24.98 0.06
C LYS C 115 0.28 -26.33 0.06
N ASN C 116 1.43 -26.39 -0.61
CA ASN C 116 2.19 -27.63 -0.68
C ASN C 116 2.75 -28.05 0.68
N ALA C 117 2.89 -27.10 1.59
CA ALA C 117 3.43 -27.36 2.91
C ALA C 117 2.38 -27.72 3.96
N PHE C 118 1.11 -27.62 3.60
CA PHE C 118 0.03 -27.92 4.54
C PHE C 118 0.24 -29.32 5.11
N GLY C 119 0.28 -29.42 6.43
CA GLY C 119 0.47 -30.71 7.07
C GLY C 119 1.92 -31.16 7.08
N ASP C 120 2.82 -30.21 6.86
CA ASP C 120 4.25 -30.51 6.85
C ASP C 120 5.00 -29.47 7.67
N TRP C 121 4.31 -28.88 8.65
CA TRP C 121 4.91 -27.87 9.51
C TRP C 121 5.75 -28.53 10.59
N PHE C 122 6.83 -27.85 10.98
CA PHE C 122 7.72 -28.37 12.03
C PHE C 122 6.93 -28.65 13.31
N GLY C 123 6.96 -29.91 13.74
CA GLY C 123 6.25 -30.29 14.95
C GLY C 123 4.74 -30.35 14.80
N LEU C 124 4.25 -30.07 13.60
CA LEU C 124 2.81 -30.08 13.33
C LEU C 124 2.54 -30.65 11.96
N GLY C 125 2.92 -31.91 11.77
CA GLY C 125 2.74 -32.58 10.49
C GLY C 125 4.05 -33.24 10.12
N TYR C 126 5.13 -32.48 10.29
CA TYR C 126 6.48 -32.97 10.02
C TYR C 126 7.19 -33.00 11.35
N ASP C 127 8.22 -33.84 11.48
CA ASP C 127 8.96 -33.96 12.72
C ASP C 127 9.36 -32.59 13.28
N GLY C 128 9.26 -32.45 14.61
CA GLY C 128 9.57 -31.19 15.24
C GLY C 128 10.85 -31.15 16.08
N GLY C 129 10.78 -30.42 17.18
CA GLY C 129 11.95 -30.28 18.05
C GLY C 129 11.95 -31.06 19.34
N TYR C 130 10.90 -31.83 19.61
CA TYR C 130 10.88 -32.62 20.84
C TYR C 130 11.75 -33.84 20.66
N GLN C 131 12.99 -33.59 20.25
CA GLN C 131 13.98 -34.64 20.04
C GLN C 131 15.36 -34.00 20.10
N GLN C 132 16.40 -34.82 19.94
CA GLN C 132 17.77 -34.33 20.00
C GLN C 132 18.29 -33.82 18.65
N TYR C 133 17.90 -34.48 17.57
CA TYR C 133 18.34 -34.07 16.24
C TYR C 133 17.20 -34.03 15.24
N LEU C 134 16.96 -32.84 14.68
CA LEU C 134 15.89 -32.63 13.71
C LEU C 134 16.44 -32.53 12.29
N LEU C 135 15.80 -33.25 11.37
CA LEU C 135 16.21 -33.22 9.97
C LEU C 135 15.44 -32.11 9.27
N VAL C 136 16.17 -31.18 8.65
CA VAL C 136 15.54 -30.07 7.95
C VAL C 136 15.53 -30.30 6.46
N THR C 137 14.39 -30.72 5.93
CA THR C 137 14.25 -31.00 4.50
C THR C 137 14.39 -29.74 3.66
N ARG C 138 14.00 -28.60 4.21
CA ARG C 138 14.11 -27.33 3.50
C ARG C 138 14.73 -26.25 4.38
N PRO C 139 16.07 -26.12 4.32
CA PRO C 139 16.83 -25.15 5.09
C PRO C 139 16.54 -23.67 4.83
N ARG C 140 15.65 -23.41 3.87
CA ARG C 140 15.28 -22.02 3.56
C ARG C 140 14.44 -21.49 4.72
N ASN C 141 13.78 -22.40 5.41
CA ASN C 141 12.92 -22.04 6.53
C ASN C 141 13.65 -22.01 7.86
N LEU C 142 14.75 -21.26 7.88
CA LEU C 142 15.58 -21.11 9.07
C LEU C 142 16.00 -19.65 9.19
N SER C 143 16.17 -19.19 10.42
CA SER C 143 16.59 -17.82 10.68
C SER C 143 17.81 -17.82 11.59
N ARG C 144 18.89 -17.18 11.15
CA ARG C 144 20.11 -17.11 11.96
C ARG C 144 19.82 -16.44 13.29
N ILE C 145 20.31 -17.04 14.37
CA ILE C 145 20.11 -16.50 15.70
C ILE C 145 21.23 -15.53 16.06
N PRO C 146 20.90 -14.27 16.35
CA PRO C 146 21.91 -13.28 16.72
C PRO C 146 22.79 -13.77 17.86
N ASP C 147 24.04 -13.28 17.92
CA ASP C 147 24.99 -13.69 18.94
C ASP C 147 24.51 -13.42 20.37
N ASN C 148 23.81 -12.31 20.56
CA ASN C 148 23.33 -11.93 21.89
C ASN C 148 21.97 -12.53 22.26
N VAL C 149 21.50 -13.49 21.47
CA VAL C 149 20.22 -14.12 21.75
C VAL C 149 20.42 -15.60 22.04
N SER C 150 20.04 -16.03 23.24
CA SER C 150 20.19 -17.42 23.65
C SER C 150 19.25 -18.33 22.88
N ALA C 151 19.52 -19.62 22.93
CA ALA C 151 18.70 -20.62 22.25
C ALA C 151 17.29 -20.62 22.82
N ASP C 152 17.19 -20.54 24.14
CA ASP C 152 15.89 -20.54 24.81
C ASP C 152 15.03 -19.36 24.36
N VAL C 153 15.60 -18.16 24.41
CA VAL C 153 14.87 -16.96 24.00
C VAL C 153 14.45 -17.04 22.54
N ALA C 154 15.37 -17.47 21.69
CA ALA C 154 15.09 -17.59 20.26
C ALA C 154 13.92 -18.55 20.02
N ALA C 155 13.99 -19.74 20.62
CA ALA C 155 12.93 -20.72 20.46
C ALA C 155 11.60 -20.12 20.87
N ALA C 156 11.60 -19.40 21.99
CA ALA C 156 10.40 -18.76 22.51
C ALA C 156 9.89 -17.64 21.61
N SER C 157 10.69 -17.26 20.63
CA SER C 157 10.30 -16.19 19.71
C SER C 157 9.76 -16.71 18.39
N THR C 158 9.90 -18.01 18.17
CA THR C 158 9.44 -18.64 16.93
C THR C 158 7.93 -18.69 16.79
N ASP C 159 7.21 -18.34 17.85
CA ASP C 159 5.75 -18.36 17.81
C ASP C 159 5.14 -17.31 18.74
N ALA C 160 5.61 -17.27 19.98
CA ALA C 160 5.10 -16.31 20.95
C ALA C 160 5.27 -14.86 20.48
N VAL C 161 6.34 -14.60 19.76
CA VAL C 161 6.62 -13.25 19.25
C VAL C 161 6.31 -13.14 17.76
N LEU C 162 6.72 -14.16 17.01
CA LEU C 162 6.51 -14.18 15.56
C LEU C 162 5.06 -13.99 15.14
N THR C 163 4.18 -14.85 15.65
CA THR C 163 2.77 -14.80 15.30
C THR C 163 2.14 -13.41 15.49
N PRO C 164 2.21 -12.86 16.71
CA PRO C 164 1.61 -11.53 16.92
C PRO C 164 2.29 -10.44 16.08
N TYR C 165 3.60 -10.56 15.88
CA TYR C 165 4.33 -9.58 15.08
C TYR C 165 3.75 -9.52 13.67
N HIS C 166 3.65 -10.69 13.05
CA HIS C 166 3.11 -10.81 11.70
C HIS C 166 1.71 -10.19 11.60
N ALA C 167 0.89 -10.44 12.61
CA ALA C 167 -0.47 -9.91 12.62
C ALA C 167 -0.47 -8.40 12.83
N ILE C 168 0.36 -7.93 13.75
CA ILE C 168 0.46 -6.50 14.02
C ILE C 168 1.02 -5.78 12.79
N LYS C 169 1.96 -6.43 12.12
CA LYS C 169 2.57 -5.88 10.91
C LYS C 169 1.53 -5.83 9.81
N MET C 170 0.70 -6.87 9.73
CA MET C 170 -0.34 -6.94 8.71
C MET C 170 -1.37 -5.84 8.90
N ALA C 171 -1.72 -5.58 10.16
CA ALA C 171 -2.70 -4.54 10.47
C ALA C 171 -2.10 -3.16 10.23
N GLN C 172 -0.81 -3.11 9.91
CA GLN C 172 -0.12 -1.86 9.65
C GLN C 172 -0.18 -0.91 10.85
N VAL C 173 0.03 -1.46 12.04
CA VAL C 173 0.01 -0.67 13.26
C VAL C 173 1.18 0.30 13.25
N SER C 174 0.94 1.52 13.71
CA SER C 174 1.97 2.56 13.76
C SER C 174 1.98 3.22 15.13
N PRO C 175 2.95 4.12 15.38
CA PRO C 175 3.01 4.80 16.68
C PRO C 175 1.84 5.73 16.93
N THR C 176 0.92 5.80 15.98
CA THR C 176 -0.25 6.66 16.10
C THR C 176 -1.52 5.82 16.15
N SER C 177 -1.35 4.50 16.32
CA SER C 177 -2.47 3.57 16.38
C SER C 177 -3.10 3.49 17.76
N ASN C 178 -4.39 3.16 17.78
CA ASN C 178 -5.16 3.02 19.01
C ASN C 178 -5.77 1.62 18.93
N ILE C 179 -5.04 0.62 19.39
CA ILE C 179 -5.54 -0.75 19.30
C ILE C 179 -6.10 -1.34 20.59
N LEU C 180 -6.90 -2.39 20.42
CA LEU C 180 -7.53 -3.09 21.54
C LEU C 180 -7.10 -4.56 21.46
N LEU C 181 -6.64 -5.11 22.58
CA LEU C 181 -6.23 -6.51 22.62
C LEU C 181 -7.09 -7.27 23.61
N ILE C 182 -7.70 -8.36 23.16
CA ILE C 182 -8.55 -9.20 24.01
C ILE C 182 -7.82 -10.48 24.39
N GLY C 183 -7.38 -10.54 25.65
CA GLY C 183 -6.66 -11.71 26.13
C GLY C 183 -5.17 -11.41 26.20
N ALA C 184 -4.59 -11.52 27.40
CA ALA C 184 -3.17 -11.24 27.58
C ALA C 184 -2.52 -12.17 28.60
N GLY C 185 -3.17 -13.30 28.87
CA GLY C 185 -2.62 -14.25 29.82
C GLY C 185 -1.98 -15.41 29.07
N GLY C 186 -0.84 -15.13 28.45
CA GLY C 186 -0.16 -16.14 27.68
C GLY C 186 -0.65 -16.03 26.25
N LEU C 187 -1.88 -15.59 26.11
CA LEU C 187 -2.50 -15.41 24.80
C LEU C 187 -1.94 -14.13 24.20
N GLY C 188 -0.70 -14.20 23.72
CA GLY C 188 -0.07 -13.03 23.14
C GLY C 188 0.52 -12.13 24.20
N GLY C 189 1.08 -12.73 25.25
CA GLY C 189 1.68 -11.94 26.31
C GLY C 189 2.75 -11.05 25.72
N ASN C 190 3.35 -11.53 24.63
CA ASN C 190 4.39 -10.78 23.93
C ASN C 190 3.77 -9.82 22.94
N ALA C 191 2.50 -10.06 22.59
CA ALA C 191 1.79 -9.22 21.65
C ALA C 191 1.84 -7.77 22.11
N ILE C 192 1.60 -7.56 23.41
CA ILE C 192 1.62 -6.23 23.99
C ILE C 192 2.98 -5.58 23.75
N GLN C 193 4.05 -6.31 24.06
CA GLN C 193 5.41 -5.80 23.87
C GLN C 193 5.66 -5.49 22.41
N VAL C 194 5.20 -6.36 21.53
CA VAL C 194 5.38 -6.16 20.09
C VAL C 194 4.67 -4.89 19.65
N ALA C 195 3.40 -4.76 20.04
CA ALA C 195 2.63 -3.57 19.69
C ALA C 195 3.29 -2.33 20.25
N LYS C 196 3.76 -2.42 21.48
CA LYS C 196 4.42 -1.32 22.16
C LYS C 196 5.67 -0.92 21.36
N ALA C 197 6.30 -1.90 20.73
CA ALA C 197 7.50 -1.67 19.94
C ALA C 197 7.20 -0.77 18.74
N PHE C 198 6.00 -0.89 18.19
CA PHE C 198 5.60 -0.09 17.05
C PHE C 198 5.15 1.30 17.50
N GLY C 199 5.18 1.51 18.82
CA GLY C 199 4.79 2.79 19.38
C GLY C 199 3.30 3.07 19.45
N ALA C 200 2.48 2.03 19.35
CA ALA C 200 1.04 2.19 19.41
C ALA C 200 0.50 2.16 20.83
N LYS C 201 -0.70 2.72 21.02
CA LYS C 201 -1.32 2.72 22.33
C LYS C 201 -2.06 1.40 22.45
N VAL C 202 -1.88 0.72 23.59
CA VAL C 202 -2.52 -0.57 23.79
C VAL C 202 -3.49 -0.66 24.96
N THR C 203 -4.73 -1.05 24.65
CA THR C 203 -5.76 -1.21 25.67
C THR C 203 -6.00 -2.71 25.76
N VAL C 204 -5.93 -3.26 26.97
CA VAL C 204 -6.14 -4.69 27.15
C VAL C 204 -7.45 -5.04 27.86
N LEU C 205 -8.10 -6.09 27.37
CA LEU C 205 -9.35 -6.56 27.92
C LEU C 205 -9.20 -8.04 28.29
N ASP C 206 -9.20 -8.34 29.58
CA ASP C 206 -9.06 -9.71 30.05
C ASP C 206 -9.87 -9.90 31.34
N LYS C 207 -10.51 -11.05 31.48
CA LYS C 207 -11.33 -11.32 32.65
C LYS C 207 -10.53 -11.73 33.89
N LYS C 208 -9.30 -12.20 33.70
CA LYS C 208 -8.48 -12.60 34.84
C LYS C 208 -7.59 -11.47 35.35
N LYS C 209 -7.68 -11.20 36.63
CA LYS C 209 -6.90 -10.15 37.28
C LYS C 209 -5.41 -10.33 37.02
N GLU C 210 -4.97 -11.58 37.11
CA GLU C 210 -3.58 -11.96 36.89
C GLU C 210 -3.11 -11.44 35.55
N ALA C 211 -3.92 -11.66 34.53
CA ALA C 211 -3.62 -11.22 33.17
C ALA C 211 -3.55 -9.71 33.08
N ARG C 212 -4.46 -9.03 33.79
CA ARG C 212 -4.49 -7.58 33.77
C ARG C 212 -3.24 -6.99 34.41
N ASP C 213 -2.84 -7.52 35.56
CA ASP C 213 -1.64 -7.04 36.23
C ASP C 213 -0.46 -7.27 35.28
N GLN C 214 -0.43 -8.45 34.69
CA GLN C 214 0.63 -8.81 33.75
C GLN C 214 0.63 -7.84 32.57
N ALA C 215 -0.55 -7.63 31.99
CA ALA C 215 -0.71 -6.74 30.84
C ALA C 215 -0.15 -5.35 31.13
N LYS C 216 -0.54 -4.78 32.27
CA LYS C 216 -0.08 -3.46 32.66
C LYS C 216 1.42 -3.44 32.85
N LYS C 217 1.96 -4.50 33.43
CA LYS C 217 3.39 -4.60 33.66
C LYS C 217 4.13 -4.74 32.34
N LEU C 218 3.46 -5.30 31.34
CA LEU C 218 4.05 -5.51 30.03
C LEU C 218 4.11 -4.23 29.19
N GLY C 219 3.41 -3.19 29.63
CA GLY C 219 3.43 -1.93 28.90
C GLY C 219 2.07 -1.41 28.47
N ALA C 220 1.02 -2.17 28.73
CA ALA C 220 -0.33 -1.76 28.37
C ALA C 220 -0.61 -0.37 28.92
N ASP C 221 -1.20 0.49 28.09
CA ASP C 221 -1.52 1.85 28.50
C ASP C 221 -2.82 1.90 29.29
N ALA C 222 -3.68 0.90 29.08
CA ALA C 222 -4.95 0.82 29.77
C ALA C 222 -5.44 -0.63 29.80
N VAL C 223 -5.94 -1.05 30.96
CA VAL C 223 -6.42 -2.42 31.11
C VAL C 223 -7.82 -2.45 31.72
N TYR C 224 -8.67 -3.34 31.23
CA TYR C 224 -10.04 -3.46 31.72
C TYR C 224 -10.52 -4.91 31.73
N GLU C 225 -11.42 -5.20 32.66
CA GLU C 225 -12.01 -6.53 32.78
C GLU C 225 -13.25 -6.50 31.90
N THR C 226 -13.72 -5.30 31.63
CA THR C 226 -14.90 -5.05 30.80
C THR C 226 -14.90 -3.57 30.43
N LEU C 227 -14.67 -3.27 29.15
CA LEU C 227 -14.65 -1.90 28.66
C LEU C 227 -15.81 -1.07 29.22
N PRO C 228 -15.49 0.04 29.90
CA PRO C 228 -16.51 0.93 30.48
C PRO C 228 -17.31 1.65 29.40
N GLU C 229 -18.58 1.90 29.68
CA GLU C 229 -19.46 2.58 28.74
C GLU C 229 -18.86 3.91 28.29
N SER C 230 -17.97 4.45 29.11
CA SER C 230 -17.33 5.72 28.80
C SER C 230 -16.47 5.65 27.54
N ILE C 231 -16.03 4.44 27.19
CA ILE C 231 -15.22 4.26 26.00
C ILE C 231 -16.08 4.33 24.75
N SER C 232 -15.84 5.34 23.92
CA SER C 232 -16.61 5.54 22.70
C SER C 232 -16.51 4.37 21.72
N PRO C 233 -17.67 3.86 21.26
CA PRO C 233 -17.71 2.74 20.30
C PRO C 233 -17.01 3.13 19.00
N GLY C 234 -16.52 2.13 18.26
CA GLY C 234 -15.83 2.39 17.02
C GLY C 234 -14.79 3.50 17.13
N SER C 235 -13.86 3.32 18.06
CA SER C 235 -12.80 4.31 18.30
C SER C 235 -11.40 3.72 18.22
N PHE C 236 -11.31 2.42 17.96
CA PHE C 236 -10.03 1.75 17.85
C PHE C 236 -9.72 1.44 16.39
N SER C 237 -8.50 1.71 15.98
CA SER C 237 -8.10 1.45 14.59
C SER C 237 -7.94 -0.04 14.32
N ALA C 238 -7.56 -0.81 15.33
CA ALA C 238 -7.38 -2.25 15.17
C ALA C 238 -7.75 -3.02 16.44
N CYS C 239 -8.31 -4.21 16.26
CA CYS C 239 -8.70 -5.05 17.38
C CYS C 239 -8.21 -6.48 17.20
N PHE C 240 -7.35 -6.92 18.11
CA PHE C 240 -6.81 -8.27 18.06
C PHE C 240 -7.49 -9.16 19.08
N ASP C 241 -8.26 -10.13 18.59
CA ASP C 241 -8.99 -11.05 19.45
C ASP C 241 -8.20 -12.35 19.63
N PHE C 242 -7.55 -12.48 20.79
CA PHE C 242 -6.75 -13.67 21.08
C PHE C 242 -7.56 -14.84 21.63
N VAL C 243 -8.83 -14.60 21.95
CA VAL C 243 -9.69 -15.65 22.46
C VAL C 243 -10.62 -16.10 21.34
N SER C 244 -10.94 -15.16 20.46
CA SER C 244 -11.80 -15.40 19.29
C SER C 244 -13.06 -16.21 19.55
N VAL C 245 -13.93 -15.69 20.40
CA VAL C 245 -15.20 -16.33 20.69
C VAL C 245 -16.23 -15.34 20.18
N GLN C 246 -17.45 -15.79 19.90
CA GLN C 246 -18.47 -14.90 19.38
C GLN C 246 -18.62 -13.63 20.23
N ALA C 247 -18.61 -13.79 21.55
CA ALA C 247 -18.76 -12.65 22.45
C ALA C 247 -17.63 -11.65 22.32
N THR C 248 -16.40 -12.14 22.20
CA THR C 248 -15.25 -11.26 22.09
C THR C 248 -15.12 -10.64 20.69
N PHE C 249 -15.68 -11.32 19.69
CA PHE C 249 -15.63 -10.79 18.33
C PHE C 249 -16.60 -9.61 18.26
N ASP C 250 -17.77 -9.80 18.86
CA ASP C 250 -18.80 -8.75 18.87
C ASP C 250 -18.26 -7.50 19.53
N VAL C 251 -17.31 -7.66 20.45
CA VAL C 251 -16.71 -6.53 21.13
C VAL C 251 -15.82 -5.79 20.14
N CYS C 252 -15.08 -6.56 19.33
CA CYS C 252 -14.20 -5.99 18.34
C CYS C 252 -14.96 -5.17 17.30
N GLN C 253 -16.02 -5.76 16.75
CA GLN C 253 -16.81 -5.09 15.72
C GLN C 253 -17.52 -3.84 16.25
N LYS C 254 -17.84 -3.84 17.54
CA LYS C 254 -18.52 -2.71 18.15
C LYS C 254 -17.56 -1.55 18.42
N TYR C 255 -16.35 -1.88 18.84
CA TYR C 255 -15.35 -0.86 19.16
C TYR C 255 -14.37 -0.50 18.06
N VAL C 256 -14.34 -1.29 16.99
CA VAL C 256 -13.43 -0.99 15.89
C VAL C 256 -13.97 0.22 15.15
N GLU C 257 -13.08 1.14 14.77
CA GLU C 257 -13.50 2.34 14.06
C GLU C 257 -13.73 2.07 12.58
N PRO C 258 -14.45 2.98 11.89
CA PRO C 258 -14.73 2.81 10.46
C PRO C 258 -13.42 2.58 9.70
N LYS C 259 -13.43 1.64 8.77
CA LYS C 259 -12.25 1.31 7.97
C LYS C 259 -11.19 0.64 8.83
N GLY C 260 -11.57 0.27 10.06
CA GLY C 260 -10.64 -0.38 10.96
C GLY C 260 -10.53 -1.87 10.66
N VAL C 261 -9.63 -2.55 11.35
CA VAL C 261 -9.45 -3.99 11.12
C VAL C 261 -9.62 -4.86 12.36
N ILE C 262 -10.25 -6.01 12.16
CA ILE C 262 -10.47 -6.97 13.23
C ILE C 262 -9.57 -8.17 12.94
N MET C 263 -8.69 -8.48 13.89
CA MET C 263 -7.75 -9.59 13.73
C MET C 263 -8.13 -10.78 14.63
N PRO C 264 -8.98 -11.69 14.13
CA PRO C 264 -9.37 -12.84 14.93
C PRO C 264 -8.21 -13.84 14.98
N VAL C 265 -7.26 -13.57 15.87
CA VAL C 265 -6.07 -14.42 16.00
C VAL C 265 -6.13 -15.42 17.15
N GLY C 266 -7.33 -15.89 17.46
CA GLY C 266 -7.49 -16.84 18.54
C GLY C 266 -7.96 -18.20 18.05
N LEU C 267 -7.82 -19.22 18.90
CA LEU C 267 -8.25 -20.57 18.55
C LEU C 267 -9.62 -20.87 19.17
N GLY C 268 -10.48 -19.86 19.18
CA GLY C 268 -11.81 -20.02 19.75
C GLY C 268 -12.73 -20.90 18.94
N ALA C 269 -13.99 -20.48 18.83
CA ALA C 269 -14.99 -21.24 18.09
C ALA C 269 -14.58 -21.51 16.64
N PRO C 270 -15.08 -22.60 16.06
CA PRO C 270 -14.76 -22.97 14.67
C PRO C 270 -15.40 -22.01 13.67
N ASN C 271 -16.41 -21.27 14.13
CA ASN C 271 -17.11 -20.32 13.29
C ASN C 271 -17.40 -19.03 14.07
N LEU C 272 -17.42 -17.91 13.35
CA LEU C 272 -17.70 -16.61 13.97
C LEU C 272 -18.54 -15.81 12.98
N SER C 273 -19.53 -15.10 13.49
CA SER C 273 -20.40 -14.30 12.63
C SER C 273 -20.24 -12.81 12.89
N PHE C 274 -20.41 -12.02 11.84
CA PHE C 274 -20.30 -10.58 11.95
C PHE C 274 -21.59 -9.94 11.43
N ASN C 275 -21.89 -8.74 11.92
CA ASN C 275 -23.09 -8.05 11.48
C ASN C 275 -22.79 -7.45 10.11
N LEU C 276 -23.41 -8.02 9.07
CA LEU C 276 -23.18 -7.57 7.70
C LEU C 276 -23.44 -6.08 7.49
N GLY C 277 -24.61 -5.61 7.89
CA GLY C 277 -24.94 -4.20 7.73
C GLY C 277 -23.88 -3.26 8.27
N ASP C 278 -23.36 -3.58 9.45
CA ASP C 278 -22.35 -2.75 10.08
C ASP C 278 -21.02 -2.81 9.35
N LEU C 279 -20.55 -4.02 9.06
CA LEU C 279 -19.28 -4.22 8.37
C LEU C 279 -19.23 -3.47 7.04
N ALA C 280 -20.30 -3.55 6.26
CA ALA C 280 -20.37 -2.88 4.97
C ALA C 280 -20.46 -1.36 5.13
N LEU C 281 -21.42 -0.90 5.93
CA LEU C 281 -21.64 0.52 6.16
C LEU C 281 -20.39 1.28 6.63
N ARG C 282 -19.70 0.73 7.62
CA ARG C 282 -18.51 1.38 8.17
C ARG C 282 -17.22 0.80 7.59
N GLU C 283 -17.35 0.02 6.52
CA GLU C 283 -16.23 -0.60 5.83
C GLU C 283 -15.19 -1.25 6.74
N ILE C 284 -15.64 -2.13 7.62
CA ILE C 284 -14.75 -2.83 8.52
C ILE C 284 -14.11 -3.97 7.75
N ARG C 285 -12.90 -4.35 8.15
CA ARG C 285 -12.21 -5.44 7.49
C ARG C 285 -11.71 -6.48 8.47
N ILE C 286 -11.92 -7.74 8.13
CA ILE C 286 -11.49 -8.86 8.95
C ILE C 286 -10.35 -9.54 8.22
N LEU C 287 -9.16 -9.49 8.81
CA LEU C 287 -7.99 -10.09 8.19
C LEU C 287 -7.53 -11.35 8.91
N GLY C 288 -7.40 -12.45 8.17
CA GLY C 288 -6.93 -13.68 8.76
C GLY C 288 -5.43 -13.61 8.86
N SER C 289 -4.86 -14.17 9.93
CA SER C 289 -3.43 -14.14 10.13
C SER C 289 -2.94 -15.50 10.61
N PHE C 290 -1.86 -16.00 9.99
CA PHE C 290 -1.33 -17.29 10.38
C PHE C 290 0.17 -17.32 10.61
N TRP C 291 0.56 -17.67 11.84
CA TRP C 291 1.95 -17.77 12.23
C TRP C 291 2.77 -16.59 11.72
N GLY C 292 3.80 -16.88 10.93
CA GLY C 292 4.65 -15.83 10.39
C GLY C 292 5.52 -16.32 9.23
N THR C 293 6.08 -15.38 8.48
CA THR C 293 6.92 -15.72 7.34
C THR C 293 8.38 -15.84 7.75
N THR C 294 9.21 -16.34 6.83
CA THR C 294 10.63 -16.48 7.09
C THR C 294 11.25 -15.11 7.38
N ASN C 295 10.93 -14.14 6.52
CA ASN C 295 11.45 -12.78 6.71
C ASN C 295 11.00 -12.22 8.06
N ASP C 296 9.79 -12.57 8.49
CA ASP C 296 9.29 -12.09 9.78
C ASP C 296 10.18 -12.57 10.92
N LEU C 297 10.54 -13.85 10.91
CA LEU C 297 11.37 -14.39 11.98
C LEU C 297 12.70 -13.65 12.05
N ASP C 298 13.22 -13.24 10.89
CA ASP C 298 14.48 -12.49 10.87
C ASP C 298 14.28 -11.16 11.58
N ASP C 299 13.15 -10.51 11.29
CA ASP C 299 12.84 -9.23 11.91
C ASP C 299 12.62 -9.43 13.41
N VAL C 300 11.93 -10.50 13.76
CA VAL C 300 11.65 -10.81 15.16
C VAL C 300 12.94 -11.01 15.94
N LEU C 301 13.84 -11.84 15.42
CA LEU C 301 15.10 -12.10 16.09
C LEU C 301 15.95 -10.83 16.17
N LYS C 302 15.77 -9.93 15.21
CA LYS C 302 16.54 -8.69 15.22
C LYS C 302 15.99 -7.77 16.31
N LEU C 303 14.66 -7.74 16.43
CA LEU C 303 14.01 -6.91 17.44
C LEU C 303 14.42 -7.36 18.84
N VAL C 304 14.47 -8.67 19.05
CA VAL C 304 14.85 -9.22 20.34
C VAL C 304 16.31 -8.86 20.62
N SER C 305 17.17 -9.06 19.63
CA SER C 305 18.58 -8.75 19.76
C SER C 305 18.81 -7.29 20.11
N GLU C 306 17.93 -6.42 19.63
CA GLU C 306 18.03 -4.99 19.88
C GLU C 306 17.38 -4.57 21.19
N GLY C 307 16.70 -5.50 21.85
CA GLY C 307 16.05 -5.19 23.11
C GLY C 307 14.63 -4.68 23.04
N LYS C 308 14.10 -4.52 21.82
CA LYS C 308 12.74 -4.04 21.64
C LYS C 308 11.71 -4.97 22.28
N VAL C 309 11.97 -6.28 22.19
CA VAL C 309 11.07 -7.28 22.76
C VAL C 309 11.87 -8.20 23.67
N LYS C 310 11.46 -8.31 24.93
CA LYS C 310 12.15 -9.14 25.90
C LYS C 310 11.31 -10.32 26.38
N PRO C 311 11.37 -11.45 25.66
CA PRO C 311 10.60 -12.63 26.02
C PRO C 311 11.08 -13.24 27.34
N VAL C 312 10.14 -13.58 28.21
CA VAL C 312 10.46 -14.19 29.50
C VAL C 312 10.17 -15.68 29.43
N VAL C 313 11.20 -16.50 29.58
CA VAL C 313 11.03 -17.95 29.49
C VAL C 313 11.77 -18.75 30.56
N ARG C 314 11.19 -19.87 30.93
CA ARG C 314 11.77 -20.78 31.94
C ARG C 314 12.18 -22.04 31.19
N SER C 315 13.35 -22.58 31.54
CA SER C 315 13.85 -23.79 30.87
C SER C 315 13.84 -25.03 31.74
N ALA C 316 13.78 -26.18 31.08
CA ALA C 316 13.76 -27.48 31.75
C ALA C 316 14.18 -28.55 30.75
N LYS C 317 14.56 -29.72 31.25
CA LYS C 317 14.98 -30.81 30.37
C LYS C 317 13.80 -31.37 29.59
N LEU C 318 14.04 -31.69 28.32
CA LEU C 318 13.01 -32.24 27.44
C LEU C 318 12.27 -33.42 28.08
N LYS C 319 12.97 -34.13 28.96
CA LYS C 319 12.39 -35.29 29.63
C LYS C 319 11.20 -34.90 30.51
N GLU C 320 11.17 -33.65 30.96
CA GLU C 320 10.10 -33.16 31.81
C GLU C 320 8.89 -32.64 31.04
N LEU C 321 8.91 -32.79 29.72
CA LEU C 321 7.81 -32.31 28.89
C LEU C 321 6.43 -32.75 29.38
N PRO C 322 6.21 -34.07 29.53
CA PRO C 322 4.92 -34.60 30.00
C PRO C 322 4.44 -33.95 31.29
N GLU C 323 5.38 -33.63 32.17
CA GLU C 323 5.05 -33.02 33.45
C GLU C 323 4.50 -31.61 33.26
N TYR C 324 5.11 -30.84 32.36
CA TYR C 324 4.67 -29.48 32.09
C TYR C 324 3.39 -29.42 31.27
N ILE C 325 3.19 -30.40 30.39
CA ILE C 325 1.99 -30.44 29.56
C ILE C 325 0.74 -30.46 30.43
N GLU C 326 0.86 -31.08 31.60
CA GLU C 326 -0.26 -31.15 32.53
C GLU C 326 -0.45 -29.79 33.18
N LYS C 327 0.66 -29.20 33.62
CA LYS C 327 0.63 -27.88 34.24
C LYS C 327 -0.15 -26.91 33.35
N LEU C 328 0.21 -26.90 32.07
CA LEU C 328 -0.44 -26.01 31.10
C LEU C 328 -1.92 -26.34 30.90
N ARG C 329 -2.28 -27.60 31.07
CA ARG C 329 -3.67 -28.02 30.91
C ARG C 329 -4.53 -27.58 32.09
N ASN C 330 -3.89 -27.13 33.15
CA ASN C 330 -4.61 -26.70 34.35
C ASN C 330 -4.46 -25.21 34.68
N ASN C 331 -3.44 -24.57 34.11
CA ASN C 331 -3.21 -23.15 34.38
C ASN C 331 -2.64 -22.40 33.16
N ALA C 332 -1.88 -21.35 33.44
CA ALA C 332 -1.27 -20.55 32.37
C ALA C 332 0.23 -20.78 32.32
N TYR C 333 0.87 -20.84 33.48
CA TYR C 333 2.32 -21.06 33.55
C TYR C 333 2.66 -22.54 33.59
N GLY C 335 3.25 -23.10 30.09
CA GLY C 335 3.35 -22.26 28.92
C GLY C 335 4.59 -21.38 28.94
N ARG C 336 5.11 -21.06 27.76
CA ARG C 336 6.30 -20.23 27.65
C ARG C 336 7.45 -20.84 28.44
N VAL C 337 7.68 -22.13 28.21
CA VAL C 337 8.73 -22.87 28.88
C VAL C 337 9.50 -23.66 27.83
N VAL C 338 10.76 -23.28 27.60
CA VAL C 338 11.58 -23.97 26.62
C VAL C 338 12.15 -25.24 27.23
N PHE C 339 12.43 -26.24 26.38
CA PHE C 339 12.97 -27.51 26.84
C PHE C 339 14.29 -27.79 26.16
N ASN C 340 15.22 -28.37 26.91
CA ASN C 340 16.55 -28.69 26.39
C ASN C 340 16.76 -30.19 26.26
N PRO C 341 16.87 -30.69 25.01
CA PRO C 341 17.08 -32.12 24.74
C PRO C 341 18.27 -32.68 25.50
N ILE D 8 21.61 -35.47 -26.56
CA ILE D 8 22.42 -34.82 -25.50
C ILE D 8 23.92 -35.07 -25.70
N PRO D 9 24.55 -34.29 -26.60
CA PRO D 9 25.97 -34.43 -26.88
C PRO D 9 26.86 -34.05 -25.69
N SER D 10 28.15 -34.31 -25.83
CA SER D 10 29.11 -34.00 -24.77
C SER D 10 29.63 -32.58 -24.94
N SER D 11 29.60 -32.10 -26.18
CA SER D 11 30.06 -30.74 -26.49
C SER D 11 28.95 -29.96 -27.20
N GLN D 12 29.21 -28.69 -27.45
CA GLN D 12 28.24 -27.82 -28.11
C GLN D 12 28.90 -26.52 -28.52
N TYR D 13 28.21 -25.74 -29.34
CA TYR D 13 28.74 -24.45 -29.77
C TYR D 13 27.97 -23.36 -29.05
N GLY D 14 28.53 -22.15 -29.03
CA GLY D 14 27.89 -21.03 -28.36
C GLY D 14 28.76 -19.80 -28.43
N PHE D 15 28.23 -18.67 -27.99
CA PHE D 15 29.01 -17.44 -28.02
C PHE D 15 29.39 -16.96 -26.62
N VAL D 16 30.70 -16.94 -26.37
CA VAL D 16 31.23 -16.51 -25.09
C VAL D 16 31.74 -15.09 -25.20
N PHE D 17 31.53 -14.30 -24.14
CA PHE D 17 31.97 -12.91 -24.14
C PHE D 17 33.15 -12.69 -23.20
N ASN D 18 34.11 -11.91 -23.67
CA ASN D 18 35.31 -11.57 -22.91
C ASN D 18 35.59 -10.09 -23.10
N LYS D 19 36.03 -9.42 -22.04
CA LYS D 19 36.34 -8.00 -22.13
C LYS D 19 37.47 -7.73 -23.12
N GLN D 20 38.11 -8.80 -23.58
CA GLN D 20 39.21 -8.68 -24.53
C GLN D 20 38.81 -9.22 -25.90
N SER D 21 38.62 -10.54 -25.98
CA SER D 21 38.24 -11.19 -27.22
C SER D 21 36.86 -10.77 -27.72
N GLY D 22 36.03 -10.28 -26.80
CA GLY D 22 34.69 -9.86 -27.17
C GLY D 22 33.78 -11.08 -27.28
N LEU D 23 32.75 -10.98 -28.12
CA LEU D 23 31.83 -12.09 -28.30
C LEU D 23 32.37 -12.98 -29.42
N LYS D 24 32.71 -14.22 -29.08
CA LYS D 24 33.26 -15.15 -30.06
C LYS D 24 32.56 -16.50 -30.04
N LEU D 25 32.50 -17.14 -31.21
CA LEU D 25 31.89 -18.45 -31.34
C LEU D 25 32.79 -19.51 -30.75
N ARG D 26 32.23 -20.35 -29.89
CA ARG D 26 32.98 -21.43 -29.24
C ARG D 26 32.33 -22.75 -29.68
N ASN D 27 33.05 -23.54 -30.46
CA ASN D 27 32.53 -24.82 -30.95
C ASN D 27 32.83 -26.03 -30.08
N ASP D 28 33.53 -25.82 -28.96
CA ASP D 28 33.86 -26.93 -28.09
C ASP D 28 33.45 -26.71 -26.64
N LEU D 29 32.29 -26.10 -26.44
CA LEU D 29 31.79 -25.86 -25.09
C LEU D 29 31.25 -27.15 -24.49
N PRO D 30 31.53 -27.39 -23.20
CA PRO D 30 31.07 -28.60 -22.51
C PRO D 30 29.58 -28.61 -22.21
N VAL D 31 29.00 -29.80 -22.20
CA VAL D 31 27.59 -29.98 -21.90
C VAL D 31 27.49 -30.65 -20.52
N HIS D 32 27.28 -29.83 -19.50
CA HIS D 32 27.19 -30.32 -18.13
C HIS D 32 25.92 -31.11 -17.86
N LYS D 33 26.04 -32.12 -17.01
CA LYS D 33 24.90 -32.96 -16.63
C LYS D 33 24.37 -32.43 -15.30
N PRO D 34 23.04 -32.37 -15.16
CA PRO D 34 22.41 -31.87 -13.93
C PRO D 34 22.76 -32.65 -12.67
N LYS D 35 23.19 -31.92 -11.65
CA LYS D 35 23.55 -32.51 -10.37
C LYS D 35 22.27 -32.64 -9.54
N ALA D 36 22.43 -32.66 -8.22
CA ALA D 36 21.27 -32.77 -7.33
C ALA D 36 20.61 -31.39 -7.22
N GLY D 37 19.39 -31.29 -7.71
CA GLY D 37 18.67 -30.04 -7.64
C GLY D 37 18.87 -29.16 -8.86
N GLN D 38 19.70 -29.62 -9.79
CA GLN D 38 19.97 -28.86 -11.01
C GLN D 38 19.09 -29.34 -12.15
N LEU D 39 19.30 -28.75 -13.32
CA LEU D 39 18.51 -29.07 -14.50
C LEU D 39 19.21 -28.57 -15.76
N LEU D 40 19.10 -29.34 -16.84
CA LEU D 40 19.72 -28.95 -18.10
C LEU D 40 18.64 -28.49 -19.07
N LEU D 41 18.85 -27.34 -19.69
CA LEU D 41 17.87 -26.79 -20.61
C LEU D 41 18.33 -26.81 -22.06
N LYS D 42 17.43 -27.26 -22.94
CA LYS D 42 17.70 -27.33 -24.37
C LYS D 42 17.11 -26.04 -24.93
N VAL D 43 17.99 -25.08 -25.24
CA VAL D 43 17.56 -23.79 -25.76
C VAL D 43 16.85 -23.87 -27.10
N ASP D 44 15.62 -23.38 -27.15
CA ASP D 44 14.83 -23.38 -28.38
C ASP D 44 14.86 -22.01 -29.04
N ALA D 45 14.81 -20.96 -28.22
CA ALA D 45 14.83 -19.60 -28.73
C ALA D 45 15.51 -18.66 -27.75
N VAL D 46 16.35 -17.79 -28.28
CA VAL D 46 17.09 -16.82 -27.47
C VAL D 46 17.04 -15.46 -28.16
N GLY D 47 16.58 -14.44 -27.45
CA GLY D 47 16.46 -13.12 -28.03
C GLY D 47 17.70 -12.25 -27.95
N LEU D 48 17.62 -11.10 -28.61
CA LEU D 48 18.69 -10.12 -28.65
C LEU D 48 18.10 -8.72 -28.50
N CYS D 49 18.81 -7.83 -27.81
CA CYS D 49 18.34 -6.47 -27.63
C CYS D 49 19.51 -5.53 -27.34
N HIS D 50 19.22 -4.25 -27.22
CA HIS D 50 20.24 -3.25 -26.96
C HIS D 50 21.07 -3.53 -25.71
N SER D 51 20.47 -4.18 -24.73
CA SER D 51 21.19 -4.50 -23.50
C SER D 51 22.48 -5.25 -23.82
N ASP D 52 22.43 -6.11 -24.84
CA ASP D 52 23.60 -6.88 -25.23
C ASP D 52 24.68 -6.00 -25.86
N LEU D 53 24.27 -4.96 -26.59
CA LEU D 53 25.22 -4.06 -27.23
C LEU D 53 25.98 -3.22 -26.21
N HIS D 54 25.31 -2.88 -25.11
CA HIS D 54 25.93 -2.09 -24.05
C HIS D 54 27.01 -2.89 -23.35
N VAL D 55 26.85 -4.21 -23.34
CA VAL D 55 27.81 -5.10 -22.71
C VAL D 55 28.96 -5.42 -23.65
N ILE D 56 28.65 -5.46 -24.95
CA ILE D 56 29.64 -5.78 -25.97
C ILE D 56 30.52 -4.59 -26.40
N TYR D 57 29.91 -3.43 -26.61
CA TYR D 57 30.66 -2.27 -27.07
C TYR D 57 30.70 -1.07 -26.13
N GLU D 58 29.72 -0.94 -25.25
CA GLU D 58 29.69 0.21 -24.33
C GLU D 58 30.12 -0.11 -22.91
N GLY D 59 31.04 -1.05 -22.77
CA GLY D 59 31.56 -1.42 -21.46
C GLY D 59 30.59 -1.46 -20.30
N LEU D 60 29.78 -2.50 -20.23
CA LEU D 60 28.83 -2.67 -19.14
C LEU D 60 29.17 -3.97 -18.43
N ASP D 61 30.22 -3.92 -17.62
CA ASP D 61 30.70 -5.09 -16.89
C ASP D 61 29.65 -5.81 -16.06
N CYS D 62 29.36 -7.05 -16.43
CA CYS D 62 28.40 -7.89 -15.72
C CYS D 62 29.13 -9.16 -15.32
N GLY D 63 30.38 -9.27 -15.75
CA GLY D 63 31.19 -10.44 -15.44
C GLY D 63 32.19 -10.65 -16.55
N ASP D 64 32.56 -11.91 -16.79
CA ASP D 64 33.52 -12.20 -17.84
C ASP D 64 33.60 -13.68 -18.13
N ASN D 65 33.78 -14.02 -19.41
CA ASN D 65 33.90 -15.39 -19.86
C ASN D 65 32.60 -16.18 -19.67
N TYR D 66 31.49 -15.57 -20.05
CA TYR D 66 30.17 -16.22 -19.94
C TYR D 66 29.41 -16.15 -21.25
N VAL D 67 28.59 -17.15 -21.51
CA VAL D 67 27.78 -17.19 -22.72
C VAL D 67 26.67 -16.15 -22.57
N MET D 68 26.47 -15.34 -23.60
CA MET D 68 25.44 -14.31 -23.53
C MET D 68 24.06 -14.82 -23.95
N GLY D 69 23.10 -13.89 -24.01
CA GLY D 69 21.74 -14.26 -24.36
C GLY D 69 20.93 -14.35 -23.08
N HIS D 70 20.25 -13.27 -22.72
CA HIS D 70 19.47 -13.22 -21.49
C HIS D 70 17.97 -13.47 -21.70
N GLU D 71 17.55 -13.56 -22.95
CA GLU D 71 16.14 -13.81 -23.28
C GLU D 71 16.07 -15.27 -23.73
N ILE D 72 15.86 -16.17 -22.77
CA ILE D 72 15.85 -17.60 -23.06
C ILE D 72 14.52 -18.34 -22.94
N ALA D 73 14.28 -19.22 -23.92
CA ALA D 73 13.10 -20.06 -23.97
C ALA D 73 13.58 -21.43 -24.44
N GLY D 74 13.32 -22.48 -23.67
CA GLY D 74 13.77 -23.79 -24.07
C GLY D 74 12.97 -24.97 -23.54
N THR D 75 13.53 -26.15 -23.70
CA THR D 75 12.90 -27.39 -23.26
C THR D 75 13.84 -28.16 -22.33
N VAL D 76 13.34 -28.57 -21.18
CA VAL D 76 14.14 -29.31 -20.22
C VAL D 76 14.65 -30.59 -20.87
N ALA D 77 15.96 -30.65 -21.13
CA ALA D 77 16.56 -31.82 -21.77
C ALA D 77 16.93 -32.90 -20.75
N ALA D 78 17.25 -32.48 -19.53
CA ALA D 78 17.63 -33.42 -18.47
C ALA D 78 17.45 -32.79 -17.10
N VAL D 79 17.15 -33.61 -16.11
CA VAL D 79 16.95 -33.14 -14.75
C VAL D 79 17.76 -33.97 -13.77
N GLY D 80 18.11 -33.38 -12.64
CA GLY D 80 18.87 -34.10 -11.64
C GLY D 80 17.95 -34.61 -10.55
N ASP D 81 18.43 -35.53 -9.73
CA ASP D 81 17.62 -36.09 -8.66
C ASP D 81 17.23 -34.95 -7.71
N ASP D 82 16.17 -35.17 -6.94
CA ASP D 82 15.67 -34.19 -6.00
C ASP D 82 15.01 -33.02 -6.73
N VAL D 83 14.55 -33.28 -7.95
CA VAL D 83 13.89 -32.27 -8.77
C VAL D 83 12.57 -32.85 -9.28
N ILE D 84 11.48 -32.56 -8.58
CA ILE D 84 10.16 -33.06 -8.96
C ILE D 84 9.29 -31.95 -9.56
N ASN D 85 9.73 -30.71 -9.42
CA ASN D 85 8.99 -29.57 -9.94
C ASN D 85 8.92 -29.62 -11.47
N TYR D 86 10.04 -29.95 -12.10
CA TYR D 86 10.10 -30.03 -13.55
C TYR D 86 10.52 -31.42 -14.01
N LYS D 87 10.11 -31.77 -15.24
CA LYS D 87 10.45 -33.05 -15.83
C LYS D 87 10.74 -32.88 -17.31
N VAL D 88 11.60 -33.74 -17.86
CA VAL D 88 11.97 -33.68 -19.26
C VAL D 88 10.77 -33.42 -20.16
N GLY D 89 10.98 -32.61 -21.20
CA GLY D 89 9.91 -32.31 -22.12
C GLY D 89 9.21 -31.00 -21.77
N ASP D 90 9.38 -30.55 -20.52
CA ASP D 90 8.76 -29.31 -20.09
C ASP D 90 9.30 -28.10 -20.83
N ARG D 91 8.41 -27.21 -21.24
CA ARG D 91 8.79 -26.00 -21.95
C ARG D 91 8.81 -24.88 -20.91
N VAL D 92 9.95 -24.20 -20.80
CA VAL D 92 10.09 -23.13 -19.82
C VAL D 92 10.89 -21.93 -20.31
N ALA D 93 10.71 -20.81 -19.63
CA ALA D 93 11.41 -19.57 -19.94
C ALA D 93 12.22 -19.19 -18.70
N CYS D 94 13.41 -18.64 -18.91
CA CYS D 94 14.27 -18.26 -17.81
C CYS D 94 13.96 -16.90 -17.21
N VAL D 95 14.06 -16.80 -15.89
CA VAL D 95 13.82 -15.56 -15.19
C VAL D 95 15.18 -14.86 -15.06
N GLY D 96 15.49 -14.03 -16.06
CA GLY D 96 16.74 -13.30 -16.11
C GLY D 96 17.50 -13.05 -14.83
N PRO D 97 16.94 -12.30 -13.87
CA PRO D 97 17.59 -11.98 -12.59
C PRO D 97 18.28 -13.17 -11.92
N ASN D 98 17.72 -14.36 -12.10
CA ASN D 98 18.29 -15.58 -11.53
C ASN D 98 18.63 -15.47 -10.04
N GLY D 99 17.68 -14.98 -9.25
CA GLY D 99 17.89 -14.82 -7.82
C GLY D 99 18.35 -16.08 -7.09
N CYS D 100 18.98 -15.91 -5.94
CA CYS D 100 19.47 -17.05 -5.16
C CYS D 100 18.32 -17.85 -4.55
N GLY D 101 17.28 -17.15 -4.14
CA GLY D 101 16.13 -17.80 -3.54
C GLY D 101 16.25 -17.99 -2.04
N GLY D 102 17.38 -17.59 -1.47
CA GLY D 102 17.59 -17.75 -0.05
C GLY D 102 17.95 -16.49 0.73
N CYS D 103 17.49 -15.34 0.27
CA CYS D 103 17.77 -14.08 0.96
C CYS D 103 16.45 -13.38 1.23
N LYS D 104 16.50 -12.29 2.00
CA LYS D 104 15.27 -11.56 2.33
C LYS D 104 14.62 -10.96 1.08
N TYR D 105 15.43 -10.64 0.08
CA TYR D 105 14.92 -10.07 -1.17
C TYR D 105 14.16 -11.14 -1.95
N CYS D 106 14.82 -12.27 -2.18
CA CYS D 106 14.21 -13.36 -2.93
C CYS D 106 12.95 -13.89 -2.26
N ARG D 107 12.98 -14.02 -0.93
CA ARG D 107 11.82 -14.51 -0.20
C ARG D 107 10.90 -13.36 0.16
N GLY D 108 11.25 -12.17 -0.31
CA GLY D 108 10.45 -10.98 -0.03
C GLY D 108 9.68 -10.53 -1.26
N ALA D 109 9.52 -11.45 -2.22
CA ALA D 109 8.77 -11.18 -3.46
C ALA D 109 9.52 -10.29 -4.46
N ILE D 110 10.78 -9.98 -4.18
CA ILE D 110 11.56 -9.14 -5.09
C ILE D 110 12.90 -9.79 -5.43
N ASP D 111 12.85 -10.99 -5.99
CA ASP D 111 14.06 -11.71 -6.34
C ASP D 111 14.86 -11.07 -7.48
N ASN D 112 14.31 -10.03 -8.09
CA ASN D 112 14.99 -9.36 -9.20
C ASN D 112 16.13 -8.47 -8.72
N VAL D 113 16.10 -8.08 -7.45
CA VAL D 113 17.16 -7.23 -6.91
C VAL D 113 18.02 -7.99 -5.91
N CYS D 114 18.01 -9.32 -6.02
CA CYS D 114 18.81 -10.19 -5.17
C CYS D 114 20.27 -9.78 -5.20
N LYS D 115 20.83 -9.47 -4.04
CA LYS D 115 22.24 -9.07 -3.95
C LYS D 115 23.20 -10.19 -4.33
N ASN D 116 22.93 -11.40 -3.83
CA ASN D 116 23.79 -12.54 -4.10
C ASN D 116 23.88 -12.88 -5.60
N ALA D 117 22.82 -12.58 -6.34
CA ALA D 117 22.78 -12.87 -7.76
C ALA D 117 23.24 -11.71 -8.64
N PHE D 118 23.55 -10.57 -8.02
CA PHE D 118 23.99 -9.42 -8.79
C PHE D 118 25.22 -9.78 -9.61
N GLY D 119 25.17 -9.50 -10.90
CA GLY D 119 26.29 -9.82 -11.76
C GLY D 119 26.36 -11.31 -12.08
N ASP D 120 25.28 -12.02 -11.78
CA ASP D 120 25.22 -13.46 -12.03
C ASP D 120 23.89 -13.78 -12.73
N TRP D 121 23.49 -12.91 -13.64
CA TRP D 121 22.24 -13.06 -14.38
C TRP D 121 22.42 -13.88 -15.65
N PHE D 122 21.36 -14.56 -16.08
CA PHE D 122 21.40 -15.37 -17.30
C PHE D 122 21.88 -14.55 -18.49
N GLY D 123 22.98 -14.97 -19.10
CA GLY D 123 23.52 -14.26 -20.25
C GLY D 123 24.17 -12.94 -19.89
N LEU D 124 24.17 -12.60 -18.60
CA LEU D 124 24.76 -11.35 -18.13
C LEU D 124 25.49 -11.59 -16.82
N GLY D 125 26.55 -12.39 -16.88
CA GLY D 125 27.32 -12.72 -15.69
C GLY D 125 27.39 -14.23 -15.61
N TYR D 126 26.24 -14.86 -15.81
CA TYR D 126 26.15 -16.32 -15.79
C TYR D 126 25.86 -16.73 -17.23
N ASP D 127 26.11 -17.99 -17.55
CA ASP D 127 25.87 -18.49 -18.91
C ASP D 127 24.44 -18.24 -19.36
N GLY D 128 24.27 -17.88 -20.63
CA GLY D 128 22.95 -17.58 -21.15
C GLY D 128 22.39 -18.52 -22.19
N GLY D 129 21.62 -17.97 -23.13
CA GLY D 129 21.00 -18.77 -24.17
C GLY D 129 21.66 -18.81 -25.53
N TYR D 130 22.74 -18.06 -25.73
CA TYR D 130 23.43 -18.08 -27.02
C TYR D 130 24.26 -19.35 -27.13
N GLN D 131 23.60 -20.48 -27.02
CA GLN D 131 24.24 -21.79 -27.13
C GLN D 131 23.17 -22.84 -27.35
N GLN D 132 23.53 -24.12 -27.22
CA GLN D 132 22.57 -25.20 -27.43
C GLN D 132 21.96 -25.74 -26.15
N TYR D 133 22.79 -25.90 -25.12
CA TYR D 133 22.31 -26.41 -23.85
C TYR D 133 22.79 -25.53 -22.70
N LEU D 134 21.86 -25.16 -21.81
CA LEU D 134 22.19 -24.32 -20.67
C LEU D 134 21.93 -25.04 -19.35
N LEU D 135 22.94 -25.07 -18.50
CA LEU D 135 22.81 -25.71 -17.19
C LEU D 135 22.17 -24.74 -16.21
N VAL D 136 20.98 -25.08 -15.74
CA VAL D 136 20.26 -24.25 -14.78
C VAL D 136 20.57 -24.68 -13.35
N THR D 137 21.43 -23.93 -12.68
CA THR D 137 21.82 -24.25 -11.31
C THR D 137 20.70 -23.95 -10.31
N ARG D 138 19.78 -23.06 -10.69
CA ARG D 138 18.66 -22.70 -9.84
C ARG D 138 17.35 -22.66 -10.62
N PRO D 139 16.67 -23.82 -10.73
CA PRO D 139 15.40 -23.98 -11.45
C PRO D 139 14.25 -23.12 -10.95
N ARG D 140 14.40 -22.52 -9.78
CA ARG D 140 13.33 -21.66 -9.24
C ARG D 140 13.12 -20.50 -10.19
N ASN D 141 14.18 -20.13 -10.91
CA ASN D 141 14.14 -19.03 -11.85
C ASN D 141 13.70 -19.45 -13.24
N LEU D 142 12.61 -20.20 -13.29
CA LEU D 142 12.04 -20.69 -14.54
C LEU D 142 10.53 -20.51 -14.50
N SER D 143 9.92 -20.40 -15.67
CA SER D 143 8.48 -20.22 -15.77
C SER D 143 7.93 -21.12 -16.87
N ARG D 144 6.86 -21.85 -16.56
CA ARG D 144 6.25 -22.74 -17.53
C ARG D 144 5.63 -21.96 -18.68
N ILE D 145 6.02 -22.33 -19.89
CA ILE D 145 5.51 -21.67 -21.10
C ILE D 145 4.18 -22.28 -21.52
N PRO D 146 3.12 -21.47 -21.60
CA PRO D 146 1.80 -21.94 -22.01
C PRO D 146 1.87 -22.67 -23.35
N ASP D 147 1.03 -23.70 -23.50
CA ASP D 147 1.00 -24.50 -24.73
C ASP D 147 0.78 -23.69 -25.99
N ASN D 148 -0.05 -22.66 -25.92
CA ASN D 148 -0.33 -21.84 -27.10
C ASN D 148 0.68 -20.70 -27.32
N VAL D 149 1.79 -20.74 -26.61
CA VAL D 149 2.83 -19.72 -26.75
C VAL D 149 4.12 -20.35 -27.29
N SER D 150 4.52 -19.94 -28.49
CA SER D 150 5.73 -20.48 -29.10
C SER D 150 6.97 -20.10 -28.31
N ALA D 151 8.09 -20.73 -28.65
CA ALA D 151 9.35 -20.45 -27.97
C ALA D 151 9.86 -19.07 -28.34
N ASP D 152 9.68 -18.70 -29.61
CA ASP D 152 10.12 -17.39 -30.09
C ASP D 152 9.44 -16.27 -29.32
N VAL D 153 8.13 -16.36 -29.18
CA VAL D 153 7.36 -15.35 -28.45
C VAL D 153 7.73 -15.35 -26.97
N ALA D 154 7.83 -16.53 -26.38
CA ALA D 154 8.17 -16.65 -24.97
C ALA D 154 9.53 -16.03 -24.67
N ALA D 155 10.51 -16.33 -25.51
CA ALA D 155 11.86 -15.80 -25.34
C ALA D 155 11.86 -14.28 -25.35
N ALA D 156 11.14 -13.70 -26.31
CA ALA D 156 11.07 -12.25 -26.42
C ALA D 156 10.38 -11.65 -25.19
N SER D 157 9.33 -12.32 -24.73
CA SER D 157 8.57 -11.85 -23.57
C SER D 157 9.37 -11.82 -22.27
N THR D 158 10.47 -12.57 -22.20
CA THR D 158 11.27 -12.61 -20.99
C THR D 158 11.88 -11.26 -20.65
N ASP D 159 11.93 -10.36 -21.63
CA ASP D 159 12.48 -9.02 -21.41
C ASP D 159 11.58 -7.94 -22.01
N ALA D 160 11.31 -8.05 -23.31
CA ALA D 160 10.47 -7.08 -24.01
C ALA D 160 9.10 -6.87 -23.37
N VAL D 161 8.58 -7.90 -22.72
CA VAL D 161 7.28 -7.80 -22.08
C VAL D 161 7.43 -7.74 -20.55
N LEU D 162 8.30 -8.58 -20.01
CA LEU D 162 8.54 -8.65 -18.57
C LEU D 162 8.95 -7.31 -17.95
N THR D 163 9.98 -6.69 -18.51
CA THR D 163 10.48 -5.43 -17.98
C THR D 163 9.42 -4.33 -17.89
N PRO D 164 8.79 -3.97 -19.02
CA PRO D 164 7.78 -2.92 -18.92
C PRO D 164 6.62 -3.32 -18.00
N TYR D 165 6.26 -4.60 -18.01
CA TYR D 165 5.18 -5.08 -17.15
C TYR D 165 5.50 -4.82 -15.69
N HIS D 166 6.71 -5.17 -15.28
CA HIS D 166 7.13 -4.99 -13.90
C HIS D 166 7.12 -3.51 -13.51
N ALA D 167 7.46 -2.65 -14.46
CA ALA D 167 7.48 -1.21 -14.22
C ALA D 167 6.07 -0.65 -14.13
N ILE D 168 5.17 -1.16 -14.96
CA ILE D 168 3.78 -0.71 -14.96
C ILE D 168 3.10 -1.08 -13.65
N LYS D 169 3.27 -2.32 -13.23
CA LYS D 169 2.66 -2.79 -11.99
C LYS D 169 3.22 -2.02 -10.80
N MET D 170 4.53 -1.77 -10.82
CA MET D 170 5.18 -1.04 -9.74
C MET D 170 4.60 0.37 -9.63
N ALA D 171 4.26 0.95 -10.77
CA ALA D 171 3.68 2.29 -10.79
C ALA D 171 2.20 2.25 -10.41
N GLN D 172 1.69 1.05 -10.18
CA GLN D 172 0.30 0.86 -9.80
C GLN D 172 -0.65 1.49 -10.82
N VAL D 173 -0.40 1.22 -12.10
CA VAL D 173 -1.24 1.73 -13.16
C VAL D 173 -2.63 1.09 -13.07
N SER D 174 -3.67 1.86 -13.38
CA SER D 174 -5.03 1.37 -13.34
C SER D 174 -5.79 1.91 -14.55
N PRO D 175 -7.04 1.45 -14.74
CA PRO D 175 -7.85 1.92 -15.87
C PRO D 175 -8.19 3.40 -15.82
N THR D 176 -7.81 4.07 -14.75
CA THR D 176 -8.08 5.50 -14.59
C THR D 176 -6.77 6.29 -14.61
N SER D 177 -5.69 5.63 -15.01
CA SER D 177 -4.38 6.27 -15.08
C SER D 177 -4.20 7.03 -16.38
N ASN D 178 -3.57 8.19 -16.29
CA ASN D 178 -3.30 9.04 -17.44
C ASN D 178 -1.78 9.07 -17.56
N ILE D 179 -1.21 8.15 -18.34
CA ILE D 179 0.24 8.09 -18.46
C ILE D 179 0.85 8.57 -19.77
N LEU D 180 2.15 8.84 -19.71
CA LEU D 180 2.92 9.31 -20.84
C LEU D 180 4.08 8.34 -21.07
N LEU D 181 4.28 7.95 -22.32
CA LEU D 181 5.38 7.05 -22.66
C LEU D 181 6.27 7.77 -23.67
N ILE D 182 7.57 7.85 -23.38
CA ILE D 182 8.50 8.52 -24.28
C ILE D 182 9.36 7.49 -25.02
N GLY D 183 9.29 7.53 -26.35
CA GLY D 183 10.07 6.61 -27.15
C GLY D 183 9.66 5.16 -27.03
N ALA D 184 8.39 4.92 -26.74
CA ALA D 184 7.87 3.56 -26.58
C ALA D 184 7.76 2.88 -27.95
N GLY D 185 7.58 3.68 -28.98
CA GLY D 185 7.46 3.14 -30.33
C GLY D 185 8.74 2.48 -30.81
N GLY D 186 9.87 3.11 -30.49
CA GLY D 186 11.15 2.56 -30.89
C GLY D 186 11.34 1.13 -30.43
N GLY D 189 8.81 -2.71 -27.04
CA GLY D 189 7.74 -1.85 -27.53
C GLY D 189 6.38 -2.33 -27.05
N ASN D 190 6.37 -3.48 -26.39
CA ASN D 190 5.14 -4.06 -25.86
C ASN D 190 4.62 -3.26 -24.67
N ALA D 191 5.38 -2.25 -24.26
CA ALA D 191 4.99 -1.42 -23.13
C ALA D 191 3.59 -0.84 -23.31
N ILE D 192 3.31 -0.39 -24.54
CA ILE D 192 2.01 0.19 -24.85
C ILE D 192 0.88 -0.83 -24.65
N GLN D 193 1.08 -2.04 -25.15
CA GLN D 193 0.07 -3.08 -25.02
C GLN D 193 -0.16 -3.41 -23.56
N VAL D 194 0.93 -3.55 -22.80
CA VAL D 194 0.84 -3.86 -21.39
C VAL D 194 0.05 -2.78 -20.66
N ALA D 195 0.43 -1.52 -20.90
CA ALA D 195 -0.25 -0.39 -20.27
C ALA D 195 -1.75 -0.45 -20.57
N LYS D 196 -2.08 -0.67 -21.84
CA LYS D 196 -3.48 -0.76 -22.26
C LYS D 196 -4.13 -1.96 -21.60
N ALA D 197 -3.35 -3.00 -21.33
CA ALA D 197 -3.88 -4.19 -20.69
C ALA D 197 -4.42 -3.83 -19.32
N PHE D 198 -3.79 -2.84 -18.67
CA PHE D 198 -4.22 -2.39 -17.36
C PHE D 198 -5.38 -1.41 -17.51
N GLY D 199 -5.76 -1.13 -18.76
CA GLY D 199 -6.86 -0.22 -19.02
C GLY D 199 -6.56 1.26 -18.85
N ALA D 200 -5.29 1.62 -18.80
CA ALA D 200 -4.91 3.01 -18.63
C ALA D 200 -4.94 3.80 -19.95
N LYS D 201 -5.11 5.12 -19.84
CA LYS D 201 -5.11 5.97 -21.01
C LYS D 201 -3.63 6.18 -21.32
N VAL D 202 -3.22 5.89 -22.55
CA VAL D 202 -1.81 6.02 -22.92
C VAL D 202 -1.53 7.04 -24.01
N THR D 203 -0.58 7.93 -23.72
CA THR D 203 -0.15 8.96 -24.65
C THR D 203 1.32 8.68 -24.96
N VAL D 204 1.64 8.57 -26.24
CA VAL D 204 3.01 8.30 -26.65
C VAL D 204 3.70 9.50 -27.30
N LEU D 205 4.92 9.75 -26.88
CA LEU D 205 5.72 10.84 -27.41
C LEU D 205 6.94 10.23 -28.09
N ASP D 206 7.01 10.36 -29.40
CA ASP D 206 8.13 9.82 -30.16
C ASP D 206 8.35 10.69 -31.39
N LYS D 207 9.61 11.01 -31.66
CA LYS D 207 9.96 11.87 -32.79
C LYS D 207 9.81 11.23 -34.17
N LYS D 208 10.13 9.94 -34.27
CA LYS D 208 10.04 9.26 -35.56
C LYS D 208 8.62 8.85 -35.94
N LYS D 209 8.17 9.33 -37.09
CA LYS D 209 6.84 9.04 -37.61
C LYS D 209 6.53 7.54 -37.61
N GLU D 210 7.52 6.74 -37.97
CA GLU D 210 7.35 5.29 -38.01
C GLU D 210 6.93 4.75 -36.65
N ALA D 211 7.63 5.18 -35.61
CA ALA D 211 7.33 4.76 -34.24
C ALA D 211 5.92 5.19 -33.83
N ARG D 212 5.54 6.41 -34.23
CA ARG D 212 4.22 6.93 -33.89
C ARG D 212 3.09 6.09 -34.48
N ASP D 213 3.21 5.76 -35.76
CA ASP D 213 2.18 4.95 -36.41
C ASP D 213 2.07 3.61 -35.69
N GLN D 214 3.22 3.04 -35.35
CA GLN D 214 3.27 1.78 -34.64
C GLN D 214 2.49 1.87 -33.33
N ALA D 215 2.79 2.90 -32.55
CA ALA D 215 2.13 3.13 -31.27
C ALA D 215 0.62 3.24 -31.48
N LYS D 216 0.21 4.03 -32.46
CA LYS D 216 -1.20 4.21 -32.76
C LYS D 216 -1.84 2.86 -33.09
N LYS D 217 -1.08 2.00 -33.76
CA LYS D 217 -1.56 0.68 -34.14
C LYS D 217 -1.62 -0.24 -32.93
N LEU D 218 -0.68 -0.06 -32.00
CA LEU D 218 -0.62 -0.89 -30.81
C LEU D 218 -1.65 -0.49 -29.75
N GLY D 219 -2.53 0.45 -30.10
CA GLY D 219 -3.56 0.85 -29.16
C GLY D 219 -3.36 2.19 -28.46
N ALA D 220 -2.26 2.87 -28.74
CA ALA D 220 -2.00 4.17 -28.11
C ALA D 220 -3.23 5.06 -28.30
N ASP D 221 -3.61 5.76 -27.23
CA ASP D 221 -4.78 6.64 -27.27
C ASP D 221 -4.45 8.00 -27.86
N ALA D 222 -3.17 8.37 -27.81
CA ALA D 222 -2.72 9.64 -28.35
C ALA D 222 -1.22 9.59 -28.62
N VAL D 223 -0.83 9.97 -29.83
CA VAL D 223 0.57 9.97 -30.23
C VAL D 223 0.98 11.37 -30.67
N TYR D 224 2.16 11.80 -30.23
CA TYR D 224 2.65 13.14 -30.57
C TYR D 224 4.16 13.19 -30.74
N GLU D 225 4.62 14.17 -31.52
CA GLU D 225 6.05 14.37 -31.73
C GLU D 225 6.39 15.48 -30.73
N THR D 226 5.36 16.25 -30.39
CA THR D 226 5.48 17.35 -29.45
C THR D 226 4.14 17.46 -28.73
N LEU D 227 4.17 17.48 -27.40
CA LEU D 227 2.94 17.61 -26.64
C LEU D 227 2.31 18.95 -26.99
N PRO D 228 1.09 18.92 -27.54
CA PRO D 228 0.40 20.16 -27.91
C PRO D 228 -0.18 20.86 -26.69
N GLU D 229 -0.62 22.10 -26.89
CA GLU D 229 -1.22 22.84 -25.79
C GLU D 229 -2.46 22.04 -25.44
N SER D 230 -3.05 22.31 -24.28
CA SER D 230 -4.23 21.60 -23.81
C SER D 230 -3.74 20.48 -22.90
N ILE D 231 -2.55 19.96 -23.20
CA ILE D 231 -1.95 18.93 -22.37
C ILE D 231 -1.08 19.70 -21.38
N SER D 232 -1.75 20.34 -20.43
CA SER D 232 -1.09 21.15 -19.41
C SER D 232 0.01 20.41 -18.65
N PRO D 233 0.99 21.15 -18.11
CA PRO D 233 2.08 20.54 -17.35
C PRO D 233 1.52 19.94 -16.07
N GLY D 234 2.22 18.95 -15.52
CA GLY D 234 1.75 18.32 -14.30
C GLY D 234 0.34 17.78 -14.45
N SER D 235 0.10 17.00 -15.50
CA SER D 235 -1.23 16.44 -15.75
C SER D 235 -1.23 14.91 -15.87
N PHE D 236 -0.05 14.31 -15.92
CA PHE D 236 0.08 12.85 -16.04
C PHE D 236 0.35 12.21 -14.70
N SER D 237 -0.35 11.11 -14.40
CA SER D 237 -0.17 10.41 -13.14
C SER D 237 1.13 9.63 -13.13
N ALA D 238 1.62 9.26 -14.31
CA ALA D 238 2.86 8.50 -14.42
C ALA D 238 3.54 8.75 -15.76
N CYS D 239 4.86 8.83 -15.74
CA CYS D 239 5.64 9.06 -16.95
C CYS D 239 6.75 8.03 -17.08
N PHE D 240 6.73 7.27 -18.16
CA PHE D 240 7.74 6.26 -18.41
C PHE D 240 8.67 6.71 -19.53
N ASP D 241 9.94 6.90 -19.20
CA ASP D 241 10.93 7.34 -20.17
C ASP D 241 11.74 6.17 -20.70
N PHE D 242 11.54 5.82 -21.96
CA PHE D 242 12.26 4.69 -22.57
C PHE D 242 13.55 5.07 -23.28
N VAL D 243 13.90 6.35 -23.24
CA VAL D 243 15.13 6.83 -23.86
C VAL D 243 16.06 7.29 -22.75
N SER D 244 15.46 7.83 -21.69
CA SER D 244 16.19 8.31 -20.52
C SER D 244 17.37 9.23 -20.78
N VAL D 245 17.10 10.39 -21.36
CA VAL D 245 18.12 11.38 -21.63
C VAL D 245 17.68 12.61 -20.84
N GLN D 246 18.64 13.43 -20.41
CA GLN D 246 18.30 14.61 -19.63
C GLN D 246 17.14 15.38 -20.24
N ALA D 247 17.15 15.54 -21.56
CA ALA D 247 16.11 16.27 -22.26
C ALA D 247 14.74 15.62 -22.09
N THR D 248 14.69 14.30 -22.20
CA THR D 248 13.44 13.56 -22.05
C THR D 248 13.00 13.48 -20.59
N PHE D 249 13.96 13.39 -19.68
CA PHE D 249 13.63 13.30 -18.27
C PHE D 249 12.99 14.61 -17.80
N ASP D 250 13.47 15.73 -18.33
CA ASP D 250 12.92 17.03 -17.95
C ASP D 250 11.49 17.13 -18.41
N VAL D 251 11.17 16.43 -19.50
CA VAL D 251 9.82 16.41 -20.03
C VAL D 251 8.90 15.70 -19.03
N CYS D 252 9.39 14.59 -18.49
CA CYS D 252 8.62 13.81 -17.51
C CYS D 252 8.33 14.64 -16.25
N GLN D 253 9.37 15.22 -15.67
CA GLN D 253 9.21 16.03 -14.46
C GLN D 253 8.33 17.23 -14.72
N LYS D 254 8.33 17.70 -15.97
CA LYS D 254 7.53 18.85 -16.36
C LYS D 254 6.05 18.48 -16.47
N TYR D 255 5.77 17.31 -17.06
CA TYR D 255 4.40 16.87 -17.26
C TYR D 255 3.80 15.93 -16.24
N VAL D 256 4.61 15.46 -15.28
CA VAL D 256 4.09 14.57 -14.25
C VAL D 256 3.31 15.40 -13.24
N GLU D 257 2.12 14.92 -12.87
CA GLU D 257 1.28 15.63 -11.91
C GLU D 257 1.85 15.49 -10.50
N PRO D 258 1.36 16.31 -9.54
CA PRO D 258 1.84 16.25 -8.16
C PRO D 258 1.69 14.84 -7.59
N LYS D 259 2.72 14.38 -6.89
CA LYS D 259 2.72 13.05 -6.29
C LYS D 259 2.73 11.97 -7.38
N GLY D 260 3.03 12.38 -8.60
CA GLY D 260 3.09 11.44 -9.71
C GLY D 260 4.42 10.70 -9.71
N VAL D 261 4.57 9.73 -10.60
CA VAL D 261 5.80 8.96 -10.66
C VAL D 261 6.53 9.05 -12.00
N ILE D 262 7.85 9.06 -11.92
CA ILE D 262 8.70 9.12 -13.11
C ILE D 262 9.50 7.83 -13.14
N MET D 263 9.39 7.10 -14.23
CA MET D 263 10.10 5.83 -14.37
C MET D 263 11.14 5.91 -15.48
N PRO D 264 12.42 6.11 -15.10
CA PRO D 264 13.51 6.21 -16.09
C PRO D 264 13.92 4.79 -16.47
N VAL D 265 13.20 4.23 -17.44
CA VAL D 265 13.44 2.87 -17.88
C VAL D 265 14.22 2.75 -19.18
N GLY D 266 15.14 3.68 -19.41
CA GLY D 266 15.92 3.65 -20.63
C GLY D 266 17.40 3.45 -20.37
N LEU D 267 18.15 3.13 -21.42
CA LEU D 267 19.60 2.93 -21.30
C LEU D 267 20.33 4.14 -21.88
N GLY D 268 19.87 5.33 -21.50
CA GLY D 268 20.48 6.55 -22.00
C GLY D 268 21.69 6.99 -21.20
N ALA D 269 21.65 8.22 -20.70
CA ALA D 269 22.74 8.79 -19.93
C ALA D 269 23.04 8.02 -18.65
N PRO D 270 24.33 7.95 -18.26
CA PRO D 270 24.75 7.23 -17.05
C PRO D 270 24.26 7.95 -15.80
N ASN D 271 23.96 9.24 -15.95
CA ASN D 271 23.48 10.07 -14.86
C ASN D 271 22.37 11.00 -15.32
N LEU D 272 21.45 11.31 -14.42
CA LEU D 272 20.33 12.19 -14.71
C LEU D 272 20.12 13.12 -13.53
N SER D 273 19.77 14.37 -13.82
CA SER D 273 19.53 15.34 -12.77
C SER D 273 18.05 15.70 -12.72
N PHE D 274 17.57 16.07 -11.53
CA PHE D 274 16.18 16.45 -11.35
C PHE D 274 16.12 17.72 -10.53
N ASN D 275 15.13 18.57 -10.80
CA ASN D 275 14.99 19.81 -10.05
C ASN D 275 14.52 19.44 -8.64
N LEU D 276 15.37 19.73 -7.66
CA LEU D 276 15.07 19.43 -6.26
C LEU D 276 13.84 20.19 -5.74
N GLY D 277 13.79 21.48 -6.02
CA GLY D 277 12.67 22.28 -5.56
C GLY D 277 11.33 21.77 -6.05
N ASP D 278 11.26 21.42 -7.33
CA ASP D 278 10.02 20.93 -7.92
C ASP D 278 9.64 19.55 -7.39
N LEU D 279 10.61 18.64 -7.37
CA LEU D 279 10.37 17.29 -6.90
C LEU D 279 9.88 17.26 -5.46
N ALA D 280 10.42 18.16 -4.64
CA ALA D 280 10.03 18.23 -3.23
C ALA D 280 8.67 18.90 -3.05
N LEU D 281 8.47 20.02 -3.72
CA LEU D 281 7.22 20.78 -3.63
C LEU D 281 6.00 20.01 -4.11
N ARG D 282 6.14 19.31 -5.23
CA ARG D 282 5.03 18.56 -5.80
C ARG D 282 5.13 17.07 -5.49
N GLU D 283 5.98 16.74 -4.53
CA GLU D 283 6.19 15.36 -4.08
C GLU D 283 6.28 14.35 -5.22
N ILE D 284 7.03 14.69 -6.25
CA ILE D 284 7.21 13.79 -7.38
C ILE D 284 8.11 12.65 -6.92
N ARG D 285 7.89 11.47 -7.45
CA ARG D 285 8.70 10.33 -7.07
C ARG D 285 9.31 9.62 -8.27
N ILE D 286 10.60 9.34 -8.17
CA ILE D 286 11.34 8.66 -9.22
C ILE D 286 11.56 7.24 -8.72
N LEU D 287 11.04 6.27 -9.47
CA LEU D 287 11.18 4.87 -9.07
C LEU D 287 11.98 4.06 -10.08
N GLY D 288 13.04 3.43 -9.60
CA GLY D 288 13.86 2.60 -10.46
C GLY D 288 13.17 1.27 -10.67
N SER D 289 13.26 0.72 -11.87
CA SER D 289 12.63 -0.56 -12.18
C SER D 289 13.61 -1.45 -12.94
N PHE D 290 13.79 -2.68 -12.47
CA PHE D 290 14.73 -3.60 -13.11
C PHE D 290 14.14 -4.95 -13.49
N TRP D 291 14.16 -5.24 -14.79
CA TRP D 291 13.66 -6.50 -15.32
C TRP D 291 12.32 -6.90 -14.72
N GLY D 292 12.28 -8.08 -14.12
CA GLY D 292 11.06 -8.56 -13.50
C GLY D 292 11.32 -9.73 -12.56
N THR D 293 10.34 -10.02 -11.71
CA THR D 293 10.47 -11.11 -10.76
C THR D 293 9.97 -12.41 -11.38
N THR D 294 10.15 -13.51 -10.66
CA THR D 294 9.70 -14.81 -11.16
C THR D 294 8.18 -14.79 -11.27
N ASN D 295 7.51 -14.24 -10.27
CA ASN D 295 6.05 -14.17 -10.31
C ASN D 295 5.59 -13.30 -11.48
N ASP D 296 6.34 -12.25 -11.78
CA ASP D 296 5.99 -11.39 -12.90
C ASP D 296 6.04 -12.15 -14.21
N LEU D 297 7.03 -13.02 -14.36
CA LEU D 297 7.17 -13.79 -15.58
C LEU D 297 5.98 -14.74 -15.77
N ASP D 298 5.43 -15.24 -14.68
CA ASP D 298 4.28 -16.12 -14.76
C ASP D 298 3.08 -15.30 -15.24
N ASP D 299 2.94 -14.10 -14.68
CA ASP D 299 1.85 -13.20 -15.06
C ASP D 299 1.97 -12.85 -16.55
N VAL D 300 3.16 -12.42 -16.94
CA VAL D 300 3.44 -12.04 -18.32
C VAL D 300 3.09 -13.13 -19.34
N LEU D 301 3.51 -14.36 -19.08
CA LEU D 301 3.22 -15.45 -20.00
C LEU D 301 1.72 -15.71 -20.06
N LYS D 302 1.04 -15.53 -18.92
CA LYS D 302 -0.40 -15.71 -18.86
C LYS D 302 -1.07 -14.65 -19.72
N LEU D 303 -0.56 -13.42 -19.64
CA LEU D 303 -1.10 -12.32 -20.43
C LEU D 303 -0.88 -12.54 -21.91
N VAL D 304 0.29 -13.08 -22.27
CA VAL D 304 0.60 -13.35 -23.66
C VAL D 304 -0.29 -14.47 -24.17
N SER D 305 -0.42 -15.52 -23.36
CA SER D 305 -1.25 -16.66 -23.71
C SER D 305 -2.69 -16.23 -24.00
N GLU D 306 -3.20 -15.31 -23.19
CA GLU D 306 -4.56 -14.82 -23.35
C GLU D 306 -4.70 -13.75 -24.44
N GLY D 307 -3.60 -13.47 -25.13
CA GLY D 307 -3.62 -12.48 -26.19
C GLY D 307 -3.73 -11.03 -25.75
N LYS D 308 -3.59 -10.78 -24.45
CA LYS D 308 -3.67 -9.42 -23.95
C LYS D 308 -2.47 -8.62 -24.45
N VAL D 309 -1.39 -9.33 -24.77
CA VAL D 309 -0.18 -8.71 -25.29
C VAL D 309 0.34 -9.60 -26.42
N LYS D 310 0.54 -9.02 -27.60
CA LYS D 310 1.01 -9.78 -28.75
C LYS D 310 2.35 -9.30 -29.29
N PRO D 311 3.45 -9.89 -28.79
CA PRO D 311 4.80 -9.52 -29.22
C PRO D 311 5.07 -9.85 -30.70
N VAL D 312 5.70 -8.91 -31.40
CA VAL D 312 6.04 -9.12 -32.80
C VAL D 312 7.48 -9.63 -32.84
N VAL D 313 7.64 -10.89 -33.25
CA VAL D 313 8.96 -11.50 -33.30
C VAL D 313 9.39 -12.03 -34.67
N ARG D 314 10.68 -11.91 -34.92
CA ARG D 314 11.31 -12.38 -36.16
C ARG D 314 12.33 -13.43 -35.71
N SER D 315 12.52 -14.48 -36.50
CA SER D 315 13.47 -15.53 -36.12
C SER D 315 14.59 -15.75 -37.13
N ALA D 316 15.61 -16.49 -36.70
CA ALA D 316 16.76 -16.82 -37.54
C ALA D 316 17.65 -17.82 -36.80
N LYS D 317 18.67 -18.33 -37.48
CA LYS D 317 19.59 -19.29 -36.86
C LYS D 317 20.55 -18.58 -35.91
N LEU D 318 20.92 -19.26 -34.85
CA LEU D 318 21.83 -18.71 -33.85
C LEU D 318 23.18 -18.31 -34.44
N LYS D 319 23.63 -19.04 -35.45
CA LYS D 319 24.92 -18.74 -36.07
C LYS D 319 24.91 -17.49 -36.95
N GLU D 320 23.74 -16.85 -37.05
CA GLU D 320 23.61 -15.63 -37.82
C GLU D 320 23.72 -14.45 -36.87
N LEU D 321 23.70 -14.75 -35.57
CA LEU D 321 23.78 -13.74 -34.52
C LEU D 321 24.79 -12.63 -34.82
N PRO D 322 26.06 -12.99 -35.12
CA PRO D 322 27.08 -11.98 -35.42
C PRO D 322 26.60 -10.95 -36.43
N GLU D 323 25.83 -11.40 -37.42
CA GLU D 323 25.31 -10.51 -38.45
C GLU D 323 24.26 -9.55 -37.91
N TYR D 324 23.28 -10.07 -37.18
CA TYR D 324 22.25 -9.21 -36.62
C TYR D 324 22.81 -8.25 -35.57
N ILE D 325 23.89 -8.65 -34.91
CA ILE D 325 24.51 -7.79 -33.92
C ILE D 325 24.94 -6.50 -34.60
N GLU D 326 25.66 -6.65 -35.71
CA GLU D 326 26.15 -5.51 -36.47
C GLU D 326 24.99 -4.68 -37.03
N LYS D 327 24.00 -5.35 -37.60
CA LYS D 327 22.84 -4.67 -38.16
C LYS D 327 22.10 -3.88 -37.07
N LEU D 328 22.00 -4.48 -35.89
CA LEU D 328 21.30 -3.83 -34.78
C LEU D 328 22.03 -2.58 -34.28
N ARG D 329 23.35 -2.68 -34.12
CA ARG D 329 24.12 -1.55 -33.64
C ARG D 329 24.13 -0.40 -34.65
N ASN D 330 23.77 -0.72 -35.89
CA ASN D 330 23.71 0.29 -36.95
C ASN D 330 22.26 0.72 -37.14
N ASN D 331 21.37 0.16 -36.32
CA ASN D 331 19.95 0.46 -36.40
C ASN D 331 19.42 0.09 -37.77
N ALA D 332 19.85 -1.06 -38.27
CA ALA D 332 19.44 -1.55 -39.58
C ALA D 332 18.06 -2.20 -39.59
N TYR D 333 17.62 -2.69 -38.44
CA TYR D 333 16.32 -3.33 -38.37
C TYR D 333 15.54 -2.94 -37.11
N GLU D 334 14.22 -3.09 -37.19
CA GLU D 334 13.35 -2.75 -36.06
C GLU D 334 12.73 -4.04 -35.52
N GLY D 335 11.93 -3.92 -34.46
CA GLY D 335 11.30 -5.08 -33.89
C GLY D 335 12.33 -6.03 -33.29
N ARG D 336 11.85 -7.03 -32.55
CA ARG D 336 12.74 -7.99 -31.93
C ARG D 336 13.00 -9.20 -32.82
N VAL D 337 14.20 -9.77 -32.70
CA VAL D 337 14.59 -10.93 -33.46
C VAL D 337 15.18 -11.98 -32.52
N VAL D 338 14.64 -13.19 -32.59
CA VAL D 338 15.11 -14.28 -31.75
C VAL D 338 15.91 -15.28 -32.59
N PHE D 339 16.74 -16.07 -31.93
CA PHE D 339 17.56 -17.06 -32.62
C PHE D 339 17.35 -18.47 -32.13
N ASN D 340 17.44 -19.42 -33.05
CA ASN D 340 17.26 -20.83 -32.75
C ASN D 340 18.58 -21.57 -32.95
N PRO D 341 19.12 -22.18 -31.87
CA PRO D 341 20.38 -22.91 -31.96
C PRO D 341 20.25 -24.23 -32.70
#